data_8UQH
#
_entry.id   8UQH
#
_cell.length_a   74.726
_cell.length_b   98.728
_cell.length_c   206.118
_cell.angle_alpha   90.00
_cell.angle_beta   90.00
_cell.angle_gamma   90.00
#
_symmetry.space_group_name_H-M   'P 21 21 2'
#
loop_
_entity.id
_entity.type
_entity.pdbx_description
1 polymer 'Histone-arginine methyltransferase CARM1'
2 non-polymer "5'-S-(2-{[(3-bromophenyl)methyl]amino}ethyl)-5'-thioadenosine"
3 water water
#
_entity_poly.entity_id   1
_entity_poly.type   'polypeptide(L)'
_entity_poly.pdbx_seq_one_letter_code
;ERTEESSAVQYFQFYGYLSQQQNMMQDYVRTGTYQRAILQNHTDFKDKIVLDVGCGSGILSFFAAQAGARKIYAVEASTM
AQHAEVLVKSNNLTDRIVVIPGKVEEVSLPEQVDIIISEPMGYMLFNERMLESYLHAKKYLKPSGNMFPTIGDVHLAPFT
DEQLYMEQFTKANFWYQPSFHGVDLSALRGAAVDEYFRQPVVDTFDIRILMAKSVKYTVNFLEAKEGDLHRIEIPFKFHM
LHSGLVHGLAFWFDVAFIGSIMTVWLSTAPTEPLTHWYQVRCLFQSPLFAKAGDTLSGTCLLIANKRQSYDISIVAQVDQ
TGSKSSNLLDLKNPFFRYTGT
;
_entity_poly.pdbx_strand_id   A,B,C,D
#
# COMPACT_ATOMS: atom_id res chain seq x y z
N THR A 3 -30.11 32.81 0.08
CA THR A 3 -28.98 32.01 0.54
C THR A 3 -28.46 31.10 -0.56
N GLU A 4 -28.94 31.32 -1.80
CA GLU A 4 -28.50 30.49 -2.92
C GLU A 4 -27.01 30.61 -3.17
N GLU A 5 -26.41 31.76 -2.88
CA GLU A 5 -25.02 31.99 -3.23
C GLU A 5 -24.08 31.12 -2.38
N SER A 6 -24.12 31.30 -1.06
CA SER A 6 -23.29 30.48 -0.17
C SER A 6 -23.60 29.01 -0.33
N SER A 7 -24.88 28.67 -0.43
CA SER A 7 -25.28 27.27 -0.54
C SER A 7 -24.70 26.62 -1.79
N ALA A 8 -24.83 27.27 -2.94
CA ALA A 8 -24.37 26.68 -4.18
C ALA A 8 -22.85 26.68 -4.30
N VAL A 9 -22.17 27.70 -3.76
CA VAL A 9 -20.70 27.64 -3.80
C VAL A 9 -20.20 26.50 -2.93
N GLN A 10 -20.81 26.30 -1.75
CA GLN A 10 -20.43 25.17 -0.91
C GLN A 10 -20.72 23.85 -1.61
N TYR A 11 -21.86 23.78 -2.30
CA TYR A 11 -22.26 22.55 -3.01
C TYR A 11 -21.24 22.18 -4.08
N PHE A 12 -20.90 23.15 -4.94
CA PHE A 12 -19.98 22.84 -6.03
C PHE A 12 -18.55 22.62 -5.53
N GLN A 13 -18.14 23.32 -4.47
CA GLN A 13 -16.84 23.03 -3.87
C GLN A 13 -16.82 21.62 -3.30
N PHE A 14 -17.92 21.18 -2.70
CA PHE A 14 -18.03 19.80 -2.21
C PHE A 14 -17.87 18.80 -3.35
N TYR A 15 -18.50 19.08 -4.49
CA TYR A 15 -18.38 18.14 -5.60
C TYR A 15 -17.12 18.33 -6.43
N GLY A 16 -16.25 19.27 -6.08
CA GLY A 16 -14.98 19.36 -6.75
C GLY A 16 -13.93 18.34 -6.35
N TYR A 17 -14.20 17.48 -5.37
CA TYR A 17 -13.21 16.57 -4.82
C TYR A 17 -13.28 15.19 -5.48
N LEU A 18 -12.11 14.65 -5.82
CA LEU A 18 -12.05 13.30 -6.38
C LEU A 18 -12.49 12.26 -5.36
N SER A 19 -12.33 12.53 -4.07
CA SER A 19 -12.75 11.57 -3.05
C SER A 19 -14.25 11.34 -3.09
N GLN A 20 -15.04 12.41 -3.26
CA GLN A 20 -16.48 12.25 -3.39
C GLN A 20 -16.85 11.50 -4.66
N GLN A 21 -16.17 11.81 -5.78
CA GLN A 21 -16.40 11.08 -7.02
C GLN A 21 -16.12 9.59 -6.84
N GLN A 22 -15.01 9.27 -6.18
CA GLN A 22 -14.67 7.87 -5.94
C GLN A 22 -15.68 7.20 -5.04
N ASN A 23 -16.14 7.91 -4.00
CA ASN A 23 -17.14 7.35 -3.09
C ASN A 23 -18.43 7.03 -3.83
N MET A 24 -18.81 7.88 -4.78
CA MET A 24 -20.01 7.58 -5.56
C MET A 24 -19.75 6.46 -6.57
N MET A 25 -18.55 6.42 -7.16
CA MET A 25 -18.24 5.40 -8.15
C MET A 25 -18.13 4.01 -7.52
N GLN A 26 -17.58 3.94 -6.30
N GLN A 26 -17.58 3.93 -6.30
CA GLN A 26 -17.43 2.66 -5.63
CA GLN A 26 -17.42 2.64 -5.65
C GLN A 26 -18.74 2.07 -5.13
C GLN A 26 -18.73 2.07 -5.15
N ASP A 27 -19.82 2.84 -5.17
CA ASP A 27 -21.14 2.31 -4.85
C ASP A 27 -21.56 1.42 -6.01
N TYR A 28 -21.46 0.11 -5.83
CA TYR A 28 -21.66 -0.80 -6.96
C TYR A 28 -23.08 -0.75 -7.48
N VAL A 29 -24.07 -0.50 -6.62
CA VAL A 29 -25.44 -0.39 -7.10
C VAL A 29 -25.56 0.72 -8.12
N ARG A 30 -25.09 1.91 -7.76
CA ARG A 30 -25.16 3.08 -8.64
C ARG A 30 -24.43 2.83 -9.96
N THR A 31 -23.12 2.63 -9.88
CA THR A 31 -22.29 2.52 -11.08
C THR A 31 -22.68 1.31 -11.92
N GLY A 32 -22.87 0.15 -11.26
CA GLY A 32 -23.20 -1.06 -11.98
C GLY A 32 -24.55 -0.97 -12.68
N THR A 33 -25.56 -0.44 -11.98
CA THR A 33 -26.87 -0.32 -12.59
C THR A 33 -26.86 0.65 -13.75
N TYR A 34 -26.13 1.78 -13.63
CA TYR A 34 -26.07 2.71 -14.75
C TYR A 34 -25.37 2.06 -15.96
N GLN A 35 -24.27 1.35 -15.72
CA GLN A 35 -23.60 0.68 -16.83
C GLN A 35 -24.49 -0.37 -17.46
N ARG A 36 -25.22 -1.12 -16.64
N ARG A 36 -25.22 -1.13 -16.65
CA ARG A 36 -26.13 -2.14 -17.15
CA ARG A 36 -26.13 -2.14 -17.17
C ARG A 36 -27.25 -1.53 -17.98
C ARG A 36 -27.23 -1.50 -18.00
N ALA A 37 -27.82 -0.41 -17.51
CA ALA A 37 -28.91 0.24 -18.22
C ALA A 37 -28.44 0.83 -19.55
N ILE A 38 -27.21 1.32 -19.60
CA ILE A 38 -26.71 1.90 -20.85
C ILE A 38 -26.29 0.81 -21.83
N LEU A 39 -25.51 -0.17 -21.36
CA LEU A 39 -24.98 -1.20 -22.26
C LEU A 39 -26.09 -2.12 -22.78
N GLN A 40 -27.01 -2.55 -21.91
CA GLN A 40 -28.08 -3.42 -22.34
C GLN A 40 -29.12 -2.72 -23.20
N ASN A 41 -29.05 -1.39 -23.30
CA ASN A 41 -29.91 -0.62 -24.19
C ASN A 41 -29.05 0.07 -25.25
N HIS A 42 -28.10 -0.67 -25.83
CA HIS A 42 -27.16 -0.11 -26.79
C HIS A 42 -27.86 0.55 -27.97
N THR A 43 -29.02 0.01 -28.39
CA THR A 43 -29.74 0.60 -29.50
C THR A 43 -30.18 2.04 -29.22
N ASP A 44 -30.23 2.43 -27.95
CA ASP A 44 -30.58 3.79 -27.58
C ASP A 44 -29.38 4.73 -27.61
N PHE A 45 -28.17 4.22 -27.83
CA PHE A 45 -26.98 5.06 -27.79
C PHE A 45 -26.15 4.96 -29.06
N LYS A 46 -26.20 3.81 -29.74
CA LYS A 46 -25.37 3.59 -30.93
C LYS A 46 -25.64 4.67 -31.97
N ASP A 47 -24.58 5.41 -32.33
CA ASP A 47 -24.65 6.50 -33.30
C ASP A 47 -25.64 7.58 -32.88
N LYS A 48 -25.81 7.78 -31.57
CA LYS A 48 -26.76 8.74 -31.03
C LYS A 48 -26.04 9.93 -30.42
N ILE A 49 -26.78 11.02 -30.26
CA ILE A 49 -26.30 12.23 -29.57
C ILE A 49 -26.76 12.17 -28.13
N VAL A 50 -25.81 12.30 -27.20
CA VAL A 50 -26.05 12.13 -25.78
C VAL A 50 -25.63 13.40 -25.05
N LEU A 51 -26.46 13.81 -24.10
CA LEU A 51 -26.12 14.89 -23.17
C LEU A 51 -26.00 14.30 -21.77
N ASP A 52 -24.85 14.51 -21.13
CA ASP A 52 -24.59 14.02 -19.79
C ASP A 52 -24.65 15.19 -18.83
N VAL A 53 -25.62 15.18 -17.93
CA VAL A 53 -25.87 16.31 -17.04
C VAL A 53 -25.18 16.07 -15.72
N GLY A 54 -24.25 16.97 -15.36
CA GLY A 54 -23.48 16.81 -14.15
C GLY A 54 -22.61 15.58 -14.19
N CYS A 55 -21.77 15.47 -15.22
CA CYS A 55 -21.05 14.24 -15.51
C CYS A 55 -20.02 13.87 -14.45
N GLY A 56 -19.68 14.78 -13.55
CA GLY A 56 -18.65 14.46 -12.56
C GLY A 56 -17.34 14.18 -13.26
N SER A 57 -16.74 13.04 -12.94
CA SER A 57 -15.54 12.61 -13.65
C SER A 57 -15.86 12.08 -15.05
N GLY A 58 -17.13 11.88 -15.38
CA GLY A 58 -17.53 11.49 -16.71
C GLY A 58 -17.82 10.01 -16.90
N ILE A 59 -18.03 9.25 -15.83
CA ILE A 59 -18.17 7.80 -15.95
C ILE A 59 -19.35 7.43 -16.84
N LEU A 60 -20.47 8.15 -16.71
CA LEU A 60 -21.63 7.85 -17.54
C LEU A 60 -21.37 8.18 -19.01
N SER A 61 -20.58 9.22 -19.28
CA SER A 61 -20.20 9.51 -20.66
C SER A 61 -19.34 8.38 -21.24
N PHE A 62 -18.46 7.80 -20.42
CA PHE A 62 -17.67 6.65 -20.88
C PHE A 62 -18.56 5.45 -21.13
N PHE A 63 -19.57 5.23 -20.28
CA PHE A 63 -20.52 4.15 -20.54
C PHE A 63 -21.27 4.37 -21.85
N ALA A 64 -21.69 5.61 -22.11
CA ALA A 64 -22.38 5.92 -23.35
C ALA A 64 -21.46 5.69 -24.55
N ALA A 65 -20.17 6.03 -24.40
CA ALA A 65 -19.21 5.73 -25.45
C ALA A 65 -19.06 4.23 -25.66
N GLN A 66 -19.07 3.45 -24.58
CA GLN A 66 -19.02 1.99 -24.70
C GLN A 66 -20.20 1.46 -25.51
N ALA A 67 -21.35 2.12 -25.42
CA ALA A 67 -22.53 1.71 -26.17
C ALA A 67 -22.55 2.23 -27.60
N GLY A 68 -21.51 2.97 -28.02
CA GLY A 68 -21.39 3.38 -29.40
C GLY A 68 -21.96 4.73 -29.74
N ALA A 69 -22.08 5.63 -28.78
CA ALA A 69 -22.66 6.94 -29.05
C ALA A 69 -21.80 7.74 -30.03
N ARG A 70 -22.46 8.38 -30.99
CA ARG A 70 -21.74 9.18 -31.98
C ARG A 70 -21.04 10.35 -31.33
N LYS A 71 -21.77 11.13 -30.51
CA LYS A 71 -21.18 12.27 -29.83
C LYS A 71 -21.87 12.46 -28.49
N ILE A 72 -21.08 12.74 -27.46
CA ILE A 72 -21.57 12.90 -26.09
C ILE A 72 -21.08 14.23 -25.55
N TYR A 73 -22.01 15.11 -25.20
CA TYR A 73 -21.68 16.34 -24.49
C TYR A 73 -21.82 16.08 -23.00
N ALA A 74 -20.72 16.22 -22.26
CA ALA A 74 -20.70 15.99 -20.81
C ALA A 74 -20.55 17.35 -20.14
N VAL A 75 -21.61 17.78 -19.44
CA VAL A 75 -21.66 19.10 -18.84
C VAL A 75 -21.40 18.95 -17.35
N GLU A 76 -20.39 19.67 -16.84
CA GLU A 76 -20.09 19.62 -15.41
C GLU A 76 -19.77 21.03 -14.92
N ALA A 77 -20.43 21.42 -13.82
CA ALA A 77 -20.31 22.78 -13.31
C ALA A 77 -19.19 22.97 -12.29
N SER A 78 -18.75 21.90 -11.64
CA SER A 78 -17.70 21.98 -10.64
C SER A 78 -16.32 21.93 -11.30
N THR A 79 -15.27 22.01 -10.49
CA THR A 79 -13.91 21.89 -11.00
C THR A 79 -13.63 20.50 -11.54
N MET A 80 -14.46 19.51 -11.19
CA MET A 80 -14.28 18.14 -11.66
C MET A 80 -14.28 18.06 -13.18
N ALA A 81 -14.89 19.03 -13.86
CA ALA A 81 -14.86 19.07 -15.32
C ALA A 81 -13.43 18.94 -15.83
N GLN A 82 -12.48 19.66 -15.20
CA GLN A 82 -11.09 19.55 -15.61
C GLN A 82 -10.64 18.09 -15.60
N HIS A 83 -10.87 17.42 -14.47
CA HIS A 83 -10.49 16.00 -14.37
C HIS A 83 -11.22 15.18 -15.43
N ALA A 84 -12.50 15.47 -15.66
CA ALA A 84 -13.23 14.79 -16.71
C ALA A 84 -12.49 14.92 -18.03
N GLU A 85 -12.09 16.15 -18.37
CA GLU A 85 -11.36 16.37 -19.62
C GLU A 85 -10.13 15.47 -19.67
N VAL A 86 -9.39 15.38 -18.57
CA VAL A 86 -8.17 14.57 -18.54
C VAL A 86 -8.50 13.15 -18.96
N LEU A 87 -9.54 12.57 -18.35
CA LEU A 87 -9.88 11.18 -18.67
C LEU A 87 -10.26 11.05 -20.15
N VAL A 88 -10.99 12.02 -20.67
CA VAL A 88 -11.39 11.98 -22.07
C VAL A 88 -10.16 11.95 -22.96
N LYS A 89 -9.12 12.68 -22.57
CA LYS A 89 -7.88 12.65 -23.35
C LYS A 89 -7.13 11.34 -23.13
N SER A 90 -7.17 10.81 -21.91
CA SER A 90 -6.36 9.63 -21.61
C SER A 90 -7.02 8.34 -22.09
N ASN A 91 -8.31 8.37 -22.39
CA ASN A 91 -9.01 7.23 -22.97
C ASN A 91 -9.20 7.37 -24.47
N ASN A 92 -8.59 8.40 -25.08
CA ASN A 92 -8.60 8.59 -26.53
C ASN A 92 -10.01 8.71 -27.07
N LEU A 93 -10.80 9.60 -26.45
CA LEU A 93 -12.20 9.79 -26.83
C LEU A 93 -12.54 11.26 -27.05
N THR A 94 -11.54 12.12 -27.30
CA THR A 94 -11.82 13.53 -27.52
C THR A 94 -12.63 13.76 -28.79
N ASP A 95 -12.61 12.82 -29.73
CA ASP A 95 -13.44 12.94 -30.93
C ASP A 95 -14.91 12.70 -30.61
N ARG A 96 -15.20 11.95 -29.55
CA ARG A 96 -16.57 11.55 -29.26
C ARG A 96 -17.16 12.19 -28.01
N ILE A 97 -16.35 12.57 -27.02
CA ILE A 97 -16.83 13.19 -25.80
C ILE A 97 -16.31 14.61 -25.73
N VAL A 98 -17.22 15.57 -25.59
CA VAL A 98 -16.87 16.98 -25.42
C VAL A 98 -17.29 17.38 -24.01
N VAL A 99 -16.31 17.74 -23.18
CA VAL A 99 -16.58 18.17 -21.81
C VAL A 99 -16.79 19.69 -21.82
N ILE A 100 -17.96 20.11 -21.37
CA ILE A 100 -18.31 21.52 -21.25
C ILE A 100 -18.32 21.88 -19.76
N PRO A 101 -17.40 22.73 -19.31
CA PRO A 101 -17.43 23.20 -17.92
C PRO A 101 -18.45 24.32 -17.76
N GLY A 102 -19.34 24.16 -16.78
CA GLY A 102 -20.36 25.14 -16.51
C GLY A 102 -21.72 24.52 -16.22
N LYS A 103 -22.65 25.34 -15.74
CA LYS A 103 -23.97 24.84 -15.41
C LYS A 103 -24.78 24.59 -16.68
N VAL A 104 -25.56 23.51 -16.67
CA VAL A 104 -26.36 23.14 -17.84
C VAL A 104 -27.38 24.20 -18.18
N GLU A 105 -27.75 25.04 -17.20
CA GLU A 105 -28.64 26.16 -17.47
C GLU A 105 -27.94 27.32 -18.15
N GLU A 106 -26.62 27.38 -18.13
CA GLU A 106 -25.89 28.55 -18.62
C GLU A 106 -25.01 28.27 -19.82
N VAL A 107 -24.64 27.02 -20.05
CA VAL A 107 -23.72 26.68 -21.12
C VAL A 107 -24.51 26.55 -22.41
N SER A 108 -23.81 26.48 -23.54
CA SER A 108 -24.44 26.45 -24.85
C SER A 108 -24.08 25.15 -25.56
N LEU A 109 -25.04 24.23 -25.67
CA LEU A 109 -24.84 23.01 -26.44
C LEU A 109 -25.17 23.27 -27.90
N PRO A 110 -24.22 23.06 -28.82
CA PRO A 110 -24.48 23.43 -30.23
C PRO A 110 -25.58 22.61 -30.88
N GLU A 111 -25.89 21.43 -30.35
CA GLU A 111 -26.70 20.45 -31.07
C GLU A 111 -27.80 19.93 -30.16
N GLN A 112 -28.93 19.57 -30.77
CA GLN A 112 -29.98 18.86 -30.05
C GLN A 112 -29.60 17.38 -29.94
N VAL A 113 -29.90 16.80 -28.78
CA VAL A 113 -29.42 15.46 -28.46
C VAL A 113 -30.55 14.45 -28.61
N ASP A 114 -30.14 13.19 -28.82
CA ASP A 114 -31.11 12.09 -28.89
C ASP A 114 -31.51 11.58 -27.52
N ILE A 115 -30.60 11.68 -26.54
CA ILE A 115 -30.89 11.12 -25.21
C ILE A 115 -30.10 11.91 -24.18
N ILE A 116 -30.69 12.06 -22.99
CA ILE A 116 -30.03 12.70 -21.86
C ILE A 116 -29.79 11.63 -20.81
N ILE A 117 -28.59 11.63 -20.23
CA ILE A 117 -28.24 10.75 -19.13
C ILE A 117 -27.78 11.62 -17.96
N SER A 118 -28.04 11.15 -16.74
CA SER A 118 -27.62 11.88 -15.56
C SER A 118 -27.80 11.02 -14.32
N GLU A 119 -27.15 11.43 -13.24
CA GLU A 119 -27.38 10.89 -11.90
C GLU A 119 -27.69 12.10 -11.01
N PRO A 120 -28.93 12.57 -11.01
CA PRO A 120 -29.29 13.75 -10.20
C PRO A 120 -29.94 13.42 -8.84
N MET A 121 -29.94 12.16 -8.41
CA MET A 121 -30.70 11.77 -7.22
C MET A 121 -29.94 12.10 -5.95
N GLY A 122 -30.64 12.72 -5.00
CA GLY A 122 -30.15 12.89 -3.65
C GLY A 122 -30.94 12.05 -2.65
N TYR A 123 -30.74 12.36 -1.37
CA TYR A 123 -31.56 11.76 -0.33
C TYR A 123 -33.03 12.02 -0.63
N MET A 124 -33.87 11.00 -0.40
CA MET A 124 -35.30 11.09 -0.70
C MET A 124 -35.58 11.40 -2.17
N LEU A 125 -34.59 11.16 -3.03
CA LEU A 125 -34.61 11.38 -4.48
C LEU A 125 -34.59 12.85 -4.85
N PHE A 126 -34.90 13.74 -3.91
CA PHE A 126 -35.12 15.14 -4.26
C PHE A 126 -34.07 16.07 -3.69
N ASN A 127 -33.31 15.63 -2.68
CA ASN A 127 -32.31 16.49 -2.07
C ASN A 127 -31.27 16.90 -3.11
N GLU A 128 -30.73 18.11 -2.93
CA GLU A 128 -29.78 18.82 -3.77
C GLU A 128 -30.46 19.40 -5.01
N ARG A 129 -31.73 19.08 -5.27
CA ARG A 129 -32.55 19.75 -6.29
C ARG A 129 -31.95 19.67 -7.69
N MET A 130 -31.14 18.63 -7.95
CA MET A 130 -30.54 18.51 -9.28
C MET A 130 -31.49 17.93 -10.31
N LEU A 131 -32.59 17.31 -9.88
CA LEU A 131 -33.62 16.91 -10.84
C LEU A 131 -34.16 18.11 -11.60
N GLU A 132 -34.15 19.29 -10.99
CA GLU A 132 -34.55 20.50 -11.71
C GLU A 132 -33.60 20.80 -12.87
N SER A 133 -32.28 20.66 -12.65
CA SER A 133 -31.34 20.82 -13.74
C SER A 133 -31.51 19.73 -14.80
N TYR A 134 -31.79 18.51 -14.34
CA TYR A 134 -32.01 17.40 -15.26
C TYR A 134 -33.20 17.67 -16.17
N LEU A 135 -34.29 18.20 -15.61
CA LEU A 135 -35.47 18.53 -16.41
C LEU A 135 -35.23 19.76 -17.28
N HIS A 136 -34.49 20.75 -16.75
CA HIS A 136 -34.13 21.92 -17.54
C HIS A 136 -33.34 21.53 -18.78
N ALA A 137 -32.54 20.46 -18.69
CA ALA A 137 -31.75 20.02 -19.84
C ALA A 137 -32.61 19.57 -21.02
N LYS A 138 -33.91 19.32 -20.80
CA LYS A 138 -34.78 18.86 -21.88
C LYS A 138 -34.98 19.90 -22.98
N LYS A 139 -34.58 21.16 -22.75
CA LYS A 139 -34.60 22.13 -23.83
C LYS A 139 -33.60 21.79 -24.94
N TYR A 140 -32.67 20.87 -24.67
CA TYR A 140 -31.74 20.36 -25.68
C TYR A 140 -32.15 19.00 -26.22
N LEU A 141 -33.33 18.52 -25.87
CA LEU A 141 -33.76 17.19 -26.22
C LEU A 141 -34.59 17.20 -27.49
N LYS A 142 -34.32 16.25 -28.38
CA LYS A 142 -35.14 16.09 -29.57
C LYS A 142 -36.54 15.65 -29.16
N PRO A 143 -37.56 15.92 -29.99
N PRO A 143 -37.56 15.92 -29.99
CA PRO A 143 -38.93 15.57 -29.59
CA PRO A 143 -38.93 15.57 -29.60
C PRO A 143 -39.13 14.10 -29.29
C PRO A 143 -39.13 14.10 -29.30
N SER A 144 -38.42 13.22 -29.99
CA SER A 144 -38.52 11.78 -29.76
C SER A 144 -37.48 11.28 -28.77
N GLY A 145 -36.79 12.18 -28.07
CA GLY A 145 -35.68 11.80 -27.23
C GLY A 145 -36.09 11.04 -25.99
N ASN A 146 -35.06 10.64 -25.22
CA ASN A 146 -35.26 9.82 -24.04
C ASN A 146 -34.44 10.36 -22.87
N MET A 147 -34.79 9.93 -21.67
N MET A 147 -34.79 9.92 -21.67
CA MET A 147 -34.11 10.33 -20.45
CA MET A 147 -34.15 10.32 -20.42
C MET A 147 -33.69 9.09 -19.67
C MET A 147 -33.69 9.07 -19.67
N PHE A 148 -32.44 9.07 -19.23
CA PHE A 148 -31.87 7.96 -18.45
C PHE A 148 -31.29 8.55 -17.16
N PRO A 149 -31.98 8.39 -16.02
CA PRO A 149 -33.21 7.61 -15.78
C PRO A 149 -34.47 8.22 -16.38
N THR A 150 -35.45 7.38 -16.67
CA THR A 150 -36.71 7.82 -17.26
C THR A 150 -37.71 8.23 -16.20
N ILE A 151 -37.93 7.39 -15.18
CA ILE A 151 -38.90 7.73 -14.14
C ILE A 151 -38.25 7.56 -12.76
N GLY A 152 -38.88 8.16 -11.76
CA GLY A 152 -38.43 8.03 -10.39
C GLY A 152 -39.58 7.89 -9.40
N ASP A 153 -39.55 6.84 -8.59
CA ASP A 153 -40.57 6.58 -7.59
C ASP A 153 -40.02 6.89 -6.20
N VAL A 154 -40.73 7.72 -5.45
CA VAL A 154 -40.46 7.93 -4.04
C VAL A 154 -41.44 7.11 -3.23
N HIS A 155 -40.92 6.30 -2.31
CA HIS A 155 -41.72 5.43 -1.47
C HIS A 155 -41.75 5.95 -0.05
N LEU A 156 -42.97 6.08 0.48
CA LEU A 156 -43.22 6.43 1.88
C LEU A 156 -43.83 5.24 2.58
N ALA A 157 -43.48 5.05 3.86
CA ALA A 157 -44.08 3.97 4.63
C ALA A 157 -44.04 4.30 6.10
N PRO A 158 -45.12 4.08 6.85
CA PRO A 158 -45.06 4.32 8.29
C PRO A 158 -44.14 3.31 8.96
N PHE A 159 -43.44 3.76 10.00
CA PHE A 159 -42.55 2.87 10.73
C PHE A 159 -42.76 3.02 12.23
N THR A 160 -42.35 1.98 12.96
CA THR A 160 -42.27 2.02 14.41
C THR A 160 -40.81 1.83 14.82
N ASP A 161 -40.29 2.77 15.59
CA ASP A 161 -38.94 2.66 16.15
C ASP A 161 -38.95 3.40 17.49
N GLU A 162 -39.22 2.64 18.56
CA GLU A 162 -39.33 3.25 19.88
C GLU A 162 -37.99 3.82 20.33
N GLN A 163 -36.90 3.09 20.05
CA GLN A 163 -35.56 3.55 20.45
C GLN A 163 -35.21 4.86 19.75
N LEU A 164 -35.51 4.97 18.44
CA LEU A 164 -35.19 6.18 17.70
C LEU A 164 -35.97 7.38 18.26
N TYR A 165 -37.25 7.20 18.55
CA TYR A 165 -38.05 8.28 19.11
C TYR A 165 -37.51 8.70 20.47
N MET A 166 -37.19 7.74 21.33
CA MET A 166 -36.70 8.07 22.66
C MET A 166 -35.29 8.65 22.64
N GLU A 167 -34.54 8.42 21.55
CA GLU A 167 -33.20 9.01 21.43
C GLU A 167 -33.26 10.52 21.49
N GLN A 168 -34.25 11.13 20.83
CA GLN A 168 -34.32 12.58 20.78
C GLN A 168 -34.43 13.16 22.17
N PHE A 169 -35.29 12.58 23.01
CA PHE A 169 -35.46 13.10 24.36
C PHE A 169 -34.28 12.75 25.25
N THR A 170 -33.67 11.57 25.06
CA THR A 170 -32.45 11.27 25.81
C THR A 170 -31.35 12.27 25.52
N LYS A 171 -31.18 12.64 24.24
CA LYS A 171 -30.16 13.61 23.87
C LYS A 171 -30.51 15.00 24.38
N ALA A 172 -31.77 15.43 24.20
CA ALA A 172 -32.16 16.76 24.64
C ALA A 172 -32.13 16.90 26.16
N ASN A 173 -32.27 15.78 26.89
CA ASN A 173 -32.29 15.83 28.34
C ASN A 173 -30.94 16.20 28.94
N PHE A 174 -29.88 16.27 28.13
CA PHE A 174 -28.64 16.88 28.61
C PHE A 174 -28.91 18.25 29.21
N TRP A 175 -29.83 19.01 28.61
CA TRP A 175 -30.15 20.34 29.11
C TRP A 175 -31.01 20.32 30.35
N TYR A 176 -31.70 19.22 30.64
CA TYR A 176 -32.60 19.18 31.79
C TYR A 176 -31.82 18.88 33.06
N GLN A 177 -30.90 19.80 33.39
CA GLN A 177 -30.04 19.71 34.55
C GLN A 177 -30.10 21.04 35.28
N PRO A 178 -30.37 21.05 36.59
CA PRO A 178 -30.45 22.33 37.31
C PRO A 178 -29.09 22.88 37.71
N SER A 179 -28.05 22.04 37.76
CA SER A 179 -26.69 22.51 38.03
C SER A 179 -25.72 21.75 37.13
N PHE A 180 -25.52 22.24 35.91
CA PHE A 180 -24.44 21.76 35.04
C PHE A 180 -23.26 22.69 35.29
N HIS A 181 -22.29 22.21 36.07
CA HIS A 181 -21.19 23.06 36.54
C HIS A 181 -21.73 24.33 37.18
N GLY A 182 -22.82 24.19 37.92
CA GLY A 182 -23.46 25.30 38.59
C GLY A 182 -24.47 26.09 37.77
N VAL A 183 -24.78 25.65 36.56
CA VAL A 183 -25.68 26.37 35.66
C VAL A 183 -26.94 25.55 35.46
N ASP A 184 -28.10 26.21 35.59
CA ASP A 184 -29.38 25.58 35.30
C ASP A 184 -29.63 25.67 33.79
N LEU A 185 -29.46 24.55 33.09
CA LEU A 185 -29.65 24.49 31.65
C LEU A 185 -31.09 24.19 31.25
N SER A 186 -31.98 23.98 32.22
CA SER A 186 -33.31 23.42 31.95
C SER A 186 -34.08 24.23 30.91
N ALA A 187 -33.94 25.56 30.94
CA ALA A 187 -34.79 26.43 30.13
C ALA A 187 -34.62 26.18 28.63
N LEU A 188 -33.54 25.53 28.20
CA LEU A 188 -33.31 25.27 26.79
C LEU A 188 -33.76 23.88 26.35
N ARG A 189 -34.16 23.02 27.29
CA ARG A 189 -34.46 21.63 26.95
C ARG A 189 -35.46 21.55 25.80
N GLY A 190 -36.57 22.26 25.92
CA GLY A 190 -37.59 22.23 24.88
C GLY A 190 -37.03 22.59 23.52
N ALA A 191 -36.24 23.68 23.47
CA ALA A 191 -35.65 24.07 22.19
C ALA A 191 -34.80 22.94 21.61
N ALA A 192 -33.99 22.31 22.46
CA ALA A 192 -33.19 21.18 22.02
C ALA A 192 -34.08 20.12 21.38
N VAL A 193 -35.18 19.77 22.04
CA VAL A 193 -36.07 18.76 21.49
C VAL A 193 -36.50 19.17 20.09
N ASP A 194 -36.96 20.42 19.94
CA ASP A 194 -37.44 20.86 18.64
C ASP A 194 -36.35 20.72 17.60
N GLU A 195 -35.14 21.14 17.95
CA GLU A 195 -34.04 21.10 17.00
C GLU A 195 -33.78 19.66 16.53
N TYR A 196 -33.85 18.71 17.46
CA TYR A 196 -33.61 17.32 17.07
C TYR A 196 -34.72 16.81 16.15
N PHE A 197 -35.96 17.24 16.39
CA PHE A 197 -37.07 16.69 15.62
C PHE A 197 -37.17 17.27 14.22
N ARG A 198 -36.49 18.37 13.94
CA ARG A 198 -36.48 18.94 12.60
C ARG A 198 -35.45 18.28 11.69
N GLN A 199 -34.69 17.32 12.18
CA GLN A 199 -33.65 16.68 11.40
C GLN A 199 -34.15 15.36 10.84
N PRO A 200 -34.29 15.20 9.53
CA PRO A 200 -34.47 13.86 8.97
C PRO A 200 -33.29 12.98 9.32
N VAL A 201 -33.58 11.73 9.66
CA VAL A 201 -32.57 10.77 10.10
C VAL A 201 -32.16 9.93 8.90
N VAL A 202 -30.92 10.10 8.46
CA VAL A 202 -30.38 9.35 7.34
C VAL A 202 -29.68 8.11 7.88
N ASP A 203 -30.27 6.94 7.68
CA ASP A 203 -29.60 5.67 7.97
C ASP A 203 -30.45 4.55 7.36
N THR A 204 -30.11 3.31 7.71
CA THR A 204 -30.87 2.14 7.29
C THR A 204 -31.52 1.51 8.52
N PHE A 205 -32.32 0.48 8.27
CA PHE A 205 -33.08 -0.18 9.33
C PHE A 205 -33.54 -1.53 8.81
N ASP A 206 -34.06 -2.34 9.73
CA ASP A 206 -34.68 -3.61 9.36
C ASP A 206 -36.08 -3.37 8.83
N ILE A 207 -36.45 -4.11 7.77
CA ILE A 207 -37.73 -3.92 7.12
C ILE A 207 -38.90 -4.24 8.04
N ARG A 208 -38.65 -4.98 9.13
CA ARG A 208 -39.73 -5.33 10.04
C ARG A 208 -40.27 -4.15 10.83
N ILE A 209 -39.57 -3.01 10.83
CA ILE A 209 -40.13 -1.81 11.47
C ILE A 209 -41.18 -1.14 10.60
N LEU A 210 -41.26 -1.50 9.32
CA LEU A 210 -42.29 -0.95 8.44
C LEU A 210 -43.63 -1.58 8.76
N MET A 211 -44.65 -0.74 8.94
CA MET A 211 -45.96 -1.21 9.41
C MET A 211 -47.02 -1.25 8.31
N ALA A 212 -46.69 -0.84 7.09
CA ALA A 212 -47.65 -0.90 5.99
C ALA A 212 -46.90 -0.87 4.67
N LYS A 213 -47.57 -1.32 3.62
CA LYS A 213 -47.01 -1.24 2.29
C LYS A 213 -46.76 0.21 1.92
N SER A 214 -45.69 0.45 1.18
CA SER A 214 -45.32 1.82 0.82
C SER A 214 -46.35 2.43 -0.12
N VAL A 215 -46.52 3.75 0.00
CA VAL A 215 -47.21 4.57 -0.99
C VAL A 215 -46.16 5.15 -1.92
N LYS A 216 -46.42 5.09 -3.22
CA LYS A 216 -45.45 5.45 -4.24
C LYS A 216 -45.91 6.71 -4.97
N TYR A 217 -45.00 7.68 -5.07
CA TYR A 217 -45.22 8.89 -5.85
C TYR A 217 -44.23 8.91 -7.00
N THR A 218 -44.73 8.94 -8.22
CA THR A 218 -43.90 8.82 -9.42
C THR A 218 -43.73 10.17 -10.09
N VAL A 219 -42.50 10.45 -10.49
CA VAL A 219 -42.18 11.57 -11.38
C VAL A 219 -41.67 10.99 -12.68
N ASN A 220 -42.34 11.34 -13.78
CA ASN A 220 -41.94 10.90 -15.12
C ASN A 220 -41.12 12.02 -15.76
N PHE A 221 -39.82 11.78 -15.90
CA PHE A 221 -38.91 12.84 -16.35
C PHE A 221 -39.12 13.20 -17.81
N LEU A 222 -39.65 12.28 -18.61
CA LEU A 222 -39.98 12.60 -20.00
C LEU A 222 -41.16 13.55 -20.10
N GLU A 223 -42.04 13.57 -19.10
CA GLU A 223 -43.22 14.42 -19.10
C GLU A 223 -43.12 15.61 -18.15
N ALA A 224 -42.41 15.45 -17.04
CA ALA A 224 -42.40 16.47 -16.00
C ALA A 224 -41.71 17.75 -16.48
N LYS A 225 -42.15 18.86 -15.91
CA LYS A 225 -41.48 20.14 -16.08
C LYS A 225 -40.65 20.44 -14.83
N GLU A 226 -39.67 21.32 -15.00
CA GLU A 226 -38.82 21.71 -13.88
C GLU A 226 -39.64 22.23 -12.71
N GLY A 227 -40.60 23.11 -12.99
CA GLY A 227 -41.42 23.69 -11.95
C GLY A 227 -42.26 22.68 -11.19
N ASP A 228 -42.47 21.49 -11.76
CA ASP A 228 -43.18 20.44 -11.04
C ASP A 228 -42.48 20.05 -9.75
N LEU A 229 -41.18 20.32 -9.64
CA LEU A 229 -40.40 19.92 -8.48
C LEU A 229 -40.23 21.02 -7.45
N HIS A 230 -40.82 22.20 -7.67
CA HIS A 230 -40.72 23.26 -6.68
C HIS A 230 -41.63 23.01 -5.49
N ARG A 231 -42.77 22.36 -5.72
CA ARG A 231 -43.70 21.99 -4.65
C ARG A 231 -44.24 20.61 -4.98
N ILE A 232 -43.93 19.63 -4.13
CA ILE A 232 -44.33 18.25 -4.37
C ILE A 232 -45.26 17.82 -3.25
N GLU A 233 -46.52 17.61 -3.57
CA GLU A 233 -47.51 17.17 -2.60
C GLU A 233 -47.75 15.68 -2.78
N ILE A 234 -47.39 14.90 -1.77
CA ILE A 234 -47.53 13.45 -1.80
C ILE A 234 -48.66 13.08 -0.84
N PRO A 235 -49.87 12.84 -1.34
CA PRO A 235 -50.91 12.28 -0.47
C PRO A 235 -50.54 10.85 -0.13
N PHE A 236 -50.96 10.42 1.06
CA PHE A 236 -50.79 9.03 1.42
C PHE A 236 -51.98 8.55 2.22
N LYS A 237 -52.38 7.31 1.95
CA LYS A 237 -53.26 6.55 2.82
C LYS A 237 -52.69 5.14 2.91
N PHE A 238 -52.23 4.78 4.10
CA PHE A 238 -51.60 3.50 4.35
C PHE A 238 -52.62 2.54 4.94
N HIS A 239 -52.68 1.33 4.39
CA HIS A 239 -53.45 0.24 4.97
C HIS A 239 -52.53 -0.49 5.95
N MET A 240 -52.75 -0.25 7.24
CA MET A 240 -51.83 -0.72 8.27
C MET A 240 -51.84 -2.25 8.31
N LEU A 241 -50.66 -2.84 8.14
CA LEU A 241 -50.52 -4.29 8.22
C LEU A 241 -50.15 -4.78 9.62
N HIS A 242 -49.80 -3.88 10.54
CA HIS A 242 -49.41 -4.26 11.88
C HIS A 242 -49.97 -3.25 12.89
N SER A 243 -50.19 -3.73 14.11
CA SER A 243 -50.67 -2.89 15.20
C SER A 243 -49.49 -2.40 16.03
N GLY A 244 -49.56 -1.14 16.43
CA GLY A 244 -48.51 -0.58 17.26
C GLY A 244 -48.47 0.94 17.12
N LEU A 245 -47.42 1.51 17.71
CA LEU A 245 -47.20 2.95 17.70
C LEU A 245 -46.37 3.32 16.48
N VAL A 246 -46.93 4.19 15.64
CA VAL A 246 -46.21 4.72 14.48
C VAL A 246 -45.49 5.99 14.92
N HIS A 247 -44.17 6.00 14.74
CA HIS A 247 -43.33 7.12 15.14
C HIS A 247 -42.99 8.06 14.00
N GLY A 248 -43.20 7.66 12.75
CA GLY A 248 -42.94 8.55 11.65
C GLY A 248 -43.00 7.81 10.31
N LEU A 249 -42.44 8.46 9.30
CA LEU A 249 -42.46 7.96 7.93
C LEU A 249 -41.04 7.71 7.44
N ALA A 250 -40.83 6.54 6.84
CA ALA A 250 -39.60 6.17 6.16
C ALA A 250 -39.76 6.43 4.67
N PHE A 251 -38.66 6.84 4.05
CA PHE A 251 -38.59 7.26 2.66
C PHE A 251 -37.44 6.54 1.99
N TRP A 252 -37.70 6.06 0.78
CA TRP A 252 -36.64 5.61 -0.12
C TRP A 252 -37.08 5.92 -1.55
N PHE A 253 -36.25 5.54 -2.52
CA PHE A 253 -36.61 5.82 -3.90
C PHE A 253 -36.01 4.78 -4.84
N ASP A 254 -36.67 4.64 -5.98
CA ASP A 254 -36.17 3.91 -7.13
C ASP A 254 -36.15 4.83 -8.33
N VAL A 255 -35.33 4.47 -9.31
CA VAL A 255 -35.37 5.12 -10.62
C VAL A 255 -35.35 4.02 -11.68
N ALA A 256 -36.06 4.28 -12.78
CA ALA A 256 -36.17 3.32 -13.87
C ALA A 256 -35.64 3.94 -15.14
N PHE A 257 -34.75 3.21 -15.80
CA PHE A 257 -34.23 3.51 -17.13
C PHE A 257 -35.06 2.69 -18.11
N ILE A 258 -35.91 3.37 -18.88
CA ILE A 258 -36.81 2.70 -19.80
C ILE A 258 -36.27 2.83 -21.22
N GLY A 259 -35.51 1.84 -21.67
CA GLY A 259 -34.93 1.84 -22.99
C GLY A 259 -35.74 1.01 -23.97
N SER A 260 -35.31 1.07 -25.23
CA SER A 260 -35.99 0.31 -26.28
C SER A 260 -35.88 -1.18 -26.04
N ILE A 261 -34.72 -1.64 -25.56
CA ILE A 261 -34.51 -3.07 -25.35
C ILE A 261 -35.06 -3.51 -24.00
N MET A 262 -34.81 -2.73 -22.95
CA MET A 262 -35.00 -3.23 -21.60
C MET A 262 -35.31 -2.07 -20.65
N THR A 263 -35.98 -2.41 -19.56
CA THR A 263 -36.18 -1.49 -18.44
C THR A 263 -35.32 -1.96 -17.28
N VAL A 264 -34.45 -1.09 -16.79
CA VAL A 264 -33.51 -1.41 -15.72
C VAL A 264 -33.86 -0.55 -14.51
N TRP A 265 -33.90 -1.18 -13.33
CA TRP A 265 -34.29 -0.51 -12.10
C TRP A 265 -33.09 -0.34 -11.18
N LEU A 266 -32.91 0.87 -10.67
CA LEU A 266 -31.97 1.16 -9.59
C LEU A 266 -32.78 1.49 -8.34
N SER A 267 -32.65 0.66 -7.31
CA SER A 267 -33.49 0.76 -6.12
C SER A 267 -32.63 0.99 -4.88
N THR A 268 -33.11 1.86 -4.00
CA THR A 268 -32.50 2.10 -2.71
C THR A 268 -33.41 1.64 -1.56
N ALA A 269 -34.32 0.72 -1.84
CA ALA A 269 -35.26 0.25 -0.84
C ALA A 269 -34.55 -0.50 0.27
N PRO A 270 -35.13 -0.54 1.47
CA PRO A 270 -34.51 -1.32 2.56
C PRO A 270 -34.55 -2.82 2.33
N THR A 271 -35.29 -3.30 1.33
CA THR A 271 -35.28 -4.70 0.93
C THR A 271 -34.17 -4.99 -0.08
N GLU A 272 -33.35 -4.01 -0.41
CA GLU A 272 -32.28 -4.11 -1.39
C GLU A 272 -30.95 -3.82 -0.72
N PRO A 273 -29.84 -4.25 -1.32
CA PRO A 273 -28.53 -3.95 -0.73
C PRO A 273 -28.34 -2.46 -0.49
N LEU A 274 -27.65 -2.13 0.60
CA LEU A 274 -27.50 -0.74 1.02
C LEU A 274 -26.70 0.05 -0.02
N THR A 275 -27.08 1.31 -0.19
CA THR A 275 -26.36 2.26 -1.03
C THR A 275 -25.98 3.47 -0.17
N HIS A 276 -25.24 4.40 -0.78
CA HIS A 276 -24.90 5.65 -0.09
C HIS A 276 -26.08 6.60 0.02
N TRP A 277 -27.21 6.29 -0.61
CA TRP A 277 -28.45 7.02 -0.36
C TRP A 277 -29.14 6.56 0.93
N TYR A 278 -28.81 5.38 1.43
CA TYR A 278 -29.42 4.81 2.64
C TYR A 278 -30.93 4.89 2.56
N GLN A 279 -31.57 5.22 3.68
CA GLN A 279 -32.98 5.59 3.72
C GLN A 279 -33.13 6.80 4.64
N VAL A 280 -34.28 7.46 4.56
CA VAL A 280 -34.52 8.69 5.30
C VAL A 280 -35.77 8.51 6.16
N ARG A 281 -35.68 8.87 7.44
CA ARG A 281 -36.84 8.75 8.32
C ARG A 281 -37.15 10.09 8.96
N CYS A 282 -38.42 10.49 8.89
CA CYS A 282 -38.92 11.71 9.51
C CYS A 282 -39.87 11.33 10.63
N LEU A 283 -39.54 11.73 11.85
CA LEU A 283 -40.34 11.42 13.02
C LEU A 283 -41.54 12.35 13.13
N PHE A 284 -42.67 11.80 13.59
CA PHE A 284 -43.77 12.63 14.04
C PHE A 284 -43.41 13.30 15.36
N GLN A 285 -44.03 14.44 15.64
CA GLN A 285 -43.85 15.07 16.95
C GLN A 285 -44.29 14.13 18.07
N SER A 286 -45.40 13.42 17.87
CA SER A 286 -45.86 12.42 18.83
C SER A 286 -46.35 11.18 18.10
N PRO A 287 -46.14 10.00 18.65
CA PRO A 287 -46.52 8.77 17.96
C PRO A 287 -48.03 8.58 17.92
N LEU A 288 -48.48 7.79 16.96
CA LEU A 288 -49.91 7.51 16.76
C LEU A 288 -50.14 6.02 16.88
N PHE A 289 -51.03 5.60 17.77
CA PHE A 289 -51.38 4.20 17.83
C PHE A 289 -52.28 3.83 16.66
N ALA A 290 -51.95 2.75 15.97
CA ALA A 290 -52.76 2.27 14.86
C ALA A 290 -52.89 0.76 14.95
N LYS A 291 -54.09 0.27 14.66
CA LYS A 291 -54.33 -1.16 14.54
C LYS A 291 -54.10 -1.61 13.10
N ALA A 292 -53.69 -2.86 12.95
CA ALA A 292 -53.69 -3.45 11.61
C ALA A 292 -55.11 -3.44 11.07
N GLY A 293 -55.27 -2.97 9.84
CA GLY A 293 -56.57 -2.74 9.26
C GLY A 293 -57.06 -1.31 9.33
N ASP A 294 -56.48 -0.50 10.22
CA ASP A 294 -56.73 0.93 10.19
C ASP A 294 -56.05 1.56 8.98
N THR A 295 -56.43 2.80 8.68
CA THR A 295 -55.82 3.57 7.62
C THR A 295 -55.14 4.78 8.22
N LEU A 296 -53.91 5.05 7.80
CA LEU A 296 -53.16 6.22 8.20
C LEU A 296 -53.10 7.17 7.01
N SER A 297 -53.79 8.30 7.11
CA SER A 297 -53.93 9.18 5.96
C SER A 297 -53.29 10.54 6.25
N GLY A 298 -52.90 11.22 5.19
CA GLY A 298 -52.32 12.55 5.36
C GLY A 298 -51.52 12.95 4.13
N THR A 299 -50.61 13.89 4.35
CA THR A 299 -49.85 14.47 3.25
C THR A 299 -48.40 14.70 3.68
N CYS A 300 -47.48 14.45 2.74
CA CYS A 300 -46.09 14.90 2.83
C CYS A 300 -45.88 15.95 1.75
N LEU A 301 -45.71 17.19 2.17
CA LEU A 301 -45.53 18.32 1.26
C LEU A 301 -44.08 18.76 1.31
N LEU A 302 -43.39 18.65 0.17
CA LEU A 302 -42.01 19.06 0.03
C LEU A 302 -41.98 20.43 -0.64
N ILE A 303 -41.44 21.42 0.06
CA ILE A 303 -41.28 22.76 -0.45
C ILE A 303 -39.79 22.99 -0.75
N ALA A 304 -39.46 23.18 -2.02
CA ALA A 304 -38.09 23.52 -2.35
C ALA A 304 -37.72 24.85 -1.69
N ASN A 305 -36.55 24.89 -1.05
CA ASN A 305 -36.08 26.10 -0.38
C ASN A 305 -34.81 26.60 -1.08
N LYS A 306 -34.29 27.70 -0.58
CA LYS A 306 -33.18 28.39 -1.21
C LYS A 306 -31.83 27.75 -0.93
N ARG A 307 -31.79 26.69 -0.13
CA ARG A 307 -30.56 26.03 0.24
C ARG A 307 -30.38 24.70 -0.49
N GLN A 308 -30.87 24.62 -1.73
CA GLN A 308 -30.77 23.42 -2.56
C GLN A 308 -31.31 22.19 -1.84
N SER A 309 -32.40 22.37 -1.11
CA SER A 309 -32.99 21.26 -0.39
C SER A 309 -34.49 21.51 -0.27
N TYR A 310 -35.15 20.76 0.62
CA TYR A 310 -36.58 20.85 0.79
C TYR A 310 -36.93 20.97 2.25
N ASP A 311 -37.97 21.75 2.53
CA ASP A 311 -38.67 21.70 3.81
C ASP A 311 -39.78 20.66 3.70
N ILE A 312 -39.83 19.77 4.68
CA ILE A 312 -40.73 18.61 4.66
C ILE A 312 -41.82 18.87 5.69
N SER A 313 -43.04 19.10 5.22
CA SER A 313 -44.20 19.21 6.10
C SER A 313 -44.97 17.91 6.04
N ILE A 314 -45.17 17.26 7.17
CA ILE A 314 -45.85 15.97 7.22
C ILE A 314 -47.03 16.09 8.18
N VAL A 315 -48.22 15.74 7.70
CA VAL A 315 -49.41 15.65 8.52
C VAL A 315 -49.98 14.26 8.36
N ALA A 316 -50.29 13.60 9.48
CA ALA A 316 -50.82 12.25 9.45
C ALA A 316 -51.89 12.10 10.52
N GLN A 317 -52.84 11.20 10.25
CA GLN A 317 -53.88 10.89 11.21
C GLN A 317 -54.39 9.48 10.99
N VAL A 318 -54.68 8.79 12.08
CA VAL A 318 -55.36 7.50 12.04
C VAL A 318 -56.85 7.78 11.85
N ASP A 319 -57.39 7.40 10.70
CA ASP A 319 -58.76 7.76 10.36
C ASP A 319 -59.76 7.16 11.35
N GLN A 320 -59.55 5.91 11.75
CA GLN A 320 -60.52 5.22 12.61
C GLN A 320 -60.59 5.82 14.01
N THR A 321 -59.60 6.59 14.44
CA THR A 321 -59.63 7.21 15.77
C THR A 321 -59.57 8.72 15.75
N GLY A 322 -59.13 9.34 14.66
CA GLY A 322 -58.95 10.77 14.63
C GLY A 322 -57.66 11.28 15.24
N SER A 323 -56.85 10.40 15.81
CA SER A 323 -55.58 10.81 16.38
C SER A 323 -54.66 11.30 15.28
N LYS A 324 -54.02 12.45 15.50
CA LYS A 324 -53.23 13.11 14.47
C LYS A 324 -51.89 13.57 15.03
N SER A 325 -50.96 13.78 14.11
CA SER A 325 -49.64 14.31 14.44
C SER A 325 -49.05 14.93 13.19
N SER A 326 -47.96 15.65 13.37
CA SER A 326 -47.33 16.36 12.27
C SER A 326 -45.86 16.61 12.61
N ASN A 327 -45.12 17.05 11.61
CA ASN A 327 -43.77 17.54 11.84
C ASN A 327 -43.36 18.42 10.67
N LEU A 328 -42.41 19.31 10.94
CA LEU A 328 -41.78 20.13 9.92
C LEU A 328 -40.28 19.95 10.04
N LEU A 329 -39.66 19.48 8.96
CA LEU A 329 -38.25 19.10 9.00
C LEU A 329 -37.49 19.84 7.91
N ASP A 330 -36.20 20.03 8.13
CA ASP A 330 -35.31 20.68 7.18
C ASP A 330 -34.36 19.63 6.62
N LEU A 331 -34.53 19.29 5.34
CA LEU A 331 -33.73 18.25 4.72
C LEU A 331 -32.29 18.68 4.46
N LYS A 332 -32.01 19.98 4.47
CA LYS A 332 -30.64 20.45 4.28
C LYS A 332 -29.75 20.10 5.48
N ASN A 333 -30.34 19.83 6.64
CA ASN A 333 -29.58 19.52 7.85
C ASN A 333 -30.02 18.16 8.41
N PRO A 334 -29.80 17.08 7.67
CA PRO A 334 -30.17 15.76 8.18
C PRO A 334 -29.17 15.26 9.20
N PHE A 335 -29.63 14.35 10.04
CA PHE A 335 -28.78 13.71 11.05
C PHE A 335 -28.32 12.36 10.51
N PHE A 336 -27.02 12.25 10.24
CA PHE A 336 -26.46 11.00 9.74
C PHE A 336 -26.24 10.06 10.93
N ARG A 337 -27.13 9.07 11.05
CA ARG A 337 -27.18 8.19 12.22
C ARG A 337 -26.54 6.83 11.96
N TYR A 338 -26.11 6.53 10.74
CA TYR A 338 -25.65 5.19 10.40
C TYR A 338 -24.50 4.77 11.31
N THR A 339 -24.77 3.80 12.18
CA THR A 339 -23.83 3.40 13.23
C THR A 339 -23.75 1.88 13.35
N GLU B 4 33.24 -19.21 -18.53
CA GLU B 4 33.20 -17.91 -17.86
C GLU B 4 32.04 -17.07 -18.38
N GLU B 5 31.78 -17.20 -19.69
CA GLU B 5 30.71 -16.40 -20.31
C GLU B 5 29.35 -16.74 -19.73
N SER B 6 29.10 -18.05 -19.51
CA SER B 6 27.81 -18.47 -18.97
C SER B 6 27.59 -17.92 -17.57
N SER B 7 28.66 -17.69 -16.81
CA SER B 7 28.52 -17.09 -15.49
C SER B 7 28.39 -15.58 -15.58
N ALA B 8 29.09 -14.95 -16.51
CA ALA B 8 29.03 -13.50 -16.65
C ALA B 8 27.65 -13.03 -17.09
N VAL B 9 27.03 -13.75 -18.03
CA VAL B 9 25.70 -13.36 -18.49
C VAL B 9 24.69 -13.48 -17.35
N GLN B 10 24.77 -14.56 -16.56
CA GLN B 10 23.88 -14.69 -15.42
C GLN B 10 24.14 -13.64 -14.36
N TYR B 11 25.41 -13.25 -14.18
CA TYR B 11 25.76 -12.20 -13.24
C TYR B 11 25.11 -10.88 -13.64
N PHE B 12 25.21 -10.51 -14.91
CA PHE B 12 24.63 -9.25 -15.35
C PHE B 12 23.11 -9.30 -15.41
N GLN B 13 22.53 -10.47 -15.74
CA GLN B 13 21.09 -10.62 -15.63
C GLN B 13 20.62 -10.43 -14.19
N PHE B 14 21.37 -11.00 -13.24
CA PHE B 14 21.06 -10.79 -11.83
C PHE B 14 21.08 -9.31 -11.50
N TYR B 15 22.09 -8.59 -11.98
CA TYR B 15 22.18 -7.18 -11.63
C TYR B 15 21.30 -6.27 -12.49
N GLY B 16 20.52 -6.83 -13.42
CA GLY B 16 19.55 -6.02 -14.13
C GLY B 16 18.27 -5.70 -13.39
N TYR B 17 18.03 -6.29 -12.22
CA TYR B 17 16.76 -6.14 -11.53
C TYR B 17 16.79 -4.96 -10.57
N LEU B 18 15.71 -4.18 -10.58
CA LEU B 18 15.60 -3.04 -9.66
C LEU B 18 15.52 -3.48 -8.21
N SER B 19 15.04 -4.71 -7.96
CA SER B 19 14.97 -5.20 -6.59
C SER B 19 16.36 -5.34 -5.98
N GLN B 20 17.33 -5.78 -6.80
CA GLN B 20 18.71 -5.87 -6.32
C GLN B 20 19.28 -4.49 -5.98
N GLN B 21 19.07 -3.52 -6.88
CA GLN B 21 19.50 -2.16 -6.61
C GLN B 21 18.87 -1.63 -5.34
N GLN B 22 17.58 -1.88 -5.16
CA GLN B 22 16.88 -1.43 -3.96
C GLN B 22 17.45 -2.07 -2.71
N ASN B 23 17.73 -3.38 -2.77
CA ASN B 23 18.28 -4.08 -1.61
C ASN B 23 19.64 -3.51 -1.23
N MET B 24 20.47 -3.20 -2.23
CA MET B 24 21.78 -2.64 -1.92
C MET B 24 21.67 -1.20 -1.41
N MET B 25 20.80 -0.39 -2.03
CA MET B 25 20.63 0.99 -1.61
C MET B 25 20.06 1.10 -0.21
N GLN B 26 19.15 0.20 0.16
CA GLN B 26 18.54 0.21 1.48
C GLN B 26 19.50 -0.20 2.58
N ASP B 27 20.66 -0.77 2.24
CA ASP B 27 21.72 -0.99 3.22
C ASP B 27 22.28 0.38 3.59
N TYR B 28 21.91 0.88 4.78
CA TYR B 28 22.26 2.24 5.14
C TYR B 28 23.77 2.38 5.36
N VAL B 29 24.44 1.32 5.81
CA VAL B 29 25.88 1.39 5.97
C VAL B 29 26.55 1.69 4.62
N ARG B 30 26.18 0.93 3.58
CA ARG B 30 26.70 1.10 2.23
C ARG B 30 26.45 2.50 1.68
N THR B 31 25.17 2.83 1.47
CA THR B 31 24.81 4.09 0.82
C THR B 31 25.22 5.28 1.67
N GLY B 32 24.95 5.23 2.98
CA GLY B 32 25.29 6.34 3.84
C GLY B 32 26.78 6.60 3.92
N THR B 33 27.59 5.53 4.01
CA THR B 33 29.03 5.74 4.09
C THR B 33 29.58 6.25 2.77
N TYR B 34 29.05 5.78 1.64
CA TYR B 34 29.50 6.33 0.36
C TYR B 34 29.16 7.81 0.25
N GLN B 35 27.93 8.19 0.64
CA GLN B 35 27.54 9.59 0.57
C GLN B 35 28.38 10.45 1.49
N ARG B 36 28.63 9.97 2.72
N ARG B 36 28.63 9.97 2.72
CA ARG B 36 29.48 10.71 3.64
CA ARG B 36 29.47 10.72 3.65
C ARG B 36 30.88 10.90 3.10
C ARG B 36 30.88 10.90 3.10
N ALA B 37 31.47 9.82 2.57
CA ALA B 37 32.84 9.90 2.06
C ALA B 37 32.94 10.88 0.90
N ILE B 38 31.97 10.86 -0.01
CA ILE B 38 32.02 11.76 -1.15
C ILE B 38 31.75 13.20 -0.72
N LEU B 39 30.74 13.42 0.12
CA LEU B 39 30.34 14.78 0.45
C LEU B 39 31.35 15.46 1.36
N GLN B 40 31.91 14.74 2.32
CA GLN B 40 32.87 15.33 3.25
C GLN B 40 34.25 15.47 2.63
N ASN B 41 34.46 14.97 1.42
CA ASN B 41 35.67 15.18 0.64
C ASN B 41 35.32 15.90 -0.66
N HIS B 42 34.41 16.88 -0.55
CA HIS B 42 33.89 17.58 -1.72
C HIS B 42 35.00 18.25 -2.53
N THR B 43 36.11 18.60 -1.88
CA THR B 43 37.24 19.19 -2.59
C THR B 43 37.83 18.22 -3.61
N ASP B 44 37.68 16.92 -3.39
CA ASP B 44 38.10 15.92 -4.37
C ASP B 44 37.14 15.79 -5.53
N PHE B 45 35.94 16.37 -5.44
CA PHE B 45 34.94 16.25 -6.49
C PHE B 45 34.56 17.57 -7.13
N LYS B 46 34.59 18.69 -6.40
CA LYS B 46 34.22 19.99 -6.94
C LYS B 46 34.94 20.28 -8.26
N ASP B 47 34.16 20.40 -9.33
CA ASP B 47 34.61 20.72 -10.69
C ASP B 47 35.45 19.63 -11.33
N LYS B 48 35.45 18.42 -10.78
CA LYS B 48 36.34 17.35 -11.22
C LYS B 48 35.66 16.43 -12.22
N ILE B 49 36.47 15.62 -12.89
CA ILE B 49 35.98 14.57 -13.77
C ILE B 49 35.99 13.25 -12.99
N VAL B 50 34.86 12.56 -13.01
CA VAL B 50 34.64 11.36 -12.21
C VAL B 50 34.21 10.22 -13.11
N LEU B 51 34.73 9.03 -12.82
CA LEU B 51 34.28 7.79 -13.45
C LEU B 51 33.64 6.90 -12.39
N ASP B 52 32.41 6.47 -12.64
CA ASP B 52 31.65 5.62 -11.71
C ASP B 52 31.58 4.23 -12.33
N VAL B 53 32.33 3.28 -11.77
CA VAL B 53 32.49 1.96 -12.37
C VAL B 53 31.40 1.04 -11.84
N GLY B 54 30.50 0.62 -12.73
CA GLY B 54 29.38 -0.21 -12.32
C GLY B 54 28.35 0.58 -11.55
N CYS B 55 27.87 1.67 -12.17
CA CYS B 55 27.04 2.64 -11.45
C CYS B 55 25.71 2.06 -10.98
N GLY B 56 25.25 0.97 -11.60
CA GLY B 56 23.92 0.46 -11.26
C GLY B 56 22.88 1.50 -11.57
N SER B 57 22.05 1.83 -10.57
CA SER B 57 21.05 2.87 -10.75
C SER B 57 21.64 4.27 -10.83
N GLY B 58 22.93 4.43 -10.52
CA GLY B 58 23.60 5.71 -10.64
C GLY B 58 23.76 6.48 -9.34
N ILE B 59 23.45 5.87 -8.19
CA ILE B 59 23.39 6.61 -6.93
C ILE B 59 24.72 7.27 -6.61
N LEU B 60 25.83 6.57 -6.81
CA LEU B 60 27.14 7.15 -6.51
C LEU B 60 27.43 8.35 -7.40
N SER B 61 27.01 8.27 -8.67
CA SER B 61 27.19 9.42 -9.57
C SER B 61 26.37 10.61 -9.09
N PHE B 62 25.16 10.37 -8.56
CA PHE B 62 24.38 11.46 -7.99
C PHE B 62 25.07 12.05 -6.78
N PHE B 63 25.70 11.20 -5.94
CA PHE B 63 26.47 11.72 -4.81
C PHE B 63 27.62 12.59 -5.31
N ALA B 64 28.29 12.17 -6.38
CA ALA B 64 29.39 12.95 -6.93
C ALA B 64 28.89 14.29 -7.47
N ALA B 65 27.73 14.30 -8.12
CA ALA B 65 27.14 15.55 -8.59
C ALA B 65 26.77 16.45 -7.42
N GLN B 66 26.24 15.87 -6.35
CA GLN B 66 25.93 16.65 -5.15
C GLN B 66 27.18 17.30 -4.57
N ALA B 67 28.34 16.67 -4.74
CA ALA B 67 29.59 17.23 -4.27
C ALA B 67 30.19 18.25 -5.24
N GLY B 68 29.61 18.41 -6.42
CA GLY B 68 30.00 19.45 -7.34
C GLY B 68 30.81 19.03 -8.58
N ALA B 69 30.81 17.74 -8.93
CA ALA B 69 31.59 17.29 -10.07
C ALA B 69 31.10 17.93 -11.36
N ARG B 70 32.06 18.32 -12.21
CA ARG B 70 31.71 18.95 -13.48
C ARG B 70 31.16 17.94 -14.48
N LYS B 71 31.76 16.76 -14.54
CA LYS B 71 31.34 15.71 -15.45
C LYS B 71 31.58 14.35 -14.79
N ILE B 72 30.56 13.49 -14.81
CA ILE B 72 30.66 12.15 -14.27
C ILE B 72 30.26 11.18 -15.36
N TYR B 73 31.15 10.25 -15.69
CA TYR B 73 30.86 9.15 -16.60
C TYR B 73 30.50 7.92 -15.76
N ALA B 74 29.27 7.45 -15.89
CA ALA B 74 28.77 6.32 -15.12
C ALA B 74 28.59 5.13 -16.06
N VAL B 75 29.40 4.10 -15.87
CA VAL B 75 29.48 2.96 -16.79
C VAL B 75 28.76 1.78 -16.17
N GLU B 76 27.86 1.15 -16.93
CA GLU B 76 27.11 0.00 -16.42
C GLU B 76 26.89 -1.01 -17.54
N ALA B 77 27.17 -2.28 -17.24
CA ALA B 77 27.09 -3.34 -18.24
C ALA B 77 25.73 -4.03 -18.28
N SER B 78 25.00 -4.07 -17.17
CA SER B 78 23.68 -4.70 -17.17
C SER B 78 22.66 -3.78 -17.82
N THR B 79 21.43 -4.26 -17.94
CA THR B 79 20.34 -3.45 -18.45
C THR B 79 19.97 -2.32 -17.49
N MET B 80 20.45 -2.37 -16.24
CA MET B 80 20.19 -1.33 -15.26
C MET B 80 20.64 0.04 -15.76
N ALA B 81 21.64 0.07 -16.66
CA ALA B 81 22.09 1.33 -17.24
C ALA B 81 20.92 2.13 -17.81
N GLN B 82 19.98 1.44 -18.47
CA GLN B 82 18.81 2.14 -18.99
C GLN B 82 18.11 2.93 -17.90
N HIS B 83 17.82 2.28 -16.77
CA HIS B 83 17.17 2.96 -15.67
C HIS B 83 18.01 4.12 -15.16
N ALA B 84 19.34 3.93 -15.12
CA ALA B 84 20.20 5.02 -14.69
C ALA B 84 19.98 6.25 -15.56
N GLU B 85 19.88 6.06 -16.88
CA GLU B 85 19.63 7.18 -17.77
C GLU B 85 18.33 7.88 -17.39
N VAL B 86 17.30 7.10 -17.09
CA VAL B 86 16.01 7.69 -16.72
C VAL B 86 16.17 8.57 -15.49
N LEU B 87 17.02 8.15 -14.55
CA LEU B 87 17.20 8.95 -13.35
C LEU B 87 18.01 10.21 -13.62
N VAL B 88 18.91 10.17 -14.61
CA VAL B 88 19.71 11.37 -14.90
C VAL B 88 18.84 12.45 -15.54
N LYS B 89 17.94 12.05 -16.45
CA LYS B 89 17.02 13.01 -17.05
C LYS B 89 16.03 13.56 -16.02
N SER B 90 15.46 12.68 -15.19
CA SER B 90 14.44 13.11 -14.24
C SER B 90 15.01 14.02 -13.16
N ASN B 91 16.28 13.84 -12.81
CA ASN B 91 16.96 14.73 -11.88
C ASN B 91 17.65 15.89 -12.59
N ASN B 92 17.46 16.02 -13.91
CA ASN B 92 17.96 17.15 -14.69
C ASN B 92 19.46 17.31 -14.54
N LEU B 93 20.19 16.19 -14.69
CA LEU B 93 21.64 16.18 -14.61
C LEU B 93 22.28 15.63 -15.88
N THR B 94 21.59 15.71 -17.02
CA THR B 94 22.13 15.16 -18.26
C THR B 94 23.39 15.89 -18.70
N ASP B 95 23.50 17.18 -18.40
CA ASP B 95 24.69 17.93 -18.82
C ASP B 95 25.91 17.60 -17.97
N ARG B 96 25.74 16.92 -16.83
CA ARG B 96 26.85 16.59 -15.96
C ARG B 96 27.09 15.10 -15.77
N ILE B 97 26.08 14.26 -15.98
CA ILE B 97 26.22 12.81 -15.82
C ILE B 97 25.92 12.15 -17.17
N VAL B 98 26.89 11.39 -17.67
CA VAL B 98 26.73 10.65 -18.92
C VAL B 98 26.73 9.17 -18.58
N VAL B 99 25.62 8.50 -18.85
CA VAL B 99 25.53 7.07 -18.66
C VAL B 99 26.08 6.36 -19.89
N ILE B 100 27.01 5.43 -19.66
CA ILE B 100 27.64 4.66 -20.73
C ILE B 100 27.32 3.19 -20.52
N PRO B 101 26.45 2.61 -21.36
CA PRO B 101 26.12 1.20 -21.23
C PRO B 101 27.25 0.32 -21.76
N GLY B 102 27.55 -0.74 -21.02
CA GLY B 102 28.57 -1.68 -21.41
C GLY B 102 29.59 -1.88 -20.30
N LYS B 103 30.56 -2.75 -20.60
CA LYS B 103 31.59 -3.11 -19.63
C LYS B 103 32.70 -2.07 -19.66
N VAL B 104 33.25 -1.77 -18.48
CA VAL B 104 34.27 -0.73 -18.36
C VAL B 104 35.51 -1.09 -19.15
N GLU B 105 35.73 -2.38 -19.42
CA GLU B 105 36.87 -2.83 -20.20
C GLU B 105 36.68 -2.62 -21.70
N GLU B 106 35.49 -2.26 -22.16
CA GLU B 106 35.21 -2.24 -23.59
C GLU B 106 34.69 -0.88 -24.06
N VAL B 107 33.97 -0.18 -23.19
CA VAL B 107 33.44 1.13 -23.55
C VAL B 107 34.57 2.12 -23.77
N SER B 108 34.24 3.23 -24.42
CA SER B 108 35.19 4.30 -24.69
C SER B 108 34.86 5.50 -23.82
N LEU B 109 35.84 5.97 -23.06
CA LEU B 109 35.70 7.23 -22.35
C LEU B 109 36.36 8.33 -23.16
N PRO B 110 35.68 9.47 -23.35
CA PRO B 110 36.27 10.56 -24.13
C PRO B 110 37.30 11.41 -23.38
N GLU B 111 37.64 11.05 -22.15
CA GLU B 111 38.40 11.95 -21.31
C GLU B 111 38.94 11.20 -20.10
N GLN B 112 40.17 11.49 -19.73
CA GLN B 112 40.71 10.98 -18.47
C GLN B 112 40.02 11.65 -17.30
N VAL B 113 39.86 10.90 -16.21
CA VAL B 113 39.05 11.34 -15.08
C VAL B 113 39.95 11.72 -13.91
N ASP B 114 39.47 12.64 -13.09
CA ASP B 114 40.18 13.03 -11.88
C ASP B 114 40.04 12.00 -10.77
N ILE B 115 38.91 11.30 -10.71
CA ILE B 115 38.70 10.36 -9.61
C ILE B 115 37.78 9.24 -10.08
N ILE B 116 38.04 8.03 -9.59
CA ILE B 116 37.22 6.86 -9.88
C ILE B 116 36.49 6.46 -8.61
N ILE B 117 35.16 6.34 -8.69
CA ILE B 117 34.35 5.85 -7.59
C ILE B 117 33.69 4.54 -8.02
N SER B 118 33.50 3.65 -7.05
CA SER B 118 32.85 2.37 -7.34
C SER B 118 32.43 1.70 -6.04
N GLU B 119 31.53 0.73 -6.18
CA GLU B 119 31.15 -0.19 -5.12
C GLU B 119 31.42 -1.59 -5.66
N PRO B 120 32.67 -2.03 -5.66
CA PRO B 120 33.04 -3.34 -6.23
C PRO B 120 33.13 -4.49 -5.25
N MET B 121 32.70 -4.31 -3.99
CA MET B 121 32.93 -5.31 -2.95
C MET B 121 31.88 -6.42 -3.00
N GLY B 122 32.36 -7.67 -2.98
CA GLY B 122 31.52 -8.82 -2.76
C GLY B 122 31.80 -9.45 -1.41
N TYR B 123 31.22 -10.64 -1.21
CA TYR B 123 31.53 -11.43 -0.02
C TYR B 123 33.03 -11.64 0.07
N MET B 124 33.58 -11.51 1.28
CA MET B 124 35.02 -11.62 1.53
C MET B 124 35.82 -10.57 0.75
N LEU B 125 35.11 -9.53 0.28
CA LEU B 125 35.61 -8.38 -0.47
C LEU B 125 35.99 -8.72 -1.90
N PHE B 126 36.22 -10.00 -2.20
CA PHE B 126 36.76 -10.38 -3.49
C PHE B 126 35.76 -11.10 -4.37
N ASN B 127 34.68 -11.64 -3.81
CA ASN B 127 33.69 -12.34 -4.59
C ASN B 127 33.12 -11.43 -5.67
N GLU B 128 32.76 -12.04 -6.80
CA GLU B 128 32.27 -11.45 -8.04
C GLU B 128 33.41 -10.81 -8.85
N ARG B 129 34.62 -10.70 -8.31
CA ARG B 129 35.82 -10.29 -9.04
C ARG B 129 35.73 -8.87 -9.61
N MET B 130 34.74 -8.09 -9.19
CA MET B 130 34.58 -6.76 -9.75
C MET B 130 35.72 -5.82 -9.40
N LEU B 131 36.45 -6.10 -8.33
CA LEU B 131 37.64 -5.31 -8.02
C LEU B 131 38.58 -5.26 -9.23
N GLU B 132 38.67 -6.37 -9.98
CA GLU B 132 39.51 -6.35 -11.17
C GLU B 132 39.05 -5.26 -12.14
N SER B 133 37.75 -5.22 -12.43
CA SER B 133 37.22 -4.15 -13.27
C SER B 133 37.57 -2.79 -12.69
N TYR B 134 37.41 -2.64 -11.37
CA TYR B 134 37.76 -1.38 -10.71
C TYR B 134 39.20 -1.00 -11.04
N LEU B 135 40.13 -1.95 -10.86
CA LEU B 135 41.52 -1.65 -11.16
C LEU B 135 41.73 -1.40 -12.64
N HIS B 136 41.01 -2.14 -13.49
CA HIS B 136 41.10 -1.90 -14.92
C HIS B 136 40.74 -0.45 -15.25
N ALA B 137 39.77 0.11 -14.52
CA ALA B 137 39.34 1.48 -14.80
C ALA B 137 40.46 2.48 -14.61
N LYS B 138 41.54 2.10 -13.93
CA LYS B 138 42.67 3.00 -13.75
C LYS B 138 43.31 3.39 -15.07
N LYS B 139 43.01 2.68 -16.16
CA LYS B 139 43.53 3.12 -17.45
C LYS B 139 42.96 4.48 -17.85
N TYR B 140 41.89 4.93 -17.21
CA TYR B 140 41.32 6.25 -17.44
C TYR B 140 41.68 7.26 -16.37
N LEU B 141 42.56 6.90 -15.44
CA LEU B 141 42.87 7.76 -14.30
C LEU B 141 44.07 8.65 -14.60
N LYS B 142 43.97 9.91 -14.21
CA LYS B 142 45.06 10.86 -14.36
C LYS B 142 46.15 10.56 -13.32
N PRO B 143 47.38 11.02 -13.56
CA PRO B 143 48.49 10.69 -12.64
C PRO B 143 48.28 11.20 -11.22
N SER B 144 47.46 12.23 -11.02
CA SER B 144 47.09 12.65 -9.67
C SER B 144 45.77 12.04 -9.22
N GLY B 145 45.29 11.02 -9.93
CA GLY B 145 43.95 10.53 -9.68
C GLY B 145 43.81 9.87 -8.32
N ASN B 146 42.55 9.78 -7.89
CA ASN B 146 42.21 9.15 -6.63
C ASN B 146 41.16 8.07 -6.88
N MET B 147 41.03 7.15 -5.92
N MET B 147 41.05 7.15 -5.92
CA MET B 147 40.06 6.07 -6.03
CA MET B 147 40.12 6.03 -5.97
C MET B 147 39.26 6.01 -4.74
C MET B 147 39.26 6.04 -4.71
N PHE B 148 37.94 5.96 -4.88
CA PHE B 148 36.99 5.84 -3.77
C PHE B 148 36.18 4.56 -3.99
N PRO B 149 36.45 3.49 -3.23
CA PRO B 149 37.36 3.38 -2.08
C PRO B 149 38.84 3.38 -2.44
N THR B 150 39.68 3.83 -1.50
CA THR B 150 41.11 3.89 -1.75
C THR B 150 41.83 2.60 -1.37
N ILE B 151 41.49 1.99 -0.23
CA ILE B 151 42.14 0.74 0.17
C ILE B 151 41.10 -0.23 0.70
N GLY B 152 41.47 -1.51 0.71
CA GLY B 152 40.64 -2.56 1.27
C GLY B 152 41.39 -3.52 2.17
N ASP B 153 40.90 -3.69 3.40
CA ASP B 153 41.49 -4.61 4.38
C ASP B 153 40.57 -5.82 4.52
N VAL B 154 41.12 -7.00 4.29
CA VAL B 154 40.45 -8.26 4.60
C VAL B 154 40.99 -8.76 5.93
N HIS B 155 40.10 -9.03 6.87
CA HIS B 155 40.46 -9.55 8.18
C HIS B 155 40.09 -11.02 8.27
N LEU B 156 41.04 -11.82 8.80
CA LEU B 156 40.86 -13.23 9.08
C LEU B 156 41.06 -13.47 10.57
N ALA B 157 40.28 -14.38 11.14
CA ALA B 157 40.47 -14.72 12.56
C ALA B 157 39.99 -16.13 12.83
N PRO B 158 40.71 -16.91 13.64
CA PRO B 158 40.21 -18.25 13.99
C PRO B 158 38.96 -18.15 14.86
N PHE B 159 38.01 -19.06 14.63
CA PHE B 159 36.79 -19.07 15.41
C PHE B 159 36.50 -20.47 15.95
N THR B 160 35.65 -20.51 16.98
CA THR B 160 35.14 -21.75 17.53
C THR B 160 33.62 -21.73 17.42
N ASP B 161 33.06 -22.73 16.72
CA ASP B 161 31.61 -22.87 16.67
C ASP B 161 31.33 -24.37 16.53
N GLU B 162 31.14 -25.04 17.67
CA GLU B 162 30.93 -26.49 17.65
C GLU B 162 29.62 -26.84 16.95
N GLN B 163 28.58 -26.02 17.13
CA GLN B 163 27.29 -26.33 16.54
C GLN B 163 27.29 -26.12 15.02
N LEU B 164 27.99 -25.08 14.54
CA LEU B 164 28.12 -24.91 13.09
C LEU B 164 28.85 -26.08 12.45
N TYR B 165 29.92 -26.55 13.09
CA TYR B 165 30.60 -27.75 12.60
C TYR B 165 29.69 -28.96 12.63
N MET B 166 28.90 -29.10 13.71
CA MET B 166 28.00 -30.23 13.86
C MET B 166 26.95 -30.27 12.75
N GLU B 167 26.48 -29.09 12.34
CA GLU B 167 25.41 -29.01 11.34
C GLU B 167 25.79 -29.73 10.05
N GLN B 168 27.06 -29.63 9.65
CA GLN B 168 27.47 -30.25 8.38
C GLN B 168 27.26 -31.75 8.41
N PHE B 169 27.66 -32.41 9.49
CA PHE B 169 27.48 -33.85 9.58
C PHE B 169 26.03 -34.22 9.83
N THR B 170 25.28 -33.40 10.57
CA THR B 170 23.86 -33.69 10.73
C THR B 170 23.14 -33.65 9.39
N LYS B 171 23.49 -32.70 8.54
CA LYS B 171 22.88 -32.60 7.21
C LYS B 171 23.34 -33.75 6.32
N ALA B 172 24.64 -34.03 6.30
CA ALA B 172 25.15 -35.06 5.42
C ALA B 172 24.68 -36.45 5.83
N ASN B 173 24.36 -36.66 7.12
CA ASN B 173 23.94 -37.97 7.57
C ASN B 173 22.57 -38.38 7.03
N PHE B 174 21.88 -37.51 6.30
CA PHE B 174 20.74 -37.97 5.51
C PHE B 174 21.12 -39.16 4.66
N TRP B 175 22.31 -39.12 4.06
CA TRP B 175 22.71 -40.19 3.15
C TRP B 175 23.12 -41.45 3.88
N TYR B 176 23.44 -41.36 5.18
CA TYR B 176 23.87 -42.55 5.93
C TYR B 176 22.66 -43.35 6.41
N GLN B 177 21.88 -43.83 5.43
CA GLN B 177 20.71 -44.65 5.67
C GLN B 177 20.77 -45.88 4.79
N PRO B 178 20.65 -47.08 5.35
CA PRO B 178 20.76 -48.29 4.52
C PRO B 178 19.49 -48.63 3.76
N SER B 179 18.33 -48.15 4.20
CA SER B 179 17.09 -48.37 3.45
C SER B 179 16.27 -47.07 3.49
N PHE B 180 16.56 -46.17 2.56
CA PHE B 180 15.73 -45.01 2.32
C PHE B 180 14.77 -45.39 1.20
N HIS B 181 13.53 -45.69 1.57
CA HIS B 181 12.56 -46.26 0.63
C HIS B 181 13.10 -47.52 -0.04
N GLY B 182 13.89 -48.29 0.73
CA GLY B 182 14.51 -49.51 0.23
C GLY B 182 15.85 -49.33 -0.45
N VAL B 183 16.40 -48.12 -0.47
CA VAL B 183 17.65 -47.83 -1.16
C VAL B 183 18.73 -47.52 -0.12
N ASP B 184 19.90 -48.12 -0.29
CA ASP B 184 21.05 -47.83 0.54
C ASP B 184 21.76 -46.60 0.00
N LEU B 185 21.66 -45.48 0.72
CA LEU B 185 22.27 -44.22 0.30
C LEU B 185 23.66 -44.00 0.86
N SER B 186 24.16 -44.88 1.72
CA SER B 186 25.31 -44.56 2.55
C SER B 186 26.56 -44.24 1.73
N ALA B 187 26.70 -44.82 0.54
CA ALA B 187 27.91 -44.64 -0.24
C ALA B 187 28.15 -43.19 -0.64
N LEU B 188 27.13 -42.33 -0.59
CA LEU B 188 27.30 -40.93 -0.94
C LEU B 188 27.59 -40.03 0.26
N ARG B 189 27.54 -40.58 1.48
CA ARG B 189 27.68 -39.76 2.67
C ARG B 189 28.95 -38.91 2.61
N GLY B 190 30.08 -39.55 2.32
CA GLY B 190 31.34 -38.82 2.25
C GLY B 190 31.25 -37.65 1.28
N ALA B 191 30.73 -37.90 0.08
CA ALA B 191 30.61 -36.83 -0.90
C ALA B 191 29.75 -35.70 -0.34
N ALA B 192 28.62 -36.05 0.28
CA ALA B 192 27.76 -35.03 0.88
C ALA B 192 28.56 -34.20 1.88
N VAL B 193 29.31 -34.88 2.75
CA VAL B 193 30.13 -34.16 3.73
C VAL B 193 31.04 -33.18 3.00
N ASP B 194 31.76 -33.66 1.99
CA ASP B 194 32.69 -32.80 1.28
C ASP B 194 31.95 -31.62 0.68
N GLU B 195 30.80 -31.89 0.07
CA GLU B 195 30.04 -30.82 -0.57
C GLU B 195 29.65 -29.75 0.44
N TYR B 196 29.29 -30.16 1.65
CA TYR B 196 28.91 -29.16 2.65
C TYR B 196 30.11 -28.38 3.15
N PHE B 197 31.28 -29.03 3.26
CA PHE B 197 32.42 -28.31 3.80
C PHE B 197 33.03 -27.35 2.78
N ARG B 198 32.79 -27.58 1.49
CA ARG B 198 33.28 -26.70 0.44
C ARG B 198 32.49 -25.40 0.32
N GLN B 199 31.46 -25.22 1.15
CA GLN B 199 30.63 -24.02 1.08
C GLN B 199 31.07 -23.04 2.15
N PRO B 200 31.59 -21.87 1.78
CA PRO B 200 31.72 -20.80 2.78
C PRO B 200 30.35 -20.45 3.35
N VAL B 201 30.32 -20.16 4.64
CA VAL B 201 29.08 -19.92 5.36
C VAL B 201 28.93 -18.42 5.53
N VAL B 202 27.91 -17.85 4.88
CA VAL B 202 27.64 -16.43 4.96
C VAL B 202 26.59 -16.21 6.04
N ASP B 203 27.00 -15.62 7.16
CA ASP B 203 26.08 -15.12 8.18
C ASP B 203 26.89 -14.26 9.14
N THR B 204 26.28 -13.88 10.24
CA THR B 204 26.98 -13.16 11.29
C THR B 204 27.11 -14.05 12.52
N PHE B 205 27.76 -13.53 13.55
CA PHE B 205 28.04 -14.31 14.74
C PHE B 205 28.42 -13.36 15.88
N ASP B 206 28.49 -13.92 17.08
CA ASP B 206 28.97 -13.19 18.24
C ASP B 206 30.49 -13.13 18.19
N ILE B 207 31.05 -11.94 18.46
CA ILE B 207 32.50 -11.77 18.45
C ILE B 207 33.19 -12.63 19.51
N ARG B 208 32.42 -13.20 20.44
CA ARG B 208 32.99 -14.08 21.45
C ARG B 208 33.58 -15.34 20.84
N ILE B 209 33.07 -15.78 19.68
CA ILE B 209 33.59 -16.99 19.05
C ILE B 209 34.98 -16.79 18.45
N LEU B 210 35.43 -15.55 18.32
CA LEU B 210 36.77 -15.29 17.81
C LEU B 210 37.81 -15.65 18.86
N MET B 211 38.85 -16.38 18.46
CA MET B 211 39.83 -16.91 19.39
CA MET B 211 39.83 -16.92 19.38
C MET B 211 41.18 -16.19 19.35
N ALA B 212 41.38 -15.26 18.43
CA ALA B 212 42.62 -14.50 18.38
C ALA B 212 42.36 -13.20 17.62
N LYS B 213 43.21 -12.22 17.86
CA LYS B 213 43.11 -10.97 17.14
C LYS B 213 43.30 -11.22 15.64
N SER B 214 42.56 -10.47 14.83
CA SER B 214 42.52 -10.75 13.40
C SER B 214 43.84 -10.39 12.73
N VAL B 215 44.10 -11.04 11.60
CA VAL B 215 45.22 -10.74 10.72
C VAL B 215 44.65 -10.00 9.51
N LYS B 216 45.30 -8.91 9.13
CA LYS B 216 44.81 -7.98 8.11
C LYS B 216 45.66 -8.09 6.85
N TYR B 217 45.00 -8.26 5.71
CA TYR B 217 45.63 -8.24 4.40
C TYR B 217 45.08 -7.06 3.62
N THR B 218 45.97 -6.21 3.12
CA THR B 218 45.59 -4.92 2.55
C THR B 218 45.85 -4.88 1.05
N VAL B 219 44.86 -4.39 0.30
CA VAL B 219 45.01 -4.06 -1.10
C VAL B 219 44.93 -2.54 -1.23
N ASN B 220 45.97 -1.93 -1.80
CA ASN B 220 45.95 -0.52 -2.13
C ASN B 220 45.48 -0.40 -3.58
N PHE B 221 44.25 0.10 -3.76
CA PHE B 221 43.68 0.19 -5.10
C PHE B 221 44.41 1.21 -5.98
N LEU B 222 45.09 2.17 -5.38
CA LEU B 222 45.87 3.12 -6.17
C LEU B 222 47.11 2.47 -6.78
N GLU B 223 47.67 1.47 -6.10
CA GLU B 223 48.91 0.84 -6.54
C GLU B 223 48.70 -0.54 -7.15
N ALA B 224 47.64 -1.25 -6.77
CA ALA B 224 47.47 -2.62 -7.22
C ALA B 224 47.16 -2.68 -8.70
N LYS B 225 47.58 -3.77 -9.33
CA LYS B 225 47.25 -4.08 -10.71
C LYS B 225 46.17 -5.14 -10.76
N GLU B 226 45.53 -5.25 -11.92
CA GLU B 226 44.42 -6.19 -12.10
C GLU B 226 44.87 -7.62 -11.79
N GLY B 227 45.97 -8.05 -12.40
CA GLY B 227 46.46 -9.39 -12.22
C GLY B 227 46.87 -9.72 -10.80
N ASP B 228 47.06 -8.70 -9.96
CA ASP B 228 47.35 -8.94 -8.55
C ASP B 228 46.21 -9.69 -7.86
N LEU B 229 44.98 -9.57 -8.37
CA LEU B 229 43.85 -10.19 -7.71
C LEU B 229 43.58 -11.61 -8.17
N HIS B 230 44.28 -12.09 -9.20
CA HIS B 230 44.08 -13.46 -9.67
C HIS B 230 44.55 -14.49 -8.66
N ARG B 231 45.60 -14.16 -7.89
CA ARG B 231 46.18 -15.06 -6.92
C ARG B 231 46.53 -14.26 -5.68
N ILE B 232 45.82 -14.51 -4.58
CA ILE B 232 45.99 -13.74 -3.35
C ILE B 232 46.44 -14.70 -2.26
N GLU B 233 47.65 -14.51 -1.76
CA GLU B 233 48.18 -15.35 -0.69
C GLU B 233 48.21 -14.53 0.59
N ILE B 234 47.51 -15.01 1.61
CA ILE B 234 47.39 -14.34 2.90
C ILE B 234 48.00 -15.27 3.94
N PRO B 235 49.26 -15.05 4.31
CA PRO B 235 49.83 -15.78 5.45
C PRO B 235 49.19 -15.29 6.73
N PHE B 236 49.11 -16.18 7.71
CA PHE B 236 48.58 -15.80 9.01
C PHE B 236 49.34 -16.52 10.11
N LYS B 237 49.52 -15.82 11.22
CA LYS B 237 50.11 -16.36 12.44
C LYS B 237 49.31 -15.76 13.59
N PHE B 238 48.29 -16.48 14.04
CA PHE B 238 47.43 -16.03 15.13
C PHE B 238 48.03 -16.46 16.46
N HIS B 239 48.03 -15.54 17.41
CA HIS B 239 48.43 -15.83 18.78
C HIS B 239 47.14 -15.98 19.60
N MET B 240 46.84 -17.22 19.98
CA MET B 240 45.52 -17.54 20.52
C MET B 240 45.29 -16.84 21.85
N LEU B 241 44.16 -16.15 21.96
CA LEU B 241 43.76 -15.51 23.20
C LEU B 241 42.88 -16.40 24.07
N HIS B 242 42.37 -17.49 23.53
CA HIS B 242 41.53 -18.41 24.28
C HIS B 242 41.92 -19.85 23.94
N SER B 243 41.58 -20.76 24.84
CA SER B 243 41.84 -22.18 24.66
C SER B 243 40.57 -22.86 24.19
N GLY B 244 40.70 -23.69 23.16
CA GLY B 244 39.56 -24.45 22.68
C GLY B 244 39.84 -25.06 21.33
N LEU B 245 38.79 -25.62 20.73
CA LEU B 245 38.87 -26.14 19.38
C LEU B 245 38.63 -25.02 18.38
N VAL B 246 39.41 -25.02 17.31
CA VAL B 246 39.27 -24.08 16.21
C VAL B 246 38.61 -24.81 15.06
N HIS B 247 37.41 -24.39 14.70
CA HIS B 247 36.66 -25.03 13.63
C HIS B 247 36.86 -24.37 12.28
N GLY B 248 37.46 -23.19 12.22
CA GLY B 248 37.76 -22.59 10.94
C GLY B 248 38.16 -21.12 11.10
N LEU B 249 38.11 -20.43 9.97
CA LEU B 249 38.51 -19.02 9.89
C LEU B 249 37.31 -18.16 9.50
N ALA B 250 37.21 -17.01 10.15
CA ALA B 250 36.19 -16.00 9.89
C ALA B 250 36.81 -14.83 9.13
N PHE B 251 36.08 -14.35 8.13
CA PHE B 251 36.52 -13.31 7.22
C PHE B 251 35.52 -12.16 7.24
N TRP B 252 36.07 -10.95 7.31
CA TRP B 252 35.29 -9.73 7.06
C TRP B 252 36.20 -8.74 6.36
N PHE B 253 35.67 -7.56 6.04
CA PHE B 253 36.50 -6.57 5.36
C PHE B 253 36.05 -5.16 5.69
N ASP B 254 36.99 -4.23 5.51
CA ASP B 254 36.74 -2.80 5.54
C ASP B 254 37.33 -2.18 4.27
N VAL B 255 36.80 -1.03 3.89
CA VAL B 255 37.40 -0.22 2.83
C VAL B 255 37.51 1.21 3.33
N ALA B 256 38.56 1.89 2.89
CA ALA B 256 38.83 3.26 3.29
C ALA B 256 38.80 4.16 2.06
N PHE B 257 38.03 5.25 2.17
CA PHE B 257 38.02 6.36 1.24
C PHE B 257 38.96 7.41 1.81
N ILE B 258 40.13 7.54 1.22
CA ILE B 258 41.17 8.44 1.73
C ILE B 258 41.10 9.71 0.88
N GLY B 259 40.33 10.69 1.35
CA GLY B 259 40.16 11.94 0.65
C GLY B 259 41.06 13.04 1.18
N SER B 260 41.05 14.16 0.45
CA SER B 260 41.92 15.28 0.81
C SER B 260 41.56 15.83 2.19
N ILE B 261 40.27 15.86 2.53
CA ILE B 261 39.87 16.43 3.81
C ILE B 261 39.97 15.40 4.93
N MET B 262 39.52 14.16 4.69
CA MET B 262 39.48 13.16 5.74
C MET B 262 39.35 11.77 5.12
N THR B 263 39.58 10.77 5.96
CA THR B 263 39.41 9.38 5.58
C THR B 263 38.13 8.85 6.21
N VAL B 264 37.29 8.19 5.41
CA VAL B 264 36.04 7.60 5.86
C VAL B 264 36.11 6.09 5.68
N TRP B 265 35.76 5.35 6.73
CA TRP B 265 35.81 3.90 6.69
C TRP B 265 34.42 3.30 6.52
N LEU B 266 34.32 2.27 5.70
CA LEU B 266 33.16 1.41 5.62
C LEU B 266 33.60 0.03 6.10
N SER B 267 33.05 -0.42 7.22
CA SER B 267 33.46 -1.66 7.87
C SER B 267 32.32 -2.66 7.86
N THR B 268 32.65 -3.92 7.57
CA THR B 268 31.71 -5.04 7.68
C THR B 268 32.08 -5.96 8.84
N ALA B 269 32.84 -5.45 9.81
CA ALA B 269 33.32 -6.26 10.92
C ALA B 269 32.15 -6.70 11.80
N PRO B 270 32.28 -7.85 12.47
CA PRO B 270 31.22 -8.30 13.40
C PRO B 270 31.06 -7.42 14.62
N THR B 271 31.99 -6.48 14.87
CA THR B 271 31.80 -5.50 15.92
C THR B 271 31.00 -4.29 15.46
N GLU B 272 30.68 -4.22 14.17
CA GLU B 272 29.95 -3.13 13.56
C GLU B 272 28.52 -3.55 13.24
N PRO B 273 27.63 -2.59 12.94
CA PRO B 273 26.27 -2.96 12.53
C PRO B 273 26.28 -3.87 11.31
N LEU B 274 25.30 -4.75 11.26
CA LEU B 274 25.25 -5.75 10.20
C LEU B 274 24.96 -5.10 8.85
N THR B 275 25.66 -5.58 7.83
CA THR B 275 25.43 -5.20 6.45
C THR B 275 24.97 -6.43 5.67
N HIS B 276 24.63 -6.23 4.41
CA HIS B 276 24.27 -7.35 3.55
C HIS B 276 25.48 -8.14 3.08
N TRP B 277 26.69 -7.68 3.40
CA TRP B 277 27.87 -8.51 3.22
C TRP B 277 28.03 -9.53 4.33
N TYR B 278 27.36 -9.32 5.47
CA TYR B 278 27.45 -10.21 6.64
C TYR B 278 28.90 -10.50 6.98
N GLN B 279 29.20 -11.74 7.32
CA GLN B 279 30.58 -12.21 7.44
C GLN B 279 30.64 -13.62 6.85
N VAL B 280 31.86 -14.06 6.53
CA VAL B 280 32.05 -15.34 5.86
C VAL B 280 32.89 -16.24 6.76
N ARG B 281 32.53 -17.51 6.84
CA ARG B 281 33.28 -18.46 7.66
C ARG B 281 33.61 -19.70 6.84
N CYS B 282 34.86 -20.09 6.86
CA CYS B 282 35.35 -21.28 6.19
C CYS B 282 35.76 -22.30 7.24
N LEU B 283 35.06 -23.42 7.28
CA LEU B 283 35.34 -24.45 8.27
C LEU B 283 36.58 -25.25 7.89
N PHE B 284 37.24 -25.79 8.91
CA PHE B 284 38.22 -26.85 8.71
C PHE B 284 37.50 -28.19 8.66
N GLN B 285 38.02 -29.11 7.84
CA GLN B 285 37.47 -30.46 7.81
C GLN B 285 37.56 -31.12 9.17
N SER B 286 38.65 -30.88 9.89
CA SER B 286 38.80 -31.34 11.26
C SER B 286 39.27 -30.18 12.12
N PRO B 287 38.65 -29.95 13.28
CA PRO B 287 39.07 -28.83 14.13
C PRO B 287 40.44 -29.06 14.73
N LEU B 288 41.05 -27.97 15.20
CA LEU B 288 42.38 -28.01 15.77
C LEU B 288 42.36 -27.48 17.21
N PHE B 289 42.90 -28.25 18.15
CA PHE B 289 42.91 -27.78 19.53
C PHE B 289 44.08 -26.84 19.75
N ALA B 290 43.78 -25.67 20.34
CA ALA B 290 44.81 -24.68 20.63
C ALA B 290 44.65 -24.22 22.06
N LYS B 291 45.76 -24.20 22.80
CA LYS B 291 45.80 -23.57 24.11
C LYS B 291 45.96 -22.06 23.96
N ALA B 292 45.44 -21.33 24.94
CA ALA B 292 45.67 -19.90 24.99
C ALA B 292 47.17 -19.64 25.10
N GLY B 293 47.72 -18.86 24.17
CA GLY B 293 49.14 -18.64 24.08
C GLY B 293 49.83 -19.43 22.98
N ASP B 294 49.18 -20.45 22.44
CA ASP B 294 49.73 -21.15 21.27
C ASP B 294 49.66 -20.23 20.04
N THR B 295 50.28 -20.69 18.95
CA THR B 295 50.25 -19.98 17.68
C THR B 295 49.66 -20.88 16.61
N LEU B 296 48.68 -20.37 15.89
CA LEU B 296 48.08 -21.04 14.74
C LEU B 296 48.62 -20.37 13.49
N SER B 297 49.46 -21.07 12.74
CA SER B 297 50.12 -20.51 11.58
C SER B 297 49.69 -21.24 10.32
N GLY B 298 49.65 -20.50 9.22
CA GLY B 298 49.26 -21.12 7.96
C GLY B 298 49.05 -20.09 6.87
N THR B 299 48.31 -20.50 5.84
CA THR B 299 48.11 -19.70 4.65
C THR B 299 46.69 -19.86 4.13
N CYS B 300 46.10 -18.76 3.70
CA CYS B 300 44.86 -18.75 2.93
C CYS B 300 45.18 -18.29 1.51
N LEU B 301 44.90 -19.13 0.53
CA LEU B 301 45.21 -18.85 -0.87
C LEU B 301 43.90 -18.75 -1.64
N LEU B 302 43.63 -17.56 -2.17
CA LEU B 302 42.45 -17.31 -3.00
C LEU B 302 42.88 -17.30 -4.45
N ILE B 303 42.32 -18.22 -5.24
CA ILE B 303 42.65 -18.38 -6.65
C ILE B 303 41.43 -18.01 -7.47
N ALA B 304 41.56 -17.01 -8.33
CA ALA B 304 40.44 -16.60 -9.17
C ALA B 304 40.01 -17.74 -10.08
N ASN B 305 38.71 -18.02 -10.13
CA ASN B 305 38.18 -19.12 -10.92
C ASN B 305 37.34 -18.57 -12.07
N LYS B 306 36.84 -19.49 -12.90
CA LYS B 306 36.11 -19.17 -14.12
C LYS B 306 34.63 -18.85 -13.87
N ARG B 307 34.22 -18.67 -12.62
CA ARG B 307 32.83 -18.38 -12.30
C ARG B 307 32.70 -17.08 -11.53
N GLN B 308 33.61 -16.13 -11.79
CA GLN B 308 33.62 -14.83 -11.12
C GLN B 308 33.67 -14.99 -9.61
N SER B 309 34.51 -15.90 -9.14
CA SER B 309 34.68 -16.13 -7.71
C SER B 309 36.09 -16.65 -7.48
N TYR B 310 36.33 -17.23 -6.31
CA TYR B 310 37.63 -17.76 -5.95
C TYR B 310 37.51 -19.16 -5.37
N ASP B 311 38.45 -20.03 -5.73
CA ASP B 311 38.74 -21.22 -4.95
C ASP B 311 39.58 -20.82 -3.75
N ILE B 312 39.18 -21.28 -2.57
CA ILE B 312 39.83 -20.93 -1.32
C ILE B 312 40.55 -22.17 -0.80
N SER B 313 41.87 -22.06 -0.62
CA SER B 313 42.67 -23.12 -0.03
C SER B 313 43.19 -22.62 1.30
N ILE B 314 42.85 -23.32 2.38
CA ILE B 314 43.26 -22.91 3.71
C ILE B 314 44.08 -24.03 4.33
N VAL B 315 45.28 -23.68 4.80
CA VAL B 315 46.17 -24.62 5.49
C VAL B 315 46.51 -24.00 6.84
N ALA B 316 46.26 -24.76 7.91
CA ALA B 316 46.50 -24.23 9.25
C ALA B 316 47.14 -25.30 10.12
N GLN B 317 47.98 -24.87 11.04
CA GLN B 317 48.61 -25.78 11.98
C GLN B 317 48.80 -25.09 13.31
N VAL B 318 48.67 -25.86 14.40
CA VAL B 318 49.05 -25.41 15.73
C VAL B 318 50.54 -25.70 15.86
N ASP B 319 51.34 -24.65 15.97
CA ASP B 319 52.79 -24.80 15.91
C ASP B 319 53.32 -25.66 17.05
N GLN B 320 52.78 -25.45 18.26
CA GLN B 320 53.30 -26.15 19.43
C GLN B 320 52.99 -27.65 19.42
N THR B 321 52.02 -28.10 18.62
CA THR B 321 51.64 -29.50 18.61
C THR B 321 51.80 -30.17 17.26
N GLY B 322 51.84 -29.42 16.16
CA GLY B 322 51.94 -30.00 14.84
C GLY B 322 50.63 -30.45 14.24
N SER B 323 49.53 -30.38 14.98
CA SER B 323 48.22 -30.68 14.43
C SER B 323 47.91 -29.73 13.28
N LYS B 324 47.42 -30.28 12.16
CA LYS B 324 47.22 -29.50 10.96
C LYS B 324 45.87 -29.85 10.33
N SER B 325 45.38 -28.92 9.52
CA SER B 325 44.14 -29.11 8.76
C SER B 325 44.27 -28.38 7.43
N SER B 326 43.72 -28.98 6.38
CA SER B 326 43.78 -28.47 5.01
C SER B 326 42.38 -28.55 4.40
N ASN B 327 41.91 -27.44 3.82
CA ASN B 327 40.52 -27.35 3.41
C ASN B 327 40.38 -26.54 2.13
N LEU B 328 39.49 -26.99 1.25
CA LEU B 328 39.23 -26.35 -0.03
C LEU B 328 37.76 -25.97 -0.12
N LEU B 329 37.51 -24.73 -0.52
CA LEU B 329 36.16 -24.19 -0.58
C LEU B 329 35.95 -23.48 -1.91
N ASP B 330 34.70 -23.41 -2.34
CA ASP B 330 34.32 -22.68 -3.55
C ASP B 330 33.39 -21.55 -3.15
N LEU B 331 33.87 -20.31 -3.30
CA LEU B 331 33.09 -19.14 -2.89
C LEU B 331 31.89 -18.87 -3.80
N LYS B 332 31.82 -19.50 -4.98
CA LYS B 332 30.69 -19.29 -5.87
C LYS B 332 29.44 -20.03 -5.40
N ASN B 333 29.57 -21.03 -4.52
CA ASN B 333 28.43 -21.71 -3.93
C ASN B 333 28.44 -21.57 -2.41
N PRO B 334 28.32 -20.36 -1.89
CA PRO B 334 28.27 -20.19 -0.44
C PRO B 334 26.94 -20.66 0.11
N PHE B 335 26.95 -20.99 1.39
CA PHE B 335 25.73 -21.35 2.10
C PHE B 335 25.28 -20.15 2.91
N PHE B 336 24.15 -19.56 2.54
N PHE B 336 24.14 -19.58 2.55
CA PHE B 336 23.60 -18.43 3.29
CA PHE B 336 23.57 -18.44 3.28
C PHE B 336 22.82 -19.00 4.47
C PHE B 336 22.80 -18.98 4.48
N ARG B 337 23.42 -18.92 5.66
CA ARG B 337 22.86 -19.50 6.86
C ARG B 337 22.04 -18.51 7.68
N TYR B 338 22.17 -17.20 7.40
CA TYR B 338 21.46 -16.19 8.17
C TYR B 338 19.94 -16.37 8.01
N THR B 339 19.24 -16.35 9.15
CA THR B 339 17.79 -16.51 9.14
C THR B 339 17.12 -15.45 10.03
N THR C 3 21.21 -16.31 -22.15
CA THR C 3 21.17 -17.11 -23.38
C THR C 3 20.79 -18.55 -23.06
N GLU C 4 20.43 -19.32 -24.09
CA GLU C 4 19.99 -20.70 -23.88
C GLU C 4 21.14 -21.56 -23.35
N GLU C 5 22.32 -21.44 -23.95
CA GLU C 5 23.46 -22.24 -23.53
C GLU C 5 23.84 -21.94 -22.08
N SER C 6 23.89 -20.66 -21.71
CA SER C 6 24.28 -20.29 -20.36
C SER C 6 23.22 -20.69 -19.34
N SER C 7 21.95 -20.53 -19.68
CA SER C 7 20.88 -20.95 -18.78
C SER C 7 20.93 -22.46 -18.56
N ALA C 8 21.19 -23.22 -19.62
CA ALA C 8 21.34 -24.67 -19.46
C ALA C 8 22.53 -25.01 -18.59
N VAL C 9 23.66 -24.31 -18.78
CA VAL C 9 24.84 -24.56 -17.97
C VAL C 9 24.54 -24.33 -16.50
N GLN C 10 23.91 -23.19 -16.18
CA GLN C 10 23.55 -22.89 -14.80
C GLN C 10 22.58 -23.92 -14.24
N TYR C 11 21.59 -24.32 -15.04
CA TYR C 11 20.59 -25.29 -14.61
C TYR C 11 21.23 -26.61 -14.21
N PHE C 12 22.10 -27.14 -15.07
CA PHE C 12 22.70 -28.44 -14.77
C PHE C 12 23.73 -28.35 -13.66
N GLN C 13 24.45 -27.22 -13.56
CA GLN C 13 25.33 -27.03 -12.40
C GLN C 13 24.53 -27.01 -11.11
N PHE C 14 23.37 -26.35 -11.12
CA PHE C 14 22.49 -26.36 -9.96
C PHE C 14 22.09 -27.78 -9.59
N TYR C 15 21.73 -28.60 -10.58
CA TYR C 15 21.33 -29.97 -10.28
C TYR C 15 22.50 -30.90 -10.00
N GLY C 16 23.75 -30.44 -10.15
CA GLY C 16 24.87 -31.29 -9.78
C GLY C 16 25.08 -31.48 -8.28
N TYR C 17 24.39 -30.71 -7.44
CA TYR C 17 24.65 -30.69 -6.00
C TYR C 17 23.84 -31.75 -5.27
N LEU C 18 24.51 -32.50 -4.39
CA LEU C 18 23.84 -33.52 -3.61
C LEU C 18 22.80 -32.92 -2.67
N SER C 19 22.99 -31.67 -2.24
CA SER C 19 22.04 -31.03 -1.34
C SER C 19 20.68 -30.87 -1.99
N GLN C 20 20.65 -30.55 -3.29
CA GLN C 20 19.38 -30.48 -4.00
C GLN C 20 18.69 -31.83 -4.07
N GLN C 21 19.47 -32.90 -4.31
CA GLN C 21 18.90 -34.24 -4.27
C GLN C 21 18.30 -34.55 -2.92
N GLN C 22 19.01 -34.19 -1.84
CA GLN C 22 18.48 -34.42 -0.50
C GLN C 22 17.20 -33.64 -0.27
N ASN C 23 17.18 -32.37 -0.69
CA ASN C 23 16.00 -31.54 -0.46
C ASN C 23 14.78 -32.08 -1.21
N MET C 24 14.97 -32.52 -2.46
CA MET C 24 13.85 -33.07 -3.21
C MET C 24 13.43 -34.43 -2.65
N MET C 25 14.40 -35.26 -2.27
CA MET C 25 14.08 -36.60 -1.78
C MET C 25 13.46 -36.57 -0.40
N GLN C 26 13.79 -35.56 0.41
CA GLN C 26 13.19 -35.44 1.73
C GLN C 26 11.73 -34.98 1.68
N ASP C 27 11.24 -34.59 0.51
CA ASP C 27 9.81 -34.36 0.32
C ASP C 27 9.12 -35.72 0.30
N TYR C 28 8.43 -36.07 1.39
CA TYR C 28 7.88 -37.42 1.48
C TYR C 28 6.68 -37.60 0.55
N VAL C 29 5.95 -36.53 0.25
CA VAL C 29 4.83 -36.67 -0.67
C VAL C 29 5.33 -37.08 -2.05
N ARG C 30 6.33 -36.36 -2.56
CA ARG C 30 6.92 -36.67 -3.85
C ARG C 30 7.46 -38.10 -3.90
N THR C 31 8.42 -38.41 -3.03
CA THR C 31 9.10 -39.70 -3.08
C THR C 31 8.15 -40.85 -2.79
N GLY C 32 7.32 -40.69 -1.75
CA GLY C 32 6.38 -41.73 -1.38
C GLY C 32 5.33 -41.99 -2.45
N THR C 33 4.81 -40.92 -3.07
CA THR C 33 3.83 -41.10 -4.13
C THR C 33 4.43 -41.78 -5.34
N TYR C 34 5.67 -41.40 -5.71
CA TYR C 34 6.33 -42.08 -6.82
C TYR C 34 6.54 -43.55 -6.53
N GLN C 35 6.99 -43.88 -5.31
CA GLN C 35 7.20 -45.28 -4.97
C GLN C 35 5.88 -46.04 -4.97
N ARG C 36 4.81 -45.42 -4.48
N ARG C 36 4.81 -45.42 -4.47
CA ARG C 36 3.52 -46.10 -4.47
CA ARG C 36 3.51 -46.07 -4.46
C ARG C 36 3.02 -46.34 -5.89
C ARG C 36 3.03 -46.34 -5.88
N ALA C 37 3.15 -45.34 -6.77
CA ALA C 37 2.71 -45.49 -8.15
C ALA C 37 3.48 -46.61 -8.84
N ILE C 38 4.79 -46.68 -8.63
CA ILE C 38 5.58 -47.71 -9.29
C ILE C 38 5.31 -49.09 -8.70
N LEU C 39 5.34 -49.21 -7.38
CA LEU C 39 5.26 -50.52 -6.74
C LEU C 39 3.86 -51.11 -6.84
N GLN C 40 2.81 -50.28 -6.73
CA GLN C 40 1.45 -50.79 -6.83
C GLN C 40 1.07 -51.11 -8.28
N ASN C 41 1.83 -50.61 -9.25
CA ASN C 41 1.69 -51.00 -10.65
C ASN C 41 2.89 -51.85 -11.09
N HIS C 42 3.33 -52.74 -10.21
CA HIS C 42 4.56 -53.50 -10.43
C HIS C 42 4.54 -54.29 -11.74
N THR C 43 3.35 -54.75 -12.15
CA THR C 43 3.25 -55.50 -13.40
C THR C 43 3.53 -54.63 -14.62
N ASP C 44 3.42 -53.30 -14.49
CA ASP C 44 3.88 -52.41 -15.54
C ASP C 44 5.40 -52.32 -15.59
N PHE C 45 6.10 -52.91 -14.61
CA PHE C 45 7.55 -52.89 -14.58
C PHE C 45 8.17 -54.28 -14.55
N LYS C 46 7.45 -55.31 -14.10
CA LYS C 46 8.01 -56.65 -13.99
C LYS C 46 8.56 -57.12 -15.33
N ASP C 47 9.89 -57.35 -15.36
CA ASP C 47 10.60 -57.83 -16.56
C ASP C 47 10.44 -56.88 -17.74
N LYS C 48 10.31 -55.58 -17.48
CA LYS C 48 10.10 -54.59 -18.53
C LYS C 48 11.37 -53.78 -18.76
N ILE C 49 11.34 -52.95 -19.79
CA ILE C 49 12.43 -52.03 -20.11
C ILE C 49 11.98 -50.62 -19.75
N VAL C 50 12.78 -49.94 -18.95
CA VAL C 50 12.42 -48.68 -18.33
C VAL C 50 13.43 -47.61 -18.75
N LEU C 51 12.93 -46.44 -19.10
CA LEU C 51 13.76 -45.27 -19.33
C LEU C 51 13.45 -44.24 -18.25
N ASP C 52 14.45 -43.87 -17.46
CA ASP C 52 14.31 -42.85 -16.42
C ASP C 52 14.91 -41.56 -16.94
N VAL C 53 14.07 -40.55 -17.13
CA VAL C 53 14.48 -39.29 -17.75
C VAL C 53 14.84 -38.30 -16.66
N GLY C 54 16.10 -37.87 -16.65
CA GLY C 54 16.58 -37.00 -15.60
C GLY C 54 16.55 -37.67 -14.23
N CYS C 55 17.31 -38.76 -14.10
CA CYS C 55 17.21 -39.61 -12.93
C CYS C 55 17.83 -39.00 -11.68
N GLY C 56 18.71 -38.01 -11.84
CA GLY C 56 19.38 -37.46 -10.68
C GLY C 56 20.16 -38.53 -9.96
N SER C 57 19.88 -38.70 -8.66
CA SER C 57 20.54 -39.71 -7.86
C SER C 57 20.07 -41.12 -8.18
N GLY C 58 19.00 -41.28 -8.96
CA GLY C 58 18.55 -42.58 -9.42
C GLY C 58 17.39 -43.19 -8.68
N ILE C 59 16.72 -42.45 -7.80
CA ILE C 59 15.76 -43.05 -6.86
C ILE C 59 14.64 -43.76 -7.61
N LEU C 60 14.11 -43.14 -8.67
CA LEU C 60 13.02 -43.77 -9.43
C LEU C 60 13.49 -45.03 -10.13
N SER C 61 14.74 -45.05 -10.60
CA SER C 61 15.29 -46.28 -11.17
C SER C 61 15.32 -47.39 -10.13
N PHE C 62 15.63 -47.05 -8.88
CA PHE C 62 15.62 -48.05 -7.82
C PHE C 62 14.21 -48.53 -7.52
N PHE C 63 13.22 -47.64 -7.57
CA PHE C 63 11.83 -48.07 -7.43
C PHE C 63 11.44 -49.02 -8.54
N ALA C 64 11.83 -48.71 -9.78
CA ALA C 64 11.53 -49.60 -10.90
C ALA C 64 12.22 -50.96 -10.73
N ALA C 65 13.46 -50.96 -10.22
CA ALA C 65 14.15 -52.22 -9.96
C ALA C 65 13.45 -53.02 -8.88
N GLN C 66 12.98 -52.35 -7.82
CA GLN C 66 12.21 -53.04 -6.78
C GLN C 66 10.96 -53.68 -7.36
N ALA C 67 10.33 -53.01 -8.33
CA ALA C 67 9.14 -53.52 -9.00
C ALA C 67 9.44 -54.65 -9.98
N GLY C 68 10.71 -55.01 -10.19
CA GLY C 68 11.07 -56.12 -11.03
C GLY C 68 11.50 -55.79 -12.44
N ALA C 69 11.80 -54.53 -12.73
CA ALA C 69 12.23 -54.14 -14.07
C ALA C 69 13.51 -54.87 -14.46
N ARG C 70 13.50 -55.44 -15.67
CA ARG C 70 14.67 -56.20 -16.14
C ARG C 70 15.83 -55.27 -16.47
N LYS C 71 15.55 -54.15 -17.12
CA LYS C 71 16.60 -53.22 -17.53
C LYS C 71 16.07 -51.79 -17.45
N ILE C 72 16.83 -50.92 -16.82
CA ILE C 72 16.45 -49.53 -16.60
C ILE C 72 17.59 -48.63 -17.07
N TYR C 73 17.34 -47.84 -18.10
CA TYR C 73 18.31 -46.86 -18.57
C TYR C 73 18.02 -45.53 -17.90
N ALA C 74 18.95 -45.05 -17.08
CA ALA C 74 18.76 -43.87 -16.25
C ALA C 74 19.61 -42.74 -16.83
N VAL C 75 18.97 -41.83 -17.55
CA VAL C 75 19.66 -40.79 -18.30
C VAL C 75 19.72 -39.52 -17.45
N GLU C 76 20.93 -38.99 -17.28
CA GLU C 76 21.10 -37.76 -16.50
C GLU C 76 22.20 -36.93 -17.13
N ALA C 77 21.94 -35.63 -17.31
CA ALA C 77 22.89 -34.74 -17.96
C ALA C 77 23.81 -34.01 -16.98
N SER C 78 23.40 -33.85 -15.73
CA SER C 78 24.25 -33.20 -14.74
C SER C 78 25.35 -34.15 -14.28
N THR C 79 26.27 -33.61 -13.47
CA THR C 79 27.32 -34.44 -12.90
C THR C 79 26.78 -35.47 -11.91
N MET C 80 25.56 -35.26 -11.38
CA MET C 80 24.93 -36.22 -10.48
C MET C 80 24.92 -37.63 -11.06
N ALA C 81 25.03 -37.78 -12.38
CA ALA C 81 25.07 -39.09 -12.99
C ALA C 81 26.13 -39.96 -12.32
N GLN C 82 27.32 -39.41 -12.05
CA GLN C 82 28.36 -40.20 -11.41
CA GLN C 82 28.36 -40.19 -11.40
C GLN C 82 27.88 -40.75 -10.07
N HIS C 83 27.23 -39.90 -9.26
CA HIS C 83 26.74 -40.35 -7.96
C HIS C 83 25.73 -41.47 -8.14
N ALA C 84 24.86 -41.35 -9.15
CA ALA C 84 23.90 -42.42 -9.40
C ALA C 84 24.64 -43.74 -9.63
N GLU C 85 25.71 -43.72 -10.42
CA GLU C 85 26.43 -44.95 -10.69
C GLU C 85 26.97 -45.54 -9.38
N VAL C 86 27.48 -44.68 -8.50
CA VAL C 86 27.96 -45.17 -7.22
C VAL C 86 26.86 -45.94 -6.51
N LEU C 87 25.67 -45.33 -6.43
CA LEU C 87 24.55 -45.98 -5.74
C LEU C 87 24.12 -47.25 -6.44
N VAL C 88 24.25 -47.30 -7.78
CA VAL C 88 23.93 -48.53 -8.49
C VAL C 88 24.89 -49.64 -8.07
N LYS C 89 26.19 -49.32 -7.97
CA LYS C 89 27.17 -50.34 -7.60
C LYS C 89 27.01 -50.76 -6.15
N SER C 90 26.81 -49.79 -5.25
CA SER C 90 26.69 -50.11 -3.83
C SER C 90 25.38 -50.80 -3.49
N ASN C 91 24.37 -50.69 -4.35
CA ASN C 91 23.12 -51.42 -4.19
C ASN C 91 23.07 -52.69 -5.02
N ASN C 92 24.19 -53.07 -5.65
CA ASN C 92 24.32 -54.35 -6.34
C ASN C 92 23.26 -54.52 -7.44
N LEU C 93 23.03 -53.46 -8.20
CA LEU C 93 22.08 -53.46 -9.29
C LEU C 93 22.75 -53.13 -10.63
N THR C 94 24.04 -53.46 -10.76
CA THR C 94 24.77 -53.18 -11.99
C THR C 94 24.21 -53.93 -13.18
N ASP C 95 23.53 -55.05 -12.95
CA ASP C 95 22.99 -55.86 -14.02
C ASP C 95 21.62 -55.38 -14.50
N ARG C 96 21.04 -54.35 -13.88
CA ARG C 96 19.69 -53.94 -14.24
C ARG C 96 19.58 -52.44 -14.47
N ILE C 97 20.37 -51.62 -13.78
CA ILE C 97 20.33 -50.18 -13.91
C ILE C 97 21.60 -49.73 -14.64
N VAL C 98 21.41 -49.07 -15.78
CA VAL C 98 22.51 -48.56 -16.60
C VAL C 98 22.38 -47.05 -16.62
N VAL C 99 23.31 -46.36 -15.97
CA VAL C 99 23.33 -44.90 -15.99
C VAL C 99 23.91 -44.43 -17.32
N ILE C 100 23.22 -43.50 -17.96
CA ILE C 100 23.68 -42.92 -19.22
C ILE C 100 23.80 -41.42 -19.03
N PRO C 101 25.02 -40.90 -18.94
CA PRO C 101 25.21 -39.46 -18.78
C PRO C 101 24.95 -38.70 -20.06
N GLY C 102 24.39 -37.51 -19.93
CA GLY C 102 24.08 -36.66 -21.07
C GLY C 102 22.59 -36.37 -21.16
N LYS C 103 22.28 -35.48 -22.10
CA LYS C 103 20.88 -35.11 -22.33
C LYS C 103 20.15 -36.23 -23.07
N VAL C 104 18.90 -36.46 -22.67
CA VAL C 104 18.09 -37.50 -23.31
C VAL C 104 17.89 -37.20 -24.79
N GLU C 105 17.97 -35.93 -25.18
CA GLU C 105 17.86 -35.56 -26.59
C GLU C 105 19.08 -35.94 -27.40
N GLU C 106 20.21 -36.21 -26.75
CA GLU C 106 21.47 -36.47 -27.43
C GLU C 106 22.03 -37.88 -27.24
N VAL C 107 21.65 -38.57 -26.16
CA VAL C 107 22.21 -39.90 -25.87
C VAL C 107 21.61 -40.93 -26.81
N SER C 108 22.23 -42.11 -26.87
CA SER C 108 21.72 -43.23 -27.64
C SER C 108 21.36 -44.36 -26.68
N LEU C 109 20.10 -44.77 -26.71
CA LEU C 109 19.83 -45.98 -25.96
C LEU C 109 19.87 -47.18 -26.89
N PRO C 110 20.30 -48.36 -26.39
CA PRO C 110 20.43 -49.52 -27.27
C PRO C 110 19.12 -50.22 -27.59
N GLU C 111 17.98 -49.72 -27.09
CA GLU C 111 16.78 -50.55 -27.04
C GLU C 111 15.56 -49.66 -26.79
N GLN C 112 14.44 -50.02 -27.40
CA GLN C 112 13.18 -49.36 -27.10
C GLN C 112 12.64 -49.81 -25.75
N VAL C 113 11.98 -48.89 -25.05
CA VAL C 113 11.61 -49.11 -23.66
C VAL C 113 10.11 -49.34 -23.53
N ASP C 114 9.74 -50.18 -22.56
CA ASP C 114 8.34 -50.44 -22.29
C ASP C 114 7.68 -49.28 -21.57
N ILE C 115 8.40 -48.60 -20.67
CA ILE C 115 7.79 -47.50 -19.94
C ILE C 115 8.85 -46.43 -19.67
N ILE C 116 8.41 -45.17 -19.77
CA ILE C 116 9.25 -44.03 -19.42
C ILE C 116 8.77 -43.50 -18.07
N ILE C 117 9.69 -43.31 -17.14
CA ILE C 117 9.41 -42.68 -15.86
C ILE C 117 10.27 -41.44 -15.71
N SER C 118 9.69 -40.40 -15.12
CA SER C 118 10.43 -39.16 -14.90
C SER C 118 9.75 -38.34 -13.83
N GLU C 119 10.48 -37.34 -13.34
CA GLU C 119 9.96 -36.33 -12.42
C GLU C 119 10.24 -34.99 -13.09
N PRO C 120 9.45 -34.61 -14.08
CA PRO C 120 9.73 -33.40 -14.87
C PRO C 120 9.01 -32.14 -14.42
N MET C 121 8.30 -32.16 -13.29
CA MET C 121 7.44 -31.04 -12.92
C MET C 121 8.23 -29.95 -12.22
N GLY C 122 8.05 -28.71 -12.67
CA GLY C 122 8.55 -27.54 -11.98
C GLY C 122 7.43 -26.77 -11.31
N TYR C 123 7.77 -25.57 -10.87
CA TYR C 123 6.75 -24.64 -10.39
C TYR C 123 5.74 -24.39 -11.51
N MET C 124 4.45 -24.40 -11.14
CA MET C 124 3.34 -24.32 -12.10
C MET C 124 3.35 -25.49 -13.09
N LEU C 125 4.13 -26.54 -12.76
CA LEU C 125 4.30 -27.77 -13.53
C LEU C 125 5.11 -27.55 -14.81
N PHE C 126 5.26 -26.30 -15.22
CA PHE C 126 5.86 -25.99 -16.51
C PHE C 126 7.25 -25.39 -16.40
N ASN C 127 7.64 -24.93 -15.21
CA ASN C 127 8.97 -24.34 -15.05
C ASN C 127 10.05 -25.39 -15.30
N GLU C 128 11.18 -24.92 -15.81
CA GLU C 128 12.35 -25.67 -16.24
C GLU C 128 12.13 -26.34 -17.59
N ARG C 129 10.91 -26.33 -18.13
CA ARG C 129 10.61 -26.85 -19.47
C ARG C 129 11.01 -28.31 -19.65
N MET C 130 11.27 -29.00 -18.53
CA MET C 130 11.69 -30.40 -18.58
C MET C 130 10.63 -31.29 -19.21
N LEU C 131 9.36 -30.90 -19.15
CA LEU C 131 8.30 -31.65 -19.82
C LEU C 131 8.66 -31.88 -21.29
N GLU C 132 9.22 -30.86 -21.94
CA GLU C 132 9.64 -31.03 -23.34
C GLU C 132 10.59 -32.22 -23.47
N SER C 133 11.65 -32.23 -22.66
CA SER C 133 12.56 -33.37 -22.67
C SER C 133 11.80 -34.67 -22.43
N TYR C 134 10.88 -34.65 -21.47
CA TYR C 134 10.07 -35.83 -21.18
C TYR C 134 9.36 -36.30 -22.45
N LEU C 135 8.67 -35.38 -23.13
CA LEU C 135 7.97 -35.77 -24.36
C LEU C 135 8.96 -36.23 -25.42
N HIS C 136 10.14 -35.59 -25.47
CA HIS C 136 11.16 -36.00 -26.42
C HIS C 136 11.52 -37.47 -26.23
N ALA C 137 11.53 -37.92 -24.97
CA ALA C 137 11.94 -39.29 -24.69
C ALA C 137 11.00 -40.31 -25.33
N LYS C 138 9.82 -39.87 -25.78
CA LYS C 138 8.91 -40.78 -26.44
C LYS C 138 9.47 -41.35 -27.73
N LYS C 139 10.56 -40.79 -28.26
CA LYS C 139 11.19 -41.41 -29.41
C LYS C 139 11.72 -42.80 -29.08
N TYR C 140 11.98 -43.10 -27.81
CA TYR C 140 12.42 -44.43 -27.39
C TYR C 140 11.29 -45.32 -26.89
N LEU C 141 10.05 -44.84 -26.92
CA LEU C 141 8.94 -45.58 -26.32
C LEU C 141 8.34 -46.55 -27.33
N LYS C 142 8.11 -47.79 -26.88
CA LYS C 142 7.47 -48.79 -27.71
C LYS C 142 6.01 -48.41 -27.97
N PRO C 143 5.41 -48.93 -29.04
CA PRO C 143 4.03 -48.55 -29.36
C PRO C 143 3.03 -48.80 -28.25
N SER C 144 3.17 -49.92 -27.52
CA SER C 144 2.32 -50.19 -26.38
C SER C 144 2.82 -49.53 -25.09
N GLY C 145 3.75 -48.60 -25.20
CA GLY C 145 4.43 -48.07 -24.04
C GLY C 145 3.55 -47.20 -23.17
N ASN C 146 4.06 -46.94 -21.97
CA ASN C 146 3.38 -46.12 -20.98
C ASN C 146 4.35 -45.07 -20.44
N MET C 147 3.79 -44.08 -19.76
CA MET C 147 4.57 -43.00 -19.18
C MET C 147 4.09 -42.70 -17.77
N PHE C 148 5.04 -42.57 -16.86
CA PHE C 148 4.81 -42.23 -15.45
C PHE C 148 5.57 -40.96 -15.12
N PRO C 149 4.89 -39.82 -14.92
CA PRO C 149 3.43 -39.64 -14.87
C PRO C 149 2.76 -39.75 -16.24
N THR C 150 1.47 -40.07 -16.24
CA THR C 150 0.72 -40.19 -17.49
C THR C 150 0.08 -38.87 -17.90
N ILE C 151 -0.58 -38.18 -16.98
CA ILE C 151 -1.20 -36.90 -17.31
C ILE C 151 -0.85 -35.86 -16.27
N GLY C 152 -1.01 -34.59 -16.66
CA GLY C 152 -0.80 -33.47 -15.77
C GLY C 152 -1.93 -32.45 -15.83
N ASP C 153 -2.54 -32.15 -14.68
CA ASP C 153 -3.60 -31.16 -14.57
C ASP C 153 -3.03 -29.90 -13.94
N VAL C 154 -3.22 -28.77 -14.61
CA VAL C 154 -2.94 -27.45 -14.06
C VAL C 154 -4.27 -26.86 -13.59
N HIS C 155 -4.32 -26.45 -12.33
CA HIS C 155 -5.50 -25.82 -11.75
C HIS C 155 -5.23 -24.34 -11.54
N LEU C 156 -6.16 -23.52 -12.05
CA LEU C 156 -6.17 -22.08 -11.86
C LEU C 156 -7.39 -21.71 -11.03
N ALA C 157 -7.25 -20.66 -10.21
CA ALA C 157 -8.41 -20.21 -9.45
C ALA C 157 -8.18 -18.78 -8.99
N PRO C 158 -9.15 -17.88 -9.12
CA PRO C 158 -8.96 -16.52 -8.63
C PRO C 158 -8.85 -16.51 -7.11
N PHE C 159 -8.06 -15.56 -6.60
CA PHE C 159 -7.87 -15.47 -5.16
C PHE C 159 -7.94 -14.03 -4.70
N THR C 160 -8.25 -13.85 -3.42
CA THR C 160 -8.15 -12.56 -2.74
C THR C 160 -7.11 -12.69 -1.63
N ASP C 161 -6.09 -11.83 -1.69
CA ASP C 161 -5.09 -11.78 -0.62
C ASP C 161 -4.57 -10.34 -0.58
N GLU C 162 -5.20 -9.53 0.27
CA GLU C 162 -4.83 -8.12 0.33
C GLU C 162 -3.46 -7.94 0.96
N GLN C 163 -3.09 -8.80 1.91
CA GLN C 163 -1.78 -8.67 2.55
C GLN C 163 -0.65 -8.91 1.56
N LEU C 164 -0.79 -9.92 0.69
CA LEU C 164 0.23 -10.18 -0.31
C LEU C 164 0.36 -9.03 -1.30
N TYR C 165 -0.77 -8.53 -1.79
CA TYR C 165 -0.76 -7.39 -2.70
C TYR C 165 -0.09 -6.18 -2.05
N MET C 166 -0.41 -5.94 -0.77
CA MET C 166 0.19 -4.82 -0.06
C MET C 166 1.69 -5.03 0.13
N GLU C 167 2.12 -6.27 0.38
CA GLU C 167 3.56 -6.54 0.51
C GLU C 167 4.30 -6.17 -0.76
N GLN C 168 3.83 -6.70 -1.91
CA GLN C 168 4.53 -6.41 -3.16
C GLN C 168 4.45 -4.94 -3.53
N PHE C 169 3.29 -4.31 -3.30
CA PHE C 169 3.14 -2.90 -3.59
C PHE C 169 4.06 -2.05 -2.72
N THR C 170 4.16 -2.39 -1.43
CA THR C 170 5.06 -1.66 -0.54
C THR C 170 6.51 -1.81 -0.98
N LYS C 171 6.90 -3.01 -1.41
CA LYS C 171 8.24 -3.18 -1.97
C LYS C 171 8.47 -2.24 -3.14
N ALA C 172 7.50 -2.20 -4.08
CA ALA C 172 7.64 -1.33 -5.24
C ALA C 172 7.62 0.15 -4.87
N ASN C 173 7.01 0.50 -3.73
CA ASN C 173 6.90 1.89 -3.32
C ASN C 173 8.23 2.54 -2.96
N PHE C 174 9.30 1.75 -2.81
CA PHE C 174 10.62 2.34 -2.56
C PHE C 174 11.00 3.31 -3.66
N TRP C 175 10.63 3.01 -4.90
CA TRP C 175 11.01 3.80 -6.06
C TRP C 175 10.06 4.96 -6.32
N TYR C 176 9.15 5.25 -5.39
CA TYR C 176 8.34 6.46 -5.44
C TYR C 176 8.97 7.61 -4.67
N GLN C 177 10.07 7.37 -3.97
CA GLN C 177 10.68 8.41 -3.14
C GLN C 177 11.19 9.55 -4.00
N PRO C 178 10.87 10.81 -3.67
CA PRO C 178 11.42 11.92 -4.44
C PRO C 178 12.80 12.36 -3.99
N SER C 179 13.24 11.98 -2.80
CA SER C 179 14.50 12.46 -2.25
C SER C 179 15.26 11.37 -1.49
N PHE C 180 15.39 10.18 -2.09
CA PHE C 180 16.21 9.14 -1.44
C PHE C 180 17.67 9.58 -1.41
N HIS C 181 18.15 9.98 -0.23
CA HIS C 181 19.45 10.62 -0.09
C HIS C 181 19.59 11.81 -1.03
N GLY C 182 18.50 12.56 -1.18
CA GLY C 182 18.47 13.69 -2.07
C GLY C 182 18.31 13.38 -3.54
N VAL C 183 17.96 12.13 -3.88
CA VAL C 183 17.85 11.70 -5.27
C VAL C 183 16.40 11.33 -5.56
N ASP C 184 15.91 11.74 -6.73
CA ASP C 184 14.54 11.50 -7.13
C ASP C 184 14.46 10.18 -7.89
N LEU C 185 13.87 9.17 -7.26
CA LEU C 185 13.70 7.85 -7.87
C LEU C 185 12.34 7.66 -8.54
N SER C 186 11.42 8.61 -8.38
CA SER C 186 10.02 8.36 -8.73
C SER C 186 9.84 7.99 -10.20
N ALA C 187 10.71 8.49 -11.07
CA ALA C 187 10.57 8.22 -12.50
C ALA C 187 10.65 6.74 -12.83
N LEU C 188 11.24 5.92 -11.95
CA LEU C 188 11.35 4.50 -12.16
C LEU C 188 10.23 3.70 -11.49
N ARG C 189 9.36 4.36 -10.73
CA ARG C 189 8.40 3.63 -9.90
C ARG C 189 7.57 2.67 -10.74
N GLY C 190 7.02 3.15 -11.86
CA GLY C 190 6.29 2.31 -12.77
C GLY C 190 7.06 1.04 -13.08
N ALA C 191 8.29 1.20 -13.60
CA ALA C 191 9.11 0.04 -13.90
C ALA C 191 9.24 -0.86 -12.69
N ALA C 192 9.53 -0.26 -11.52
CA ALA C 192 9.64 -1.04 -10.30
C ALA C 192 8.40 -1.89 -10.08
N VAL C 193 7.23 -1.23 -10.13
CA VAL C 193 5.97 -1.96 -9.92
C VAL C 193 5.90 -3.13 -10.89
N ASP C 194 6.16 -2.85 -12.17
CA ASP C 194 6.11 -3.92 -13.17
C ASP C 194 7.00 -5.08 -12.75
N GLU C 195 8.25 -4.78 -12.41
CA GLU C 195 9.19 -5.85 -12.09
C GLU C 195 8.70 -6.66 -10.90
N TYR C 196 8.07 -6.00 -9.93
CA TYR C 196 7.64 -6.73 -8.76
C TYR C 196 6.42 -7.59 -9.06
N PHE C 197 5.55 -7.13 -9.96
CA PHE C 197 4.34 -7.89 -10.24
C PHE C 197 4.52 -8.86 -11.40
N ARG C 198 5.69 -8.86 -12.04
CA ARG C 198 6.08 -9.94 -12.94
C ARG C 198 6.57 -11.17 -12.18
N GLN C 199 6.77 -11.07 -10.87
CA GLN C 199 7.29 -12.16 -10.07
C GLN C 199 6.15 -13.08 -9.64
N PRO C 200 6.15 -14.35 -10.03
CA PRO C 200 5.24 -15.29 -9.39
C PRO C 200 5.60 -15.48 -7.92
N VAL C 201 4.59 -15.63 -7.09
CA VAL C 201 4.77 -15.79 -5.66
C VAL C 201 4.62 -17.27 -5.32
N VAL C 202 5.71 -17.91 -4.89
CA VAL C 202 5.72 -19.33 -4.59
C VAL C 202 5.60 -19.49 -3.08
N ASP C 203 4.44 -19.95 -2.63
CA ASP C 203 4.23 -20.31 -1.22
C ASP C 203 2.89 -21.04 -1.14
N THR C 204 2.43 -21.25 0.08
CA THR C 204 1.13 -21.87 0.32
C THR C 204 0.15 -20.86 0.91
N PHE C 205 -1.12 -21.25 0.96
CA PHE C 205 -2.17 -20.36 1.44
C PHE C 205 -3.35 -21.20 1.90
N ASP C 206 -4.22 -20.57 2.68
CA ASP C 206 -5.49 -21.18 3.03
C ASP C 206 -6.44 -21.14 1.83
N ILE C 207 -7.21 -22.22 1.65
CA ILE C 207 -8.13 -22.29 0.52
C ILE C 207 -9.27 -21.28 0.64
N ARG C 208 -9.44 -20.65 1.80
CA ARG C 208 -10.47 -19.64 1.97
C ARG C 208 -10.20 -18.38 1.16
N ILE C 209 -9.00 -18.23 0.59
CA ILE C 209 -8.73 -17.08 -0.26
C ILE C 209 -9.19 -17.30 -1.70
N LEU C 210 -9.59 -18.52 -2.06
CA LEU C 210 -10.04 -18.82 -3.41
C LEU C 210 -11.49 -18.37 -3.60
N MET C 211 -11.74 -17.65 -4.69
N MET C 211 -11.75 -17.65 -4.70
CA MET C 211 -13.05 -17.04 -4.94
CA MET C 211 -13.05 -17.04 -4.93
C MET C 211 -13.87 -17.78 -5.97
C MET C 211 -13.87 -17.78 -5.97
N ALA C 212 -13.37 -18.88 -6.53
CA ALA C 212 -14.13 -19.68 -7.47
C ALA C 212 -13.53 -21.08 -7.52
N LYS C 213 -14.31 -22.02 -8.02
CA LYS C 213 -13.81 -23.36 -8.24
C LYS C 213 -12.74 -23.32 -9.34
N SER C 214 -11.73 -24.16 -9.19
CA SER C 214 -10.60 -24.12 -10.10
C SER C 214 -11.01 -24.54 -11.51
N VAL C 215 -10.34 -23.96 -12.50
CA VAL C 215 -10.41 -24.38 -13.89
C VAL C 215 -9.21 -25.26 -14.16
N LYS C 216 -9.45 -26.40 -14.81
CA LYS C 216 -8.44 -27.43 -15.02
C LYS C 216 -8.02 -27.49 -16.47
N TYR C 217 -6.71 -27.49 -16.70
CA TYR C 217 -6.13 -27.65 -18.03
C TYR C 217 -5.27 -28.90 -18.02
N THR C 218 -5.57 -29.85 -18.89
CA THR C 218 -4.93 -31.16 -18.86
C THR C 218 -3.95 -31.30 -20.03
N VAL C 219 -2.78 -31.85 -19.72
CA VAL C 219 -1.79 -32.26 -20.72
C VAL C 219 -1.66 -33.77 -20.62
N ASN C 220 -1.90 -34.46 -21.73
CA ASN C 220 -1.76 -35.92 -21.80
C ASN C 220 -0.37 -36.22 -22.33
N PHE C 221 0.53 -36.64 -21.42
CA PHE C 221 1.92 -36.88 -21.81
C PHE C 221 2.04 -38.02 -22.80
N LEU C 222 1.11 -38.98 -22.79
CA LEU C 222 1.12 -40.04 -23.79
C LEU C 222 0.88 -39.48 -25.18
N GLU C 223 -0.06 -38.54 -25.32
CA GLU C 223 -0.47 -38.03 -26.62
C GLU C 223 0.29 -36.77 -27.03
N ALA C 224 0.69 -35.95 -26.06
CA ALA C 224 1.26 -34.65 -26.39
C ALA C 224 2.61 -34.80 -27.09
N LYS C 225 2.88 -33.87 -28.00
CA LYS C 225 4.15 -33.78 -28.68
C LYS C 225 4.98 -32.66 -28.09
N GLU C 226 6.30 -32.75 -28.30
CA GLU C 226 7.22 -31.79 -27.70
C GLU C 226 6.86 -30.36 -28.11
N GLY C 227 6.64 -30.13 -29.41
CA GLY C 227 6.36 -28.78 -29.88
C GLY C 227 5.12 -28.17 -29.26
N ASP C 228 4.18 -29.01 -28.83
CA ASP C 228 2.95 -28.50 -28.20
C ASP C 228 3.27 -27.59 -27.02
N LEU C 229 4.41 -27.81 -26.36
CA LEU C 229 4.73 -27.05 -25.17
C LEU C 229 5.42 -25.72 -25.46
N HIS C 230 5.62 -25.38 -26.73
CA HIS C 230 6.22 -24.08 -27.04
C HIS C 230 5.22 -22.95 -26.79
N ARG C 231 3.94 -23.18 -27.05
CA ARG C 231 2.89 -22.21 -26.80
CA ARG C 231 2.89 -22.21 -26.80
C ARG C 231 1.72 -22.93 -26.16
N ILE C 232 1.36 -22.53 -24.94
CA ILE C 232 0.30 -23.16 -24.17
C ILE C 232 -0.75 -22.11 -23.86
N GLU C 233 -1.96 -22.30 -24.38
CA GLU C 233 -3.05 -21.36 -24.16
C GLU C 233 -4.08 -22.03 -23.27
N ILE C 234 -4.37 -21.41 -22.13
CA ILE C 234 -5.31 -21.91 -21.14
C ILE C 234 -6.44 -20.90 -21.01
N PRO C 235 -7.57 -21.11 -21.69
CA PRO C 235 -8.72 -20.26 -21.46
C PRO C 235 -9.38 -20.60 -20.12
N PHE C 236 -10.09 -19.62 -19.57
CA PHE C 236 -10.76 -19.86 -18.31
C PHE C 236 -11.98 -18.96 -18.19
N LYS C 237 -13.00 -19.48 -17.52
CA LYS C 237 -14.23 -18.75 -17.23
C LYS C 237 -14.68 -19.21 -15.84
N PHE C 238 -14.31 -18.45 -14.82
CA PHE C 238 -14.68 -18.73 -13.45
C PHE C 238 -16.06 -18.15 -13.15
N HIS C 239 -16.86 -18.92 -12.43
CA HIS C 239 -18.12 -18.43 -11.89
C HIS C 239 -17.85 -18.02 -10.44
N MET C 240 -17.86 -16.70 -10.20
CA MET C 240 -17.42 -16.18 -8.92
C MET C 240 -18.38 -16.60 -7.81
N LEU C 241 -17.82 -17.21 -6.77
CA LEU C 241 -18.61 -17.69 -5.64
C LEU C 241 -18.65 -16.71 -4.48
N HIS C 242 -17.76 -15.72 -4.45
CA HIS C 242 -17.74 -14.70 -3.41
C HIS C 242 -17.51 -13.34 -4.04
N SER C 243 -18.02 -12.30 -3.37
CA SER C 243 -17.77 -10.93 -3.79
C SER C 243 -16.50 -10.41 -3.13
N GLY C 244 -15.80 -9.54 -3.86
CA GLY C 244 -14.61 -8.90 -3.32
C GLY C 244 -13.60 -8.63 -4.42
N LEU C 245 -12.37 -8.39 -3.99
CA LEU C 245 -11.28 -8.04 -4.89
C LEU C 245 -10.52 -9.31 -5.28
N VAL C 246 -10.40 -9.54 -6.58
CA VAL C 246 -9.53 -10.57 -7.12
C VAL C 246 -8.16 -9.93 -7.29
N HIS C 247 -7.19 -10.38 -6.50
CA HIS C 247 -5.83 -9.88 -6.58
C HIS C 247 -4.98 -10.66 -7.56
N GLY C 248 -5.49 -11.77 -8.09
CA GLY C 248 -4.75 -12.54 -9.07
C GLY C 248 -5.26 -13.97 -9.14
N LEU C 249 -4.47 -14.80 -9.81
CA LEU C 249 -4.81 -16.20 -10.03
C LEU C 249 -3.80 -17.10 -9.34
N ALA C 250 -4.30 -18.14 -8.67
CA ALA C 250 -3.48 -19.15 -8.04
C ALA C 250 -3.43 -20.40 -8.91
N PHE C 251 -2.27 -21.04 -8.91
CA PHE C 251 -1.95 -22.18 -9.74
C PHE C 251 -1.39 -23.29 -8.88
N TRP C 252 -1.88 -24.50 -9.13
CA TRP C 252 -1.26 -25.70 -8.60
C TRP C 252 -1.42 -26.79 -9.65
N PHE C 253 -0.91 -27.99 -9.36
CA PHE C 253 -0.97 -29.04 -10.37
C PHE C 253 -1.04 -30.41 -9.72
N ASP C 254 -1.65 -31.35 -10.45
CA ASP C 254 -1.65 -32.77 -10.13
C ASP C 254 -1.03 -33.52 -11.29
N VAL C 255 -0.45 -34.68 -11.00
CA VAL C 255 -0.03 -35.61 -12.03
C VAL C 255 -0.60 -36.99 -11.71
N ALA C 256 -1.05 -37.69 -12.74
CA ALA C 256 -1.63 -39.01 -12.57
C ALA C 256 -0.76 -40.04 -13.28
N PHE C 257 -0.31 -41.03 -12.51
CA PHE C 257 0.33 -42.25 -13.02
C PHE C 257 -0.80 -43.24 -13.28
N ILE C 258 -1.16 -43.38 -14.55
CA ILE C 258 -2.27 -44.24 -14.95
C ILE C 258 -1.66 -45.59 -15.33
N GLY C 259 -1.54 -46.47 -14.33
CA GLY C 259 -0.99 -47.79 -14.55
C GLY C 259 -2.05 -48.81 -14.92
N SER C 260 -1.60 -50.06 -15.10
CA SER C 260 -2.53 -51.15 -15.38
C SER C 260 -3.34 -51.53 -14.15
N ILE C 261 -2.67 -51.68 -13.00
CA ILE C 261 -3.36 -52.06 -11.77
C ILE C 261 -4.18 -50.89 -11.24
N MET C 262 -3.64 -49.69 -11.31
CA MET C 262 -4.13 -48.61 -10.46
C MET C 262 -3.67 -47.27 -11.00
N THR C 263 -4.48 -46.23 -10.75
CA THR C 263 -4.12 -44.86 -11.04
C THR C 263 -3.75 -44.17 -9.74
N VAL C 264 -2.53 -43.63 -9.67
CA VAL C 264 -2.02 -42.99 -8.46
C VAL C 264 -1.81 -41.51 -8.75
N TRP C 265 -2.33 -40.66 -7.87
CA TRP C 265 -2.26 -39.21 -8.03
C TRP C 265 -1.21 -38.60 -7.12
N LEU C 266 -0.45 -37.67 -7.67
CA LEU C 266 0.41 -36.78 -6.89
C LEU C 266 -0.15 -35.38 -7.01
N SER C 267 -0.60 -34.81 -5.89
CA SER C 267 -1.28 -33.53 -5.87
C SER C 267 -0.46 -32.50 -5.11
N THR C 268 -0.34 -31.31 -5.68
CA THR C 268 0.23 -30.15 -4.99
C THR C 268 -0.84 -29.11 -4.66
N ALA C 269 -2.09 -29.53 -4.58
CA ALA C 269 -3.20 -28.62 -4.32
C ALA C 269 -3.12 -28.07 -2.90
N PRO C 270 -3.65 -26.86 -2.67
CA PRO C 270 -3.68 -26.31 -1.30
C PRO C 270 -4.60 -27.07 -0.36
N THR C 271 -5.48 -27.93 -0.87
CA THR C 271 -6.27 -28.84 -0.04
C THR C 271 -5.52 -30.10 0.34
N GLU C 272 -4.24 -30.18 -0.03
CA GLU C 272 -3.42 -31.37 0.16
C GLU C 272 -2.18 -31.02 0.98
N PRO C 273 -1.51 -32.03 1.56
CA PRO C 273 -0.29 -31.74 2.31
C PRO C 273 0.75 -31.05 1.45
N LEU C 274 1.48 -30.13 2.07
CA LEU C 274 2.39 -29.26 1.33
C LEU C 274 3.54 -30.06 0.74
N THR C 275 3.96 -29.67 -0.46
CA THR C 275 5.16 -30.18 -1.11
C THR C 275 6.16 -29.05 -1.30
N HIS C 276 7.35 -29.39 -1.78
CA HIS C 276 8.33 -28.37 -2.12
C HIS C 276 7.94 -27.63 -3.40
N TRP C 277 6.91 -28.08 -4.12
CA TRP C 277 6.33 -27.28 -5.19
C TRP C 277 5.47 -26.16 -4.66
N TYR C 278 4.93 -26.29 -3.44
CA TYR C 278 4.02 -25.32 -2.86
C TYR C 278 2.87 -25.02 -3.80
N GLN C 279 2.52 -23.74 -3.94
CA GLN C 279 1.61 -23.26 -4.96
C GLN C 279 2.16 -21.94 -5.49
N VAL C 280 1.65 -21.49 -6.63
CA VAL C 280 2.18 -20.30 -7.30
C VAL C 280 1.04 -19.33 -7.56
N ARG C 281 1.20 -18.08 -7.13
CA ARG C 281 0.19 -17.06 -7.35
C ARG C 281 0.74 -15.95 -8.23
N CYS C 282 -0.04 -15.58 -9.24
CA CYS C 282 0.26 -14.46 -10.12
C CYS C 282 -0.64 -13.29 -9.74
N LEU C 283 -0.04 -12.18 -9.37
CA LEU C 283 -0.76 -11.00 -8.92
C LEU C 283 -1.09 -10.07 -10.09
N PHE C 284 -2.16 -9.31 -9.92
CA PHE C 284 -2.51 -8.24 -10.83
C PHE C 284 -2.03 -6.92 -10.22
N GLN C 285 -1.49 -6.05 -11.06
CA GLN C 285 -1.04 -4.74 -10.57
C GLN C 285 -2.22 -3.96 -10.01
N SER C 286 -3.38 -4.03 -10.67
CA SER C 286 -4.62 -3.49 -10.15
C SER C 286 -5.61 -4.63 -9.93
N PRO C 287 -6.09 -4.85 -8.71
CA PRO C 287 -7.07 -5.92 -8.49
C PRO C 287 -8.39 -5.62 -9.16
N LEU C 288 -9.14 -6.68 -9.46
CA LEU C 288 -10.43 -6.57 -10.13
C LEU C 288 -11.54 -6.81 -9.12
N PHE C 289 -12.44 -5.85 -8.97
CA PHE C 289 -13.61 -6.07 -8.13
C PHE C 289 -14.62 -6.93 -8.86
N ALA C 290 -15.11 -7.97 -8.20
CA ALA C 290 -16.12 -8.84 -8.76
C ALA C 290 -17.17 -9.15 -7.71
N LYS C 291 -18.38 -9.42 -8.16
CA LYS C 291 -19.47 -9.84 -7.29
C LYS C 291 -19.70 -11.35 -7.46
N ALA C 292 -20.24 -11.98 -6.42
CA ALA C 292 -20.65 -13.36 -6.54
C ALA C 292 -21.70 -13.49 -7.64
N GLY C 293 -21.57 -14.56 -8.44
CA GLY C 293 -22.42 -14.74 -9.59
C GLY C 293 -21.88 -14.16 -10.87
N ASP C 294 -20.87 -13.29 -10.80
CA ASP C 294 -20.22 -12.80 -12.01
C ASP C 294 -19.35 -13.90 -12.62
N THR C 295 -18.94 -13.67 -13.86
CA THR C 295 -18.00 -14.53 -14.56
C THR C 295 -16.71 -13.77 -14.79
N LEU C 296 -15.59 -14.39 -14.42
CA LEU C 296 -14.25 -13.86 -14.65
C LEU C 296 -13.63 -14.69 -15.76
N SER C 297 -13.44 -14.10 -16.93
CA SER C 297 -13.01 -14.86 -18.10
C SER C 297 -11.71 -14.29 -18.66
N GLY C 298 -10.94 -15.16 -19.31
CA GLY C 298 -9.70 -14.71 -19.92
C GLY C 298 -8.83 -15.87 -20.34
N THR C 299 -7.54 -15.57 -20.48
CA THR C 299 -6.58 -16.49 -21.06
C THR C 299 -5.22 -16.37 -20.37
N CYS C 300 -4.61 -17.51 -20.09
N CYS C 300 -4.61 -17.53 -20.09
CA CYS C 300 -3.23 -17.60 -19.64
CA CYS C 300 -3.23 -17.61 -19.63
C CYS C 300 -2.40 -18.20 -20.77
C CYS C 300 -2.40 -18.21 -20.76
N LEU C 301 -1.42 -17.44 -21.26
CA LEU C 301 -0.60 -17.85 -22.38
C LEU C 301 0.85 -18.03 -21.91
N LEU C 302 1.38 -19.24 -22.10
CA LEU C 302 2.75 -19.58 -21.77
C LEU C 302 3.53 -19.68 -23.07
N ILE C 303 4.55 -18.84 -23.23
CA ILE C 303 5.42 -18.86 -24.41
C ILE C 303 6.81 -19.27 -23.94
N ALA C 304 7.33 -20.36 -24.50
CA ALA C 304 8.62 -20.88 -24.07
C ALA C 304 9.75 -19.94 -24.48
N ASN C 305 10.61 -19.60 -23.53
CA ASN C 305 11.75 -18.74 -23.80
C ASN C 305 13.05 -19.52 -23.64
N LYS C 306 14.16 -18.86 -23.99
CA LYS C 306 15.47 -19.48 -24.00
C LYS C 306 16.11 -19.55 -22.62
N ARG C 307 15.36 -19.33 -21.54
CA ARG C 307 15.86 -19.44 -20.19
C ARG C 307 15.31 -20.66 -19.47
N GLN C 308 14.91 -21.68 -20.24
CA GLN C 308 14.27 -22.88 -19.70
C GLN C 308 13.10 -22.51 -18.81
N SER C 309 12.24 -21.65 -19.34
CA SER C 309 11.08 -21.16 -18.61
C SER C 309 10.09 -20.57 -19.61
N TYR C 310 9.03 -19.98 -19.09
CA TYR C 310 7.96 -19.43 -19.92
C TYR C 310 7.73 -17.96 -19.58
N ASP C 311 7.57 -17.16 -20.63
CA ASP C 311 6.95 -15.85 -20.48
C ASP C 311 5.44 -16.06 -20.37
N ILE C 312 4.85 -15.55 -19.30
CA ILE C 312 3.45 -15.80 -19.00
C ILE C 312 2.68 -14.50 -19.23
N SER C 313 1.58 -14.61 -19.97
CA SER C 313 0.64 -13.51 -20.12
C SER C 313 -0.69 -13.94 -19.53
N ILE C 314 -1.28 -13.11 -18.68
CA ILE C 314 -2.57 -13.43 -18.08
C ILE C 314 -3.50 -12.26 -18.33
N VAL C 315 -4.55 -12.50 -19.11
CA VAL C 315 -5.57 -11.49 -19.40
C VAL C 315 -6.86 -11.98 -18.76
N ALA C 316 -7.42 -11.17 -17.86
CA ALA C 316 -8.65 -11.52 -17.17
C ALA C 316 -9.61 -10.33 -17.22
N GLN C 317 -10.90 -10.62 -17.15
CA GLN C 317 -11.89 -9.55 -17.13
C GLN C 317 -13.15 -10.03 -16.45
N VAL C 318 -13.77 -9.12 -15.70
CA VAL C 318 -15.11 -9.32 -15.16
C VAL C 318 -16.09 -8.99 -16.28
N ASP C 319 -16.75 -10.01 -16.82
CA ASP C 319 -17.56 -9.83 -18.01
C ASP C 319 -18.72 -8.88 -17.78
N GLN C 320 -19.22 -8.80 -16.55
CA GLN C 320 -20.38 -7.96 -16.27
C GLN C 320 -20.06 -6.47 -16.39
N THR C 321 -18.82 -6.08 -16.09
CA THR C 321 -18.43 -4.67 -16.09
C THR C 321 -17.38 -4.32 -17.12
N GLY C 322 -16.82 -5.30 -17.84
CA GLY C 322 -15.73 -5.02 -18.74
C GLY C 322 -14.44 -4.63 -18.05
N SER C 323 -14.33 -4.82 -16.75
CA SER C 323 -13.11 -4.50 -16.02
C SER C 323 -12.04 -5.52 -16.36
N LYS C 324 -10.94 -5.04 -16.94
CA LYS C 324 -9.93 -5.89 -17.57
C LYS C 324 -8.58 -5.70 -16.89
N SER C 325 -7.79 -6.76 -16.88
CA SER C 325 -6.44 -6.75 -16.30
C SER C 325 -5.53 -7.60 -17.17
N SER C 326 -4.44 -7.00 -17.66
CA SER C 326 -3.43 -7.69 -18.44
C SER C 326 -2.13 -7.68 -17.66
N ASN C 327 -1.50 -8.85 -17.53
CA ASN C 327 -0.32 -8.98 -16.71
C ASN C 327 0.72 -9.84 -17.41
N LEU C 328 1.99 -9.52 -17.18
CA LEU C 328 3.11 -10.34 -17.61
C LEU C 328 3.79 -10.91 -16.38
N LEU C 329 4.27 -12.15 -16.51
CA LEU C 329 5.00 -12.80 -15.43
C LEU C 329 6.22 -13.52 -15.99
N ASP C 330 7.35 -13.30 -15.35
CA ASP C 330 8.61 -13.96 -15.70
C ASP C 330 8.79 -15.12 -14.72
N LEU C 331 8.60 -16.33 -15.21
CA LEU C 331 8.80 -17.53 -14.40
C LEU C 331 10.29 -17.83 -14.11
N LYS C 332 11.18 -16.90 -14.45
CA LYS C 332 12.59 -16.98 -14.13
C LYS C 332 13.00 -16.02 -13.01
N ASN C 333 12.04 -15.47 -12.30
CA ASN C 333 12.32 -14.59 -11.16
C ASN C 333 11.20 -14.71 -10.14
N PRO C 334 11.10 -15.87 -9.49
CA PRO C 334 10.03 -16.09 -8.52
C PRO C 334 10.32 -15.50 -7.15
N PHE C 335 9.26 -15.04 -6.50
CA PHE C 335 9.35 -14.59 -5.12
C PHE C 335 8.97 -15.75 -4.21
N PHE C 336 9.99 -16.33 -3.55
CA PHE C 336 9.78 -17.42 -2.59
C PHE C 336 9.39 -16.79 -1.26
N ARG C 337 8.10 -16.81 -0.96
CA ARG C 337 7.54 -16.24 0.26
C ARG C 337 7.55 -17.23 1.42
N TYR C 338 7.99 -18.47 1.17
CA TYR C 338 8.08 -19.54 2.17
C TYR C 338 6.70 -20.00 2.62
N THR D 3 -15.20 34.44 -1.18
CA THR D 3 -15.24 33.10 -0.57
C THR D 3 -15.26 33.20 0.95
N GLU D 4 -14.93 34.37 1.49
CA GLU D 4 -14.90 34.54 2.93
C GLU D 4 -16.31 34.64 3.51
N GLU D 5 -17.18 35.39 2.84
CA GLU D 5 -18.53 35.63 3.38
C GLU D 5 -19.35 34.35 3.42
N SER D 6 -19.27 33.52 2.37
CA SER D 6 -20.08 32.30 2.32
C SER D 6 -19.68 31.32 3.42
N SER D 7 -18.38 31.10 3.58
CA SER D 7 -17.93 30.18 4.62
C SER D 7 -18.17 30.76 6.00
N ALA D 8 -18.14 32.09 6.14
CA ALA D 8 -18.50 32.70 7.42
C ALA D 8 -19.97 32.45 7.75
N VAL D 9 -20.84 32.57 6.75
CA VAL D 9 -22.26 32.30 6.94
C VAL D 9 -22.46 30.85 7.38
N GLN D 10 -21.78 29.92 6.69
CA GLN D 10 -21.90 28.51 7.06
C GLN D 10 -21.36 28.26 8.46
N TYR D 11 -20.27 28.93 8.83
CA TYR D 11 -19.65 28.76 10.15
C TYR D 11 -20.61 29.19 11.26
N PHE D 12 -21.20 30.38 11.13
CA PHE D 12 -22.09 30.84 12.18
C PHE D 12 -23.41 30.06 12.19
N GLN D 13 -23.88 29.61 11.02
CA GLN D 13 -25.03 28.73 10.99
C GLN D 13 -24.74 27.42 11.72
N PHE D 14 -23.53 26.88 11.52
CA PHE D 14 -23.12 25.66 12.22
C PHE D 14 -23.12 25.87 13.73
N TYR D 15 -22.64 27.02 14.19
CA TYR D 15 -22.61 27.27 15.62
C TYR D 15 -23.94 27.78 16.17
N GLY D 16 -24.95 27.95 15.34
CA GLY D 16 -26.27 28.27 15.85
C GLY D 16 -27.02 27.11 16.49
N TYR D 17 -26.50 25.89 16.39
CA TYR D 17 -27.22 24.69 16.80
C TYR D 17 -26.93 24.32 18.25
N LEU D 18 -27.98 24.06 19.02
CA LEU D 18 -27.82 23.62 20.41
C LEU D 18 -27.04 22.32 20.50
N SER D 19 -27.19 21.44 19.52
CA SER D 19 -26.50 20.15 19.58
C SER D 19 -24.99 20.33 19.57
N GLN D 20 -24.48 21.32 18.83
CA GLN D 20 -23.05 21.61 18.86
C GLN D 20 -22.62 22.11 20.23
N GLN D 21 -23.42 23.00 20.84
CA GLN D 21 -23.14 23.44 22.20
C GLN D 21 -23.08 22.26 23.16
N GLN D 22 -24.03 21.33 23.02
CA GLN D 22 -24.02 20.14 23.88
C GLN D 22 -22.78 19.30 23.65
N ASN D 23 -22.40 19.10 22.39
CA ASN D 23 -21.21 18.30 22.08
C ASN D 23 -19.96 18.91 22.68
N MET D 24 -19.84 20.23 22.61
CA MET D 24 -18.65 20.89 23.16
C MET D 24 -18.68 20.91 24.69
N MET D 25 -19.86 21.14 25.27
CA MET D 25 -19.97 21.19 26.73
C MET D 25 -19.80 19.81 27.35
N GLN D 26 -20.16 18.75 26.63
CA GLN D 26 -19.99 17.39 27.13
C GLN D 26 -18.53 16.95 27.17
N ASP D 27 -17.63 17.70 26.54
CA ASP D 27 -16.19 17.50 26.71
C ASP D 27 -15.81 17.99 28.10
N TYR D 28 -15.63 17.05 29.04
CA TYR D 28 -15.41 17.45 30.43
C TYR D 28 -14.04 18.06 30.63
N VAL D 29 -13.05 17.69 29.80
CA VAL D 29 -11.74 18.33 29.92
C VAL D 29 -11.85 19.82 29.63
N ARG D 30 -12.49 20.17 28.50
CA ARG D 30 -12.69 21.57 28.15
C ARG D 30 -13.45 22.32 29.25
N THR D 31 -14.67 21.87 29.54
CA THR D 31 -15.55 22.60 30.46
C THR D 31 -14.96 22.66 31.87
N GLY D 32 -14.47 21.51 32.36
CA GLY D 32 -13.94 21.46 33.71
C GLY D 32 -12.64 22.24 33.87
N THR D 33 -11.76 22.18 32.86
CA THR D 33 -10.54 22.96 32.93
C THR D 33 -10.84 24.45 32.90
N TYR D 34 -11.79 24.88 32.06
CA TYR D 34 -12.16 26.29 32.05
C TYR D 34 -12.74 26.72 33.39
N GLN D 35 -13.64 25.91 33.97
CA GLN D 35 -14.21 26.28 35.26
C GLN D 35 -13.14 26.31 36.35
N ARG D 36 -12.21 25.37 36.32
CA ARG D 36 -11.12 25.39 37.29
C ARG D 36 -10.25 26.63 37.12
N ALA D 37 -9.90 26.95 35.89
CA ALA D 37 -9.06 28.12 35.62
C ALA D 37 -9.73 29.40 36.11
N ILE D 38 -11.04 29.50 35.94
CA ILE D 38 -11.75 30.71 36.33
C ILE D 38 -11.97 30.75 37.85
N LEU D 39 -12.42 29.63 38.43
CA LEU D 39 -12.81 29.63 39.83
C LEU D 39 -11.59 29.68 40.76
N GLN D 40 -10.52 28.95 40.43
CA GLN D 40 -9.34 28.97 41.28
C GLN D 40 -8.58 30.29 41.17
N ASN D 41 -8.86 31.08 40.14
CA ASN D 41 -8.33 32.43 39.98
C ASN D 41 -9.44 33.46 40.21
N HIS D 42 -10.27 33.21 41.23
CA HIS D 42 -11.43 34.05 41.48
C HIS D 42 -11.05 35.52 41.70
N THR D 43 -9.84 35.78 42.20
CA THR D 43 -9.42 37.16 42.42
C THR D 43 -9.26 37.92 41.11
N ASP D 44 -9.03 37.23 39.99
CA ASP D 44 -9.00 37.87 38.69
C ASP D 44 -10.39 38.21 38.16
N PHE D 45 -11.45 37.80 38.87
CA PHE D 45 -12.80 38.09 38.47
C PHE D 45 -13.61 38.84 39.53
N LYS D 46 -13.19 38.80 40.79
CA LYS D 46 -13.93 39.46 41.86
C LYS D 46 -14.10 40.95 41.57
N ASP D 47 -15.37 41.38 41.40
CA ASP D 47 -15.75 42.76 41.16
C ASP D 47 -15.15 43.32 39.86
N LYS D 48 -14.83 42.45 38.91
CA LYS D 48 -14.15 42.84 37.69
C LYS D 48 -15.14 42.99 36.53
N ILE D 49 -14.66 43.57 35.44
CA ILE D 49 -15.40 43.66 34.19
C ILE D 49 -14.80 42.64 33.22
N VAL D 50 -15.69 41.84 32.62
CA VAL D 50 -15.30 40.68 31.82
C VAL D 50 -15.89 40.81 30.43
N LEU D 51 -15.11 40.43 29.43
CA LEU D 51 -15.61 40.28 28.06
C LEU D 51 -15.47 38.81 27.66
N ASP D 52 -16.58 38.16 27.37
CA ASP D 52 -16.61 36.78 26.90
C ASP D 52 -16.78 36.79 25.39
N VAL D 53 -15.73 36.39 24.67
CA VAL D 53 -15.71 36.51 23.22
C VAL D 53 -16.17 35.20 22.60
N GLY D 54 -17.29 35.25 21.87
CA GLY D 54 -17.87 34.05 21.32
C GLY D 54 -18.41 33.15 22.40
N CYS D 55 -19.37 33.67 23.18
CA CYS D 55 -19.79 33.01 24.40
C CYS D 55 -20.63 31.76 24.15
N GLY D 56 -21.21 31.62 22.96
CA GLY D 56 -22.08 30.49 22.71
C GLY D 56 -23.26 30.49 23.66
N SER D 57 -23.47 29.36 24.33
CA SER D 57 -24.54 29.23 25.30
C SER D 57 -24.30 30.06 26.56
N GLY D 58 -23.10 30.61 26.73
CA GLY D 58 -22.79 31.51 27.82
C GLY D 58 -22.07 30.89 28.99
N ILE D 59 -21.61 29.64 28.89
CA ILE D 59 -21.14 28.90 30.05
C ILE D 59 -19.96 29.60 30.71
N LEU D 60 -19.01 30.12 29.92
CA LEU D 60 -17.86 30.79 30.50
C LEU D 60 -18.27 32.05 31.26
N SER D 61 -19.27 32.77 30.76
CA SER D 61 -19.78 33.93 31.49
C SER D 61 -20.39 33.52 32.81
N PHE D 62 -21.10 32.38 32.84
CA PHE D 62 -21.64 31.89 34.10
C PHE D 62 -20.51 31.53 35.06
N PHE D 63 -19.42 30.95 34.56
CA PHE D 63 -18.26 30.69 35.40
C PHE D 63 -17.69 31.99 35.96
N ALA D 64 -17.60 33.01 35.12
CA ALA D 64 -17.11 34.32 35.58
C ALA D 64 -18.00 34.87 36.68
N ALA D 65 -19.32 34.77 36.52
CA ALA D 65 -20.25 35.21 37.55
C ALA D 65 -20.07 34.41 38.83
N GLN D 66 -19.87 33.09 38.71
CA GLN D 66 -19.63 32.27 39.89
C GLN D 66 -18.41 32.73 40.66
N ALA D 67 -17.37 33.16 39.95
CA ALA D 67 -16.15 33.64 40.57
C ALA D 67 -16.23 35.09 41.04
N GLY D 68 -17.36 35.75 40.81
CA GLY D 68 -17.62 37.05 41.41
C GLY D 68 -17.57 38.26 40.51
N ALA D 69 -17.57 38.07 39.18
CA ALA D 69 -17.49 39.21 38.28
C ALA D 69 -18.66 40.17 38.46
N ARG D 70 -18.38 41.47 38.36
CA ARG D 70 -19.43 42.47 38.53
C ARG D 70 -20.29 42.62 37.28
N LYS D 71 -19.66 42.65 36.10
CA LYS D 71 -20.39 42.76 34.85
C LYS D 71 -19.64 42.00 33.77
N ILE D 72 -20.37 41.21 32.99
CA ILE D 72 -19.78 40.35 31.96
C ILE D 72 -20.47 40.64 30.63
N TYR D 73 -19.71 41.14 29.66
CA TYR D 73 -20.23 41.34 28.32
C TYR D 73 -19.96 40.08 27.51
N ALA D 74 -21.02 39.37 27.13
CA ALA D 74 -20.93 38.08 26.47
C ALA D 74 -21.36 38.28 25.02
N VAL D 75 -20.37 38.38 24.13
CA VAL D 75 -20.61 38.68 22.72
C VAL D 75 -20.77 37.37 21.95
N GLU D 76 -21.79 37.30 21.10
CA GLU D 76 -21.98 36.11 20.29
C GLU D 76 -22.66 36.47 18.97
N ALA D 77 -22.04 36.03 17.86
CA ALA D 77 -22.51 36.38 16.52
C ALA D 77 -23.55 35.42 15.97
N SER D 78 -23.60 34.18 16.46
CA SER D 78 -24.59 33.24 15.99
C SER D 78 -25.93 33.47 16.68
N THR D 79 -26.96 32.77 16.22
CA THR D 79 -28.26 32.84 16.86
C THR D 79 -28.24 32.29 18.28
N MET D 80 -27.19 31.56 18.65
CA MET D 80 -27.07 31.02 20.00
C MET D 80 -27.14 32.13 21.05
N ALA D 81 -26.81 33.36 20.67
CA ALA D 81 -26.93 34.48 21.60
C ALA D 81 -28.30 34.51 22.25
N GLN D 82 -29.36 34.30 21.46
CA GLN D 82 -30.70 34.34 22.05
C GLN D 82 -30.84 33.29 23.13
N HIS D 83 -30.37 32.07 22.86
CA HIS D 83 -30.46 31.02 23.88
C HIS D 83 -29.66 31.41 25.11
N ALA D 84 -28.49 32.02 24.91
CA ALA D 84 -27.70 32.48 26.05
C ALA D 84 -28.51 33.44 26.89
N GLU D 85 -29.22 34.38 26.26
CA GLU D 85 -30.03 35.32 27.03
C GLU D 85 -31.07 34.59 27.85
N VAL D 86 -31.70 33.57 27.26
CA VAL D 86 -32.67 32.77 28.02
C VAL D 86 -32.02 32.22 29.28
N LEU D 87 -30.82 31.65 29.14
CA LEU D 87 -30.14 31.08 30.31
C LEU D 87 -29.77 32.16 31.31
N VAL D 88 -29.47 33.37 30.84
CA VAL D 88 -29.15 34.45 31.78
C VAL D 88 -30.39 34.79 32.60
N LYS D 89 -31.57 34.76 31.98
CA LYS D 89 -32.78 35.12 32.72
C LYS D 89 -33.17 34.02 33.70
N SER D 90 -33.15 32.77 33.24
CA SER D 90 -33.57 31.65 34.08
C SER D 90 -32.60 31.37 35.21
N ASN D 91 -31.37 31.88 35.13
CA ASN D 91 -30.41 31.79 36.23
C ASN D 91 -30.32 33.07 37.04
N ASN D 92 -31.20 34.04 36.77
CA ASN D 92 -31.29 35.28 37.54
C ASN D 92 -29.96 36.02 37.62
N LEU D 93 -29.31 36.18 36.47
CA LEU D 93 -28.03 36.87 36.39
C LEU D 93 -28.10 38.05 35.43
N THR D 94 -29.30 38.61 35.24
CA THR D 94 -29.47 39.74 34.33
C THR D 94 -28.70 40.97 34.79
N ASP D 95 -28.46 41.11 36.08
CA ASP D 95 -27.69 42.25 36.57
C ASP D 95 -26.19 42.07 36.41
N ARG D 96 -25.73 40.90 36.00
CA ARG D 96 -24.30 40.62 35.88
C ARG D 96 -23.86 40.18 34.50
N ILE D 97 -24.69 39.48 33.74
CA ILE D 97 -24.33 39.00 32.41
C ILE D 97 -25.17 39.74 31.38
N VAL D 98 -24.50 40.44 30.47
CA VAL D 98 -25.13 41.20 29.40
C VAL D 98 -24.75 40.54 28.08
N VAL D 99 -25.69 39.86 27.46
CA VAL D 99 -25.46 39.25 26.16
C VAL D 99 -25.50 40.34 25.09
N ILE D 100 -24.47 40.40 24.26
CA ILE D 100 -24.37 41.35 23.17
C ILE D 100 -24.30 40.56 21.87
N PRO D 101 -25.40 40.54 21.10
CA PRO D 101 -25.39 39.81 19.83
C PRO D 101 -24.58 40.53 18.78
N GLY D 102 -23.79 39.77 18.04
CA GLY D 102 -23.03 40.29 16.93
C GLY D 102 -21.59 39.82 16.95
N LYS D 103 -20.85 40.24 15.94
CA LYS D 103 -19.43 39.95 15.86
C LYS D 103 -18.64 40.89 16.78
N VAL D 104 -17.63 40.33 17.45
CA VAL D 104 -16.85 41.13 18.39
C VAL D 104 -16.09 42.24 17.68
N GLU D 105 -15.89 42.13 16.37
CA GLU D 105 -15.21 43.17 15.61
C GLU D 105 -16.12 44.35 15.26
N GLU D 106 -17.42 44.24 15.50
CA GLU D 106 -18.38 45.25 15.04
C GLU D 106 -19.24 45.81 16.17
N VAL D 107 -19.48 45.06 17.24
CA VAL D 107 -20.36 45.55 18.30
C VAL D 107 -19.66 46.66 19.08
N SER D 108 -20.46 47.39 19.85
CA SER D 108 -19.96 48.43 20.73
C SER D 108 -20.09 47.98 22.18
N LEU D 109 -18.98 48.04 22.92
CA LEU D 109 -19.15 47.84 24.35
C LEU D 109 -19.19 49.18 25.05
N PRO D 110 -19.99 49.34 26.10
CA PRO D 110 -20.06 50.63 26.77
C PRO D 110 -18.87 50.95 27.66
N GLU D 111 -17.84 50.10 27.65
CA GLU D 111 -16.91 50.11 28.77
C GLU D 111 -15.71 49.22 28.44
N GLN D 112 -14.53 49.62 28.91
CA GLN D 112 -13.37 48.74 28.85
C GLN D 112 -13.49 47.65 29.93
N VAL D 113 -12.85 46.51 29.67
CA VAL D 113 -12.99 45.35 30.54
C VAL D 113 -11.66 45.05 31.22
N ASP D 114 -11.76 44.45 32.41
CA ASP D 114 -10.57 44.02 33.14
C ASP D 114 -9.98 42.75 32.55
N ILE D 115 -10.82 41.83 32.08
CA ILE D 115 -10.31 40.54 31.63
C ILE D 115 -11.15 40.06 30.44
N ILE D 116 -10.47 39.45 29.47
CA ILE D 116 -11.13 38.80 28.35
C ILE D 116 -11.06 37.30 28.57
N ILE D 117 -12.17 36.61 28.38
CA ILE D 117 -12.23 35.16 28.42
C ILE D 117 -12.81 34.67 27.11
N SER D 118 -12.35 33.50 26.67
CA SER D 118 -12.87 32.93 25.43
C SER D 118 -12.43 31.47 25.32
N GLU D 119 -13.09 30.76 24.41
CA GLU D 119 -12.68 29.42 23.98
C GLU D 119 -12.51 29.49 22.47
N PRO D 120 -11.39 30.01 21.99
CA PRO D 120 -11.18 30.19 20.54
C PRO D 120 -10.39 29.10 19.85
N MET D 121 -10.07 27.99 20.51
CA MET D 121 -9.20 26.99 19.91
C MET D 121 -9.95 26.10 18.94
N GLY D 122 -9.34 25.87 17.77
CA GLY D 122 -9.77 24.87 16.83
C GLY D 122 -8.77 23.74 16.71
N TYR D 123 -8.97 22.93 15.65
CA TYR D 123 -7.97 21.93 15.31
C TYR D 123 -6.62 22.59 15.07
N MET D 124 -5.56 21.98 15.60
CA MET D 124 -4.20 22.53 15.55
C MET D 124 -4.10 23.90 16.22
N LEU D 125 -5.10 24.22 17.07
CA LEU D 125 -5.25 25.46 17.81
C LEU D 125 -5.66 26.64 16.92
N PHE D 126 -5.45 26.53 15.60
CA PHE D 126 -5.59 27.68 14.74
C PHE D 126 -6.77 27.60 13.79
N ASN D 127 -7.31 26.40 13.56
CA ASN D 127 -8.46 26.25 12.67
C ASN D 127 -9.63 27.07 13.19
N GLU D 128 -10.46 27.53 12.25
CA GLU D 128 -11.58 28.46 12.39
C GLU D 128 -11.13 29.91 12.53
N ARG D 129 -9.82 30.17 12.69
CA ARG D 129 -9.25 31.53 12.73
C ARG D 129 -9.90 32.41 13.78
N MET D 130 -10.47 31.84 14.85
CA MET D 130 -11.12 32.68 15.85
C MET D 130 -10.14 33.33 16.81
N LEU D 131 -8.89 32.86 16.87
CA LEU D 131 -7.88 33.54 17.68
C LEU D 131 -7.67 34.97 17.18
N GLU D 132 -7.91 35.22 15.90
CA GLU D 132 -7.87 36.59 15.38
C GLU D 132 -8.95 37.45 16.02
N SER D 133 -10.16 36.92 16.15
CA SER D 133 -11.21 37.66 16.87
C SER D 133 -10.86 37.85 18.33
N TYR D 134 -10.27 36.82 18.96
CA TYR D 134 -9.84 36.92 20.35
C TYR D 134 -8.83 38.05 20.53
N LEU D 135 -7.84 38.13 19.64
CA LEU D 135 -6.84 39.20 19.70
C LEU D 135 -7.44 40.55 19.34
N HIS D 136 -8.42 40.57 18.43
CA HIS D 136 -9.08 41.82 18.06
C HIS D 136 -9.83 42.40 19.25
N ALA D 137 -10.43 41.54 20.07
CA ALA D 137 -11.14 41.98 21.25
C ALA D 137 -10.26 42.74 22.25
N LYS D 138 -8.93 42.69 22.08
CA LYS D 138 -8.03 43.40 22.99
C LYS D 138 -8.17 44.92 22.89
N LYS D 139 -8.85 45.43 21.86
CA LYS D 139 -9.14 46.86 21.81
C LYS D 139 -9.98 47.30 22.99
N TYR D 140 -10.73 46.38 23.60
CA TYR D 140 -11.54 46.68 24.78
C TYR D 140 -10.81 46.41 26.09
N LEU D 141 -9.56 45.96 26.04
CA LEU D 141 -8.85 45.52 27.23
C LEU D 141 -8.17 46.70 27.91
N LYS D 142 -8.38 46.83 29.22
CA LYS D 142 -7.68 47.84 29.99
C LYS D 142 -6.17 47.60 29.92
N PRO D 143 -5.36 48.67 30.04
CA PRO D 143 -3.92 48.58 29.74
C PRO D 143 -3.20 47.33 30.21
N SER D 144 -3.37 46.94 31.47
CA SER D 144 -2.74 45.75 32.02
C SER D 144 -3.74 44.65 32.29
N GLY D 145 -4.74 44.52 31.42
CA GLY D 145 -5.73 43.48 31.57
C GLY D 145 -5.19 42.10 31.29
N ASN D 146 -6.01 41.09 31.58
CA ASN D 146 -5.62 39.71 31.43
C ASN D 146 -6.48 39.02 30.37
N MET D 147 -6.00 37.87 29.91
CA MET D 147 -6.70 37.06 28.92
C MET D 147 -6.68 35.61 29.36
N PHE D 148 -7.85 34.98 29.31
CA PHE D 148 -8.05 33.57 29.65
C PHE D 148 -8.61 32.86 28.44
N PRO D 149 -7.82 32.06 27.71
CA PRO D 149 -6.44 31.64 28.02
C PRO D 149 -5.40 32.74 27.78
N THR D 150 -4.24 32.61 28.43
CA THR D 150 -3.19 33.61 28.32
C THR D 150 -2.21 33.27 27.21
N ILE D 151 -1.74 32.02 27.15
CA ILE D 151 -0.78 31.65 26.10
C ILE D 151 -1.23 30.35 25.46
N GLY D 152 -0.71 30.11 24.25
CA GLY D 152 -0.95 28.86 23.55
C GLY D 152 0.30 28.25 22.97
N ASP D 153 0.55 26.97 23.26
CA ASP D 153 1.68 26.23 22.74
C ASP D 153 1.18 25.23 21.71
N VAL D 154 1.71 25.30 20.49
CA VAL D 154 1.54 24.26 19.49
C VAL D 154 2.77 23.35 19.55
N HIS D 155 2.55 22.06 19.68
CA HIS D 155 3.61 21.08 19.69
C HIS D 155 3.58 20.30 18.37
N LEU D 156 4.76 20.17 17.75
CA LEU D 156 4.98 19.38 16.55
C LEU D 156 5.94 18.25 16.86
N ALA D 157 5.75 17.10 16.23
CA ALA D 157 6.69 16.00 16.43
C ALA D 157 6.60 15.01 15.28
N PRO D 158 7.70 14.53 14.73
CA PRO D 158 7.62 13.52 13.67
C PRO D 158 7.05 12.22 14.20
N PHE D 159 6.32 11.51 13.35
CA PHE D 159 5.71 10.25 13.74
C PHE D 159 5.95 9.20 12.67
N THR D 160 5.88 7.94 13.09
CA THR D 160 5.86 6.80 12.18
C THR D 160 4.53 6.07 12.33
N ASP D 161 3.81 5.91 11.23
CA ASP D 161 2.56 5.15 11.24
C ASP D 161 2.38 4.60 9.82
N GLU D 162 2.80 3.35 9.63
CA GLU D 162 2.71 2.75 8.30
C GLU D 162 1.26 2.46 7.93
N GLN D 163 0.43 2.09 8.91
CA GLN D 163 -0.96 1.74 8.61
C GLN D 163 -1.74 2.94 8.07
N LEU D 164 -1.59 4.11 8.72
CA LEU D 164 -2.28 5.31 8.23
C LEU D 164 -1.80 5.69 6.84
N TYR D 165 -0.48 5.64 6.63
CA TYR D 165 0.07 5.97 5.32
C TYR D 165 -0.49 5.04 4.25
N MET D 166 -0.57 3.74 4.54
CA MET D 166 -1.09 2.79 3.56
C MET D 166 -2.58 3.00 3.34
N GLU D 167 -3.34 3.33 4.39
CA GLU D 167 -4.75 3.65 4.20
C GLU D 167 -4.93 4.77 3.16
N GLN D 168 -4.24 5.88 3.38
CA GLN D 168 -4.39 7.02 2.48
C GLN D 168 -3.84 6.70 1.10
N PHE D 169 -2.73 5.98 1.04
CA PHE D 169 -2.12 5.62 -0.24
C PHE D 169 -3.04 4.72 -1.06
N THR D 170 -3.71 3.77 -0.41
CA THR D 170 -4.63 2.88 -1.11
C THR D 170 -5.87 3.64 -1.60
N LYS D 171 -6.41 4.51 -0.75
CA LYS D 171 -7.51 5.35 -1.20
C LYS D 171 -7.13 6.12 -2.45
N ALA D 172 -5.92 6.69 -2.45
CA ALA D 172 -5.45 7.41 -3.63
C ALA D 172 -5.27 6.47 -4.82
N ASN D 173 -4.77 5.27 -4.58
CA ASN D 173 -4.51 4.28 -5.62
C ASN D 173 -5.78 3.76 -6.27
N PHE D 174 -6.94 4.01 -5.66
CA PHE D 174 -8.19 3.76 -6.37
C PHE D 174 -8.12 4.30 -7.79
N TRP D 175 -7.48 5.46 -7.95
CA TRP D 175 -7.35 6.12 -9.25
C TRP D 175 -6.15 5.64 -10.04
N TYR D 176 -5.51 4.54 -9.62
CA TYR D 176 -4.52 3.83 -10.41
C TYR D 176 -5.16 2.78 -11.32
N GLN D 177 -6.46 2.50 -11.15
CA GLN D 177 -7.10 1.47 -11.93
CA GLN D 177 -7.12 1.48 -11.93
C GLN D 177 -7.12 1.84 -13.42
N PRO D 178 -6.67 0.95 -14.29
CA PRO D 178 -6.76 1.22 -15.74
C PRO D 178 -8.03 0.72 -16.41
N SER D 179 -8.85 -0.08 -15.72
CA SER D 179 -10.08 -0.60 -16.32
C SER D 179 -11.22 -0.63 -15.29
N PHE D 180 -11.41 0.47 -14.56
CA PHE D 180 -12.56 0.57 -13.68
C PHE D 180 -13.84 0.63 -14.53
N HIS D 181 -14.62 -0.45 -14.50
CA HIS D 181 -15.76 -0.63 -15.41
C HIS D 181 -15.35 -0.33 -16.86
N GLY D 182 -14.16 -0.78 -17.23
CA GLY D 182 -13.64 -0.56 -18.57
C GLY D 182 -13.13 0.85 -18.84
N VAL D 183 -12.79 1.61 -17.80
CA VAL D 183 -12.37 3.00 -17.95
C VAL D 183 -11.00 3.16 -17.30
N ASP D 184 -10.08 3.82 -18.02
CA ASP D 184 -8.74 4.07 -17.51
C ASP D 184 -8.76 5.31 -16.63
N LEU D 185 -8.64 5.12 -15.32
CA LEU D 185 -8.58 6.22 -14.37
C LEU D 185 -7.17 6.70 -14.10
N SER D 186 -6.16 6.00 -14.60
CA SER D 186 -4.79 6.18 -14.11
C SER D 186 -4.29 7.60 -14.30
N ALA D 187 -4.77 8.30 -15.32
CA ALA D 187 -4.29 9.65 -15.61
C ALA D 187 -4.49 10.59 -14.42
N LEU D 188 -5.50 10.33 -13.60
CA LEU D 188 -5.81 11.18 -12.46
C LEU D 188 -5.15 10.73 -11.16
N ARG D 189 -4.39 9.63 -11.18
CA ARG D 189 -3.87 9.06 -9.94
C ARG D 189 -3.09 10.10 -9.15
N GLY D 190 -2.12 10.76 -9.81
CA GLY D 190 -1.37 11.80 -9.14
C GLY D 190 -2.26 12.81 -8.46
N ALA D 191 -3.22 13.36 -9.22
CA ALA D 191 -4.13 14.35 -8.64
C ALA D 191 -4.80 13.78 -7.40
N ALA D 192 -5.33 12.56 -7.50
CA ALA D 192 -5.97 11.93 -6.35
C ALA D 192 -5.03 11.91 -5.16
N VAL D 193 -3.80 11.44 -5.38
CA VAL D 193 -2.84 11.36 -4.28
C VAL D 193 -2.70 12.73 -3.64
N ASP D 194 -2.49 13.77 -4.48
CA ASP D 194 -2.36 15.11 -3.95
C ASP D 194 -3.55 15.44 -3.06
N GLU D 195 -4.75 15.27 -3.60
CA GLU D 195 -5.95 15.66 -2.85
C GLU D 195 -6.05 14.86 -1.56
N TYR D 196 -5.65 13.59 -1.58
CA TYR D 196 -5.80 12.79 -0.38
C TYR D 196 -4.77 13.18 0.68
N PHE D 197 -3.59 13.61 0.26
CA PHE D 197 -2.56 13.91 1.25
C PHE D 197 -2.55 15.37 1.67
N ARG D 198 -3.38 16.20 1.04
CA ARG D 198 -3.66 17.53 1.57
C ARG D 198 -4.55 17.49 2.80
N GLN D 199 -5.17 16.35 3.10
CA GLN D 199 -6.13 16.26 4.19
C GLN D 199 -5.40 15.96 5.49
N PRO D 200 -5.40 16.86 6.47
CA PRO D 200 -4.91 16.50 7.80
C PRO D 200 -5.78 15.42 8.40
N VAL D 201 -5.15 14.50 9.13
CA VAL D 201 -5.84 13.38 9.76
C VAL D 201 -6.09 13.74 11.21
N VAL D 202 -7.36 13.83 11.60
CA VAL D 202 -7.73 14.23 12.95
C VAL D 202 -8.17 12.98 13.70
N ASP D 203 -7.36 12.57 14.67
CA ASP D 203 -7.71 11.48 15.58
C ASP D 203 -6.63 11.42 16.67
N THR D 204 -6.70 10.41 17.51
CA THR D 204 -5.68 10.17 18.52
C THR D 204 -4.80 9.00 18.11
N PHE D 205 -3.72 8.82 18.87
CA PHE D 205 -2.75 7.78 18.56
C PHE D 205 -1.96 7.45 19.82
N ASP D 206 -1.27 6.32 19.78
CA ASP D 206 -0.34 5.99 20.85
C ASP D 206 0.90 6.86 20.73
N ILE D 207 1.44 7.29 21.88
CA ILE D 207 2.59 8.20 21.88
C ILE D 207 3.86 7.51 21.39
N ARG D 208 3.86 6.17 21.33
CA ARG D 208 5.04 5.46 20.88
C ARG D 208 5.31 5.60 19.39
N ILE D 209 4.38 6.20 18.64
CA ILE D 209 4.64 6.49 17.23
C ILE D 209 5.47 7.75 17.05
N LEU D 210 5.72 8.50 18.12
CA LEU D 210 6.47 9.74 18.02
C LEU D 210 7.96 9.45 18.03
N MET D 211 8.67 9.96 17.02
N MET D 211 8.67 9.96 17.02
CA MET D 211 10.07 9.63 16.80
CA MET D 211 10.07 9.63 16.80
C MET D 211 11.04 10.66 17.36
C MET D 211 11.03 10.68 17.32
N ALA D 212 10.54 11.73 17.97
CA ALA D 212 11.42 12.75 18.54
C ALA D 212 10.63 13.56 19.55
N LYS D 213 11.37 14.27 20.41
CA LYS D 213 10.76 15.21 21.33
C LYS D 213 10.07 16.34 20.55
N SER D 214 8.90 16.76 21.03
CA SER D 214 8.12 17.77 20.32
C SER D 214 8.80 19.13 20.39
N VAL D 215 8.70 19.87 19.29
CA VAL D 215 9.10 21.27 19.22
C VAL D 215 7.90 22.13 19.53
N LYS D 216 8.09 23.15 20.36
CA LYS D 216 7.02 23.99 20.87
C LYS D 216 7.10 25.36 20.21
N TYR D 217 5.95 25.84 19.71
CA TYR D 217 5.80 27.20 19.19
C TYR D 217 4.73 27.91 20.01
N THR D 218 5.06 29.08 20.53
CA THR D 218 4.22 29.75 21.52
C THR D 218 3.66 31.06 20.98
N VAL D 219 2.35 31.24 21.16
CA VAL D 219 1.68 32.51 20.91
C VAL D 219 1.25 33.08 22.25
N ASN D 220 1.80 34.25 22.57
CA ASN D 220 1.44 34.99 23.78
C ASN D 220 0.27 35.91 23.43
N PHE D 221 -0.93 35.55 23.92
CA PHE D 221 -2.12 36.32 23.56
C PHE D 221 -2.11 37.72 24.16
N LEU D 222 -1.33 37.95 25.21
CA LEU D 222 -1.19 39.30 25.76
C LEU D 222 -0.42 40.22 24.83
N GLU D 223 0.41 39.67 23.95
CA GLU D 223 1.25 40.46 23.07
C GLU D 223 0.93 40.27 21.60
N ALA D 224 0.39 39.12 21.21
CA ALA D 224 0.13 38.85 19.81
C ALA D 224 -0.89 39.84 19.25
N LYS D 225 -0.66 40.30 18.04
CA LYS D 225 -1.61 41.11 17.30
C LYS D 225 -2.34 40.23 16.30
N GLU D 226 -3.56 40.64 15.96
CA GLU D 226 -4.41 39.88 15.06
C GLU D 226 -3.68 39.56 13.74
N GLY D 227 -3.06 40.58 13.15
CA GLY D 227 -2.37 40.38 11.88
C GLY D 227 -1.28 39.32 11.95
N ASP D 228 -0.71 39.11 13.14
CA ASP D 228 0.34 38.11 13.29
C ASP D 228 -0.14 36.71 12.93
N LEU D 229 -1.44 36.46 12.94
CA LEU D 229 -1.95 35.12 12.67
C LEU D 229 -2.26 34.88 11.20
N HIS D 230 -2.00 35.85 10.33
CA HIS D 230 -2.23 35.66 8.90
C HIS D 230 -1.15 34.78 8.27
N ARG D 231 0.07 34.82 8.80
CA ARG D 231 1.17 34.00 8.31
CA ARG D 231 1.17 34.01 8.30
C ARG D 231 1.99 33.55 9.51
N ILE D 232 1.93 32.26 9.81
CA ILE D 232 2.61 31.69 10.97
C ILE D 232 3.74 30.80 10.48
N GLU D 233 4.97 31.15 10.84
CA GLU D 233 6.17 30.44 10.41
C GLU D 233 6.79 29.75 11.61
N ILE D 234 6.86 28.42 11.57
CA ILE D 234 7.33 27.61 12.67
C ILE D 234 8.55 26.83 12.22
N PRO D 235 9.75 27.32 12.50
CA PRO D 235 10.95 26.50 12.28
C PRO D 235 10.97 25.32 13.23
N PHE D 236 11.58 24.23 12.78
CA PHE D 236 11.72 23.07 13.64
C PHE D 236 13.03 22.34 13.33
N LYS D 237 13.57 21.70 14.37
CA LYS D 237 14.78 20.89 14.26
C LYS D 237 14.66 19.79 15.31
N PHE D 238 14.27 18.60 14.87
CA PHE D 238 14.09 17.45 15.76
C PHE D 238 15.37 16.64 15.82
N HIS D 239 15.68 16.14 17.02
N HIS D 239 15.69 16.15 17.02
CA HIS D 239 16.74 15.17 17.22
CA HIS D 239 16.75 15.17 17.21
C HIS D 239 16.11 13.80 17.31
C HIS D 239 16.09 13.81 17.31
N MET D 240 16.27 12.99 16.27
CA MET D 240 15.58 11.71 16.20
C MET D 240 16.05 10.79 17.32
N LEU D 241 15.08 10.19 18.01
CA LEU D 241 15.35 9.23 19.07
C LEU D 241 15.20 7.80 18.62
N HIS D 242 14.52 7.56 17.51
CA HIS D 242 14.35 6.23 16.95
C HIS D 242 14.65 6.28 15.46
N SER D 243 15.16 5.17 14.93
CA SER D 243 15.38 5.02 13.51
C SER D 243 14.13 4.46 12.84
N GLY D 244 13.89 4.89 11.62
CA GLY D 244 12.75 4.39 10.87
C GLY D 244 12.22 5.44 9.90
N LEU D 245 11.00 5.20 9.45
CA LEU D 245 10.34 6.05 8.46
C LEU D 245 9.52 7.13 9.17
N VAL D 246 9.77 8.37 8.81
CA VAL D 246 8.96 9.51 9.23
C VAL D 246 7.86 9.68 8.19
N HIS D 247 6.62 9.33 8.57
CA HIS D 247 5.48 9.46 7.68
C HIS D 247 4.86 10.85 7.72
N GLY D 248 5.26 11.69 8.66
CA GLY D 248 4.74 13.04 8.71
C GLY D 248 4.92 13.63 10.10
N LEU D 249 4.20 14.74 10.31
CA LEU D 249 4.27 15.48 11.56
C LEU D 249 2.94 15.42 12.30
N ALA D 250 3.01 15.24 13.61
CA ALA D 250 1.86 15.27 14.49
C ALA D 250 1.84 16.60 15.24
N PHE D 251 0.64 17.16 15.36
CA PHE D 251 0.39 18.45 15.99
C PHE D 251 -0.62 18.27 17.11
N TRP D 252 -0.32 18.93 18.23
CA TRP D 252 -1.31 19.12 19.30
C TRP D 252 -1.06 20.48 19.92
N PHE D 253 -1.85 20.83 20.94
CA PHE D 253 -1.66 22.14 21.55
C PHE D 253 -2.10 22.12 23.02
N ASP D 254 -1.49 23.03 23.79
CA ASP D 254 -1.89 23.37 25.15
C ASP D 254 -2.20 24.85 25.21
N VAL D 255 -3.07 25.23 26.14
CA VAL D 255 -3.31 26.64 26.44
C VAL D 255 -3.15 26.82 27.95
N ALA D 256 -2.58 27.95 28.33
CA ALA D 256 -2.36 28.27 29.73
C ALA D 256 -3.16 29.50 30.12
N PHE D 257 -3.93 29.35 31.19
CA PHE D 257 -4.63 30.45 31.87
C PHE D 257 -3.72 30.86 33.03
N ILE D 258 -3.03 31.98 32.87
CA ILE D 258 -2.03 32.43 33.83
C ILE D 258 -2.73 33.44 34.74
N GLY D 259 -3.30 32.92 35.83
CA GLY D 259 -4.01 33.75 36.77
C GLY D 259 -3.13 34.25 37.90
N SER D 260 -3.68 35.17 38.70
CA SER D 260 -2.94 35.76 39.80
C SER D 260 -2.85 34.82 41.01
N ILE D 261 -3.58 33.72 41.00
CA ILE D 261 -3.47 32.69 42.03
C ILE D 261 -2.77 31.45 41.51
N MET D 262 -3.01 31.09 40.25
CA MET D 262 -2.66 29.77 39.77
C MET D 262 -2.58 29.81 38.24
N THR D 263 -1.66 29.04 37.68
CA THR D 263 -1.62 28.81 36.24
C THR D 263 -2.26 27.46 35.97
N VAL D 264 -3.30 27.47 35.13
CA VAL D 264 -4.07 26.27 34.83
C VAL D 264 -3.86 25.93 33.35
N TRP D 265 -3.51 24.67 33.09
CA TRP D 265 -3.21 24.21 31.74
C TRP D 265 -4.34 23.35 31.20
N LEU D 266 -4.76 23.64 29.96
CA LEU D 266 -5.66 22.79 29.19
C LEU D 266 -4.84 22.20 28.06
N SER D 267 -4.59 20.89 28.14
CA SER D 267 -3.72 20.20 27.20
C SER D 267 -4.52 19.23 26.35
N THR D 268 -4.29 19.25 25.04
CA THR D 268 -4.80 18.23 24.13
C THR D 268 -3.70 17.29 23.67
N ALA D 269 -2.65 17.15 24.47
CA ALA D 269 -1.52 16.30 24.11
C ALA D 269 -1.94 14.82 24.11
N PRO D 270 -1.31 14.01 23.27
CA PRO D 270 -1.66 12.58 23.24
C PRO D 270 -1.35 11.84 24.54
N THR D 271 -0.53 12.43 25.41
CA THR D 271 -0.28 11.88 26.74
C THR D 271 -1.36 12.23 27.75
N GLU D 272 -2.30 13.09 27.37
CA GLU D 272 -3.38 13.54 28.22
C GLU D 272 -4.71 12.93 27.77
N PRO D 273 -5.74 12.97 28.62
CA PRO D 273 -7.04 12.40 28.22
C PRO D 273 -7.55 13.03 26.93
N LEU D 274 -8.24 12.21 26.14
CA LEU D 274 -8.69 12.64 24.82
C LEU D 274 -9.75 13.73 24.92
N THR D 275 -9.69 14.68 23.99
CA THR D 275 -10.70 15.71 23.85
C THR D 275 -11.28 15.65 22.45
N HIS D 276 -12.32 16.46 22.22
CA HIS D 276 -12.90 16.57 20.87
C HIS D 276 -11.98 17.31 19.91
N TRP D 277 -10.90 17.91 20.39
CA TRP D 277 -9.85 18.41 19.51
C TRP D 277 -8.97 17.29 18.96
N TYR D 278 -8.91 16.15 19.67
CA TYR D 278 -8.05 15.03 19.29
C TYR D 278 -6.60 15.48 19.09
N GLN D 279 -5.97 14.96 18.04
CA GLN D 279 -4.70 15.48 17.56
C GLN D 279 -4.76 15.48 16.04
N VAL D 280 -3.84 16.21 15.42
CA VAL D 280 -3.82 16.38 13.97
C VAL D 280 -2.52 15.82 13.43
N ARG D 281 -2.57 15.16 12.27
CA ARG D 281 -1.38 14.58 11.67
C ARG D 281 -1.34 14.93 10.19
N CYS D 282 -0.27 15.60 9.78
CA CYS D 282 -0.02 15.91 8.38
C CYS D 282 0.93 14.87 7.81
N LEU D 283 0.42 14.08 6.85
CA LEU D 283 1.16 12.99 6.23
C LEU D 283 2.01 13.49 5.08
N PHE D 284 3.25 13.02 5.02
CA PHE D 284 4.06 13.20 3.83
C PHE D 284 3.57 12.27 2.72
N GLN D 285 3.57 12.77 1.48
CA GLN D 285 3.20 11.91 0.36
C GLN D 285 4.17 10.74 0.23
N SER D 286 5.42 10.94 0.64
CA SER D 286 6.42 9.89 0.68
C SER D 286 7.24 10.04 1.96
N PRO D 287 7.32 9.01 2.80
CA PRO D 287 8.02 9.15 4.08
C PRO D 287 9.52 9.33 3.90
N LEU D 288 10.16 9.83 4.96
CA LEU D 288 11.60 10.07 4.99
C LEU D 288 12.27 9.10 5.93
N PHE D 289 13.26 8.36 5.45
CA PHE D 289 14.02 7.50 6.34
C PHE D 289 14.98 8.33 7.18
N ALA D 290 15.12 7.95 8.44
CA ALA D 290 16.09 8.61 9.30
C ALA D 290 16.64 7.61 10.31
N LYS D 291 17.82 7.91 10.82
CA LYS D 291 18.44 7.13 11.89
C LYS D 291 18.34 7.88 13.20
N ALA D 292 18.30 7.13 14.30
CA ALA D 292 18.40 7.74 15.61
C ALA D 292 19.70 8.55 15.69
N GLY D 293 19.59 9.76 16.25
CA GLY D 293 20.70 10.68 16.29
C GLY D 293 20.74 11.67 15.14
N ASP D 294 19.98 11.43 14.08
CA ASP D 294 19.88 12.40 13.00
C ASP D 294 19.06 13.61 13.43
N THR D 295 19.14 14.66 12.63
CA THR D 295 18.32 15.86 12.82
C THR D 295 17.39 16.01 11.63
N LEU D 296 16.11 16.21 11.92
CA LEU D 296 15.08 16.47 10.91
C LEU D 296 14.68 17.94 11.05
N SER D 297 15.03 18.75 10.05
CA SER D 297 14.93 20.20 10.17
C SER D 297 14.10 20.77 9.04
N GLY D 298 13.41 21.88 9.32
CA GLY D 298 12.63 22.54 8.29
C GLY D 298 11.70 23.58 8.85
N THR D 299 10.61 23.80 8.12
CA THR D 299 9.66 24.86 8.43
C THR D 299 8.23 24.39 8.17
N CYS D 300 7.34 24.74 9.09
CA CYS D 300 5.90 24.61 8.90
C CYS D 300 5.32 26.01 8.75
N LEU D 301 4.75 26.30 7.59
CA LEU D 301 4.20 27.61 7.28
C LEU D 301 2.69 27.50 7.14
N LEU D 302 1.97 28.24 7.97
CA LEU D 302 0.51 28.25 7.97
C LEU D 302 0.05 29.60 7.43
N ILE D 303 -0.64 29.58 6.29
CA ILE D 303 -1.18 30.79 5.67
C ILE D 303 -2.68 30.79 5.90
N ALA D 304 -3.19 31.82 6.56
CA ALA D 304 -4.62 31.93 6.78
C ALA D 304 -5.33 32.15 5.44
N ASN D 305 -6.37 31.36 5.19
CA ASN D 305 -7.14 31.47 3.96
C ASN D 305 -8.52 32.03 4.25
N LYS D 306 -9.22 32.38 3.17
CA LYS D 306 -10.51 33.04 3.30
C LYS D 306 -11.63 32.08 3.68
N ARG D 307 -11.37 30.79 3.83
CA ARG D 307 -12.36 29.84 4.31
C ARG D 307 -12.19 29.53 5.80
N GLN D 308 -11.69 30.51 6.57
CA GLN D 308 -11.53 30.38 8.02
C GLN D 308 -10.69 29.17 8.39
N SER D 309 -9.66 28.91 7.59
CA SER D 309 -8.78 27.77 7.82
C SER D 309 -7.38 28.19 7.37
N TYR D 310 -6.49 27.21 7.23
CA TYR D 310 -5.11 27.49 6.87
C TYR D 310 -4.65 26.57 5.75
N ASP D 311 -3.84 27.12 4.86
CA ASP D 311 -3.00 26.33 3.98
C ASP D 311 -1.72 26.00 4.73
N ILE D 312 -1.42 24.71 4.86
CA ILE D 312 -0.25 24.23 5.57
C ILE D 312 0.81 23.85 4.55
N SER D 313 2.04 24.30 4.78
CA SER D 313 3.17 23.87 3.98
C SER D 313 4.24 23.36 4.92
N ILE D 314 4.62 22.10 4.77
CA ILE D 314 5.62 21.47 5.61
C ILE D 314 6.81 21.13 4.73
N VAL D 315 7.95 21.77 4.99
CA VAL D 315 9.22 21.42 4.35
C VAL D 315 10.11 20.82 5.43
N ALA D 316 10.61 19.63 5.19
CA ALA D 316 11.35 18.89 6.21
C ALA D 316 12.43 18.06 5.54
N GLN D 317 13.64 18.11 6.08
CA GLN D 317 14.75 17.36 5.50
C GLN D 317 15.53 16.64 6.59
N VAL D 318 15.98 15.44 6.27
CA VAL D 318 17.00 14.74 7.04
C VAL D 318 18.34 15.33 6.65
N ASP D 319 18.97 16.02 7.62
CA ASP D 319 20.19 16.78 7.37
C ASP D 319 21.34 15.87 6.96
N GLN D 320 21.47 14.73 7.62
CA GLN D 320 22.63 13.86 7.39
C GLN D 320 22.71 13.40 5.94
N THR D 321 21.58 13.03 5.35
CA THR D 321 21.54 12.58 3.98
C THR D 321 20.99 13.62 3.02
N GLY D 322 20.55 14.77 3.51
CA GLY D 322 19.93 15.75 2.65
C GLY D 322 18.65 15.26 2.02
N SER D 323 17.89 14.43 2.72
CA SER D 323 16.68 13.85 2.14
C SER D 323 15.49 14.76 2.45
N LYS D 324 14.88 15.33 1.41
CA LYS D 324 13.96 16.44 1.57
C LYS D 324 12.53 16.04 1.25
N SER D 325 11.58 16.77 1.82
CA SER D 325 10.16 16.54 1.63
C SER D 325 9.43 17.88 1.69
N SER D 326 8.63 18.16 0.66
CA SER D 326 7.79 19.35 0.61
C SER D 326 6.35 18.91 0.47
N ASN D 327 5.48 19.44 1.34
CA ASN D 327 4.10 18.99 1.40
C ASN D 327 3.16 20.17 1.57
N LEU D 328 1.99 20.07 0.95
CA LEU D 328 0.94 21.08 1.06
C LEU D 328 -0.34 20.40 1.56
N LEU D 329 -1.04 21.07 2.46
CA LEU D 329 -2.23 20.55 3.08
C LEU D 329 -3.26 21.66 3.26
N ASP D 330 -4.51 21.26 3.40
CA ASP D 330 -5.61 22.19 3.60
C ASP D 330 -6.41 21.73 4.82
N LEU D 331 -6.35 22.53 5.89
CA LEU D 331 -7.02 22.20 7.14
C LEU D 331 -8.54 22.31 7.05
N LYS D 332 -9.08 22.84 5.95
CA LYS D 332 -10.51 22.92 5.74
C LYS D 332 -11.10 21.65 5.14
N ASN D 333 -10.27 20.65 4.83
CA ASN D 333 -10.75 19.34 4.39
C ASN D 333 -10.09 18.24 5.22
N PRO D 334 -10.33 18.21 6.52
CA PRO D 334 -9.68 17.21 7.36
C PRO D 334 -10.41 15.87 7.30
N PHE D 335 -9.64 14.80 7.51
CA PHE D 335 -10.16 13.44 7.53
C PHE D 335 -10.36 13.04 8.98
N PHE D 336 -11.63 12.92 9.40
CA PHE D 336 -12.00 12.56 10.76
C PHE D 336 -11.95 11.04 10.89
N ARG D 337 -10.74 10.54 11.14
CA ARG D 337 -10.46 9.11 11.00
C ARG D 337 -11.09 8.28 12.12
N TYR D 338 -11.03 8.78 13.35
CA TYR D 338 -11.44 8.03 14.55
C TYR D 338 -12.67 7.12 14.39
#